data_3E4D
#
_entry.id   3E4D
#
_cell.length_a   68.433
_cell.length_b   68.949
_cell.length_c   95.648
_cell.angle_alpha   92.410
_cell.angle_beta   99.790
_cell.angle_gamma   98.470
#
_symmetry.space_group_name_H-M   'P 1'
#
loop_
_entity.id
_entity.type
_entity.pdbx_description
1 polymer 'Esterase D'
2 non-polymer 'MAGNESIUM ION'
3 non-polymer 'CHLORIDE ION'
4 water water
#
_entity_poly.entity_id   1
_entity_poly.type   'polypeptide(L)'
_entity_poly.pdbx_seq_one_letter_code
;G(MSE)NIISQNTAFGG(MSE)QGVFSHQSETLKSE(MSE)TFAVYVPPKAIHEPCPVVWYLSGLTCTHANV(MSE)EKG
EYRR(MSE)ASELGLVVVCPDTSPRGNDVPDELTNWQ(MSE)GKGAGFYLDATEEPWSEHYQ(MSE)YSYVTEELPALIG
QHFRAD(MSE)SRQSIFGHS(MSE)GGHGA(MSE)TIALKNPERFKSCSAFAPIVAPSSADWSEPALEKYLGADRAAWRR
YDACSLVEDGARFPEFLIDQGKADSFLEKGLRPWLFEEAIKGTDIGLTLR(MSE)HDRYDHSYYFISTF(MSE)DDHLKW
HAERLG
;
_entity_poly.pdbx_strand_id   A,B,C,E,D,F
#
# COMPACT_ATOMS: atom_id res chain seq x y z
N GLY A 1 43.47 24.46 -14.60
CA GLY A 1 44.46 23.71 -15.46
C GLY A 1 43.74 22.93 -16.56
N ASN A 3 43.83 21.63 -21.05
CA ASN A 3 44.27 21.54 -22.45
C ASN A 3 43.06 21.55 -23.40
N ILE A 4 43.16 22.30 -24.50
CA ILE A 4 42.13 22.31 -25.52
C ILE A 4 42.49 21.30 -26.59
N ILE A 5 41.61 20.33 -26.80
CA ILE A 5 41.78 19.31 -27.85
C ILE A 5 41.12 19.78 -29.16
N SER A 6 39.87 20.22 -29.09
CA SER A 6 39.19 20.70 -30.29
C SER A 6 38.13 21.74 -29.97
N GLN A 7 37.85 22.61 -30.94
CA GLN A 7 36.81 23.63 -30.84
C GLN A 7 36.17 23.74 -32.21
N ASN A 8 34.86 23.54 -32.27
CA ASN A 8 34.11 23.60 -33.51
C ASN A 8 32.79 24.36 -33.34
N THR A 9 32.49 25.23 -34.28
CA THR A 9 31.23 25.98 -34.27
C THR A 9 30.06 25.07 -34.72
N ALA A 10 28.98 25.06 -33.94
CA ALA A 10 27.78 24.29 -34.23
C ALA A 10 26.56 25.06 -33.70
N PHE A 11 25.59 25.29 -34.58
CA PHE A 11 24.38 26.07 -34.22
C PHE A 11 24.72 27.40 -33.49
N GLY A 12 25.74 28.10 -33.99
CA GLY A 12 26.17 29.40 -33.44
C GLY A 12 27.05 29.33 -32.21
N GLY A 13 27.08 28.16 -31.57
CA GLY A 13 27.81 27.98 -30.33
C GLY A 13 29.09 27.22 -30.56
N GLN A 15 31.37 23.88 -29.60
CA GLN A 15 31.51 22.54 -29.04
C GLN A 15 32.99 22.28 -28.88
N GLY A 16 33.42 22.11 -27.65
CA GLY A 16 34.83 21.88 -27.40
C GLY A 16 35.10 20.53 -26.76
N VAL A 17 36.31 20.03 -26.97
CA VAL A 17 36.82 18.88 -26.24
C VAL A 17 38.07 19.36 -25.50
N PHE A 18 38.17 18.96 -24.22
CA PHE A 18 39.24 19.43 -23.35
C PHE A 18 39.83 18.27 -22.53
N SER A 19 41.06 18.41 -22.06
CA SER A 19 41.60 17.46 -21.10
C SER A 19 42.29 18.17 -19.92
N HIS A 20 42.39 17.46 -18.81
CA HIS A 20 43.06 17.97 -17.62
C HIS A 20 43.67 16.81 -16.81
N GLN A 21 44.54 17.14 -15.87
CA GLN A 21 45.04 16.16 -14.91
C GLN A 21 44.13 16.16 -13.71
N SER A 22 43.40 15.05 -13.54
CA SER A 22 42.50 14.89 -12.42
C SER A 22 43.25 14.45 -11.15
N GLU A 23 43.03 15.15 -10.05
CA GLU A 23 43.65 14.78 -8.77
C GLU A 23 42.83 13.69 -8.09
N THR A 24 41.50 13.79 -8.19
CA THR A 24 40.61 12.83 -7.56
C THR A 24 40.73 11.45 -8.22
N LEU A 25 41.07 11.43 -9.52
CA LEU A 25 41.16 10.19 -10.29
C LEU A 25 42.59 9.74 -10.60
N LYS A 26 43.56 10.59 -10.29
CA LYS A 26 44.98 10.37 -10.63
C LYS A 26 45.13 9.96 -12.10
N SER A 27 44.45 10.69 -12.98
CA SER A 27 44.39 10.37 -14.41
C SER A 27 44.30 11.62 -15.24
N GLU A 28 44.81 11.55 -16.46
CA GLU A 28 44.49 12.56 -17.47
C GLU A 28 43.08 12.20 -17.96
N THR A 30 39.43 13.45 -20.19
CA THR A 30 38.89 14.17 -21.32
C THR A 30 37.38 14.37 -21.14
N PHE A 31 36.90 15.55 -21.47
CA PHE A 31 35.49 15.90 -21.32
C PHE A 31 35.11 16.90 -22.42
N ALA A 32 33.81 17.03 -22.66
CA ALA A 32 33.33 17.93 -23.71
C ALA A 32 32.48 19.02 -23.08
N VAL A 33 32.53 20.21 -23.69
CA VAL A 33 31.69 21.32 -23.25
C VAL A 33 31.13 22.05 -24.46
N TYR A 34 29.81 22.15 -24.51
CA TYR A 34 29.16 22.94 -25.53
C TYR A 34 28.77 24.26 -24.90
N VAL A 35 29.20 25.35 -25.52
CA VAL A 35 28.87 26.68 -25.06
C VAL A 35 27.95 27.33 -26.09
N PRO A 36 26.73 27.71 -25.66
CA PRO A 36 25.71 28.29 -26.54
C PRO A 36 26.00 29.76 -26.91
N PRO A 37 25.37 30.28 -28.00
CA PRO A 37 25.53 31.70 -28.38
C PRO A 37 25.37 32.69 -27.22
N LYS A 38 24.36 32.49 -26.38
CA LYS A 38 24.01 33.40 -25.29
C LYS A 38 25.14 33.66 -24.28
N ALA A 39 26.07 32.71 -24.15
CA ALA A 39 27.16 32.81 -23.16
C ALA A 39 28.04 34.05 -23.33
N ILE A 40 28.07 34.61 -24.54
CA ILE A 40 28.79 35.86 -24.81
C ILE A 40 28.15 37.02 -24.02
N HIS A 41 26.82 37.02 -23.93
CA HIS A 41 26.10 38.04 -23.17
C HIS A 41 26.14 37.79 -21.66
N GLU A 42 25.85 36.56 -21.26
CA GLU A 42 25.73 36.24 -19.84
C GLU A 42 26.27 34.83 -19.54
N PRO A 43 26.78 34.60 -18.33
CA PRO A 43 27.02 33.22 -17.93
C PRO A 43 25.70 32.42 -18.02
N CYS A 44 25.78 31.19 -18.51
CA CYS A 44 24.59 30.39 -18.79
C CYS A 44 24.44 29.18 -17.86
N PRO A 45 23.19 28.71 -17.69
CA PRO A 45 22.99 27.55 -16.80
C PRO A 45 23.63 26.29 -17.40
N VAL A 46 24.04 25.35 -16.54
CA VAL A 46 24.75 24.14 -16.97
C VAL A 46 23.85 22.91 -16.84
N VAL A 47 23.85 22.06 -17.87
CA VAL A 47 23.31 20.70 -17.72
C VAL A 47 24.49 19.76 -17.84
N TRP A 48 24.59 18.87 -16.86
CA TRP A 48 25.59 17.82 -16.80
C TRP A 48 24.97 16.57 -17.38
N TYR A 49 25.51 16.06 -18.48
CA TYR A 49 25.05 14.78 -19.04
C TYR A 49 26.06 13.65 -18.75
N LEU A 50 25.61 12.65 -18.00
CA LEU A 50 26.40 11.48 -17.62
C LEU A 50 26.14 10.25 -18.51
N SER A 51 27.20 9.70 -19.09
CA SER A 51 27.09 8.62 -20.06
C SER A 51 27.08 7.21 -19.45
N GLY A 52 26.67 6.22 -20.25
CA GLY A 52 26.54 4.85 -19.80
C GLY A 52 27.79 4.02 -19.97
N LEU A 53 27.66 2.74 -19.67
CA LEU A 53 28.72 1.74 -19.83
C LEU A 53 29.37 1.79 -21.20
N THR A 54 30.70 1.69 -21.21
CA THR A 54 31.56 1.68 -22.41
C THR A 54 31.77 3.04 -23.09
N CYS A 55 31.05 4.07 -22.65
CA CYS A 55 31.10 5.34 -23.35
C CYS A 55 32.26 6.20 -22.86
N THR A 56 32.61 7.18 -23.68
CA THR A 56 33.43 8.32 -23.29
C THR A 56 32.54 9.56 -23.44
N HIS A 57 33.12 10.76 -23.43
CA HIS A 57 32.38 11.98 -23.76
C HIS A 57 31.82 11.96 -25.20
N ALA A 58 32.46 11.16 -26.06
CA ALA A 58 32.22 11.22 -27.51
C ALA A 58 30.87 10.70 -28.02
N ASN A 59 30.31 9.69 -27.35
CA ASN A 59 29.07 9.05 -27.81
C ASN A 59 27.91 10.03 -27.86
N VAL A 60 27.64 10.71 -26.74
CA VAL A 60 26.60 11.74 -26.70
C VAL A 60 26.98 12.98 -27.51
N GLU A 62 28.74 13.20 -30.16
CA GLU A 62 28.53 12.90 -31.56
C GLU A 62 27.07 12.57 -31.91
N LYS A 63 26.37 11.89 -31.00
CA LYS A 63 25.07 11.30 -31.34
C LYS A 63 23.84 11.73 -30.53
N GLY A 64 24.04 12.48 -29.46
CA GLY A 64 22.93 12.87 -28.58
C GLY A 64 21.96 13.87 -29.18
N GLU A 65 22.39 14.56 -30.24
CA GLU A 65 21.63 15.65 -30.90
C GLU A 65 21.10 16.72 -29.94
N TYR A 66 22.00 17.25 -29.11
CA TYR A 66 21.66 18.24 -28.07
C TYR A 66 22.00 19.70 -28.41
N ARG A 67 22.83 19.93 -29.42
CA ARG A 67 23.35 21.28 -29.70
C ARG A 67 22.28 22.25 -30.25
N ARG A 68 21.39 21.75 -31.11
CA ARG A 68 20.33 22.61 -31.69
C ARG A 68 19.47 23.25 -30.63
N ALA A 70 20.07 23.06 -27.19
CA ALA A 70 20.94 23.74 -26.21
C ALA A 70 21.27 25.17 -26.65
N SER A 71 21.53 25.32 -27.95
CA SER A 71 21.73 26.63 -28.56
C SER A 71 20.50 27.54 -28.43
N GLU A 72 19.33 26.99 -28.78
CA GLU A 72 18.06 27.71 -28.68
C GLU A 72 17.77 28.15 -27.24
N LEU A 73 17.99 27.25 -26.29
CA LEU A 73 17.63 27.53 -24.89
C LEU A 73 18.73 28.22 -24.09
N GLY A 74 19.92 28.35 -24.66
CA GLY A 74 21.04 28.95 -23.96
C GLY A 74 21.51 28.09 -22.80
N LEU A 75 21.85 26.84 -23.11
CA LEU A 75 22.34 25.90 -22.10
C LEU A 75 23.75 25.45 -22.41
N VAL A 76 24.58 25.48 -21.37
CA VAL A 76 25.91 24.88 -21.40
C VAL A 76 25.76 23.39 -21.12
N VAL A 77 26.37 22.56 -21.98
CA VAL A 77 26.24 21.11 -21.87
C VAL A 77 27.60 20.48 -21.59
N VAL A 78 27.74 19.83 -20.44
CA VAL A 78 29.01 19.25 -20.05
C VAL A 78 28.93 17.73 -20.04
N CYS A 79 29.81 17.09 -20.81
CA CYS A 79 29.82 15.64 -20.95
C CYS A 79 31.14 15.03 -20.47
N PRO A 80 31.17 14.55 -19.22
CA PRO A 80 32.35 13.86 -18.68
C PRO A 80 32.54 12.44 -19.22
N ASP A 81 33.73 11.89 -19.01
CA ASP A 81 33.98 10.48 -19.26
C ASP A 81 33.24 9.65 -18.19
N THR A 82 33.41 8.33 -18.22
CA THR A 82 32.62 7.41 -17.40
C THR A 82 33.51 6.64 -16.41
N SER A 83 34.83 6.74 -16.56
CA SER A 83 35.81 6.18 -15.63
C SER A 83 37.13 6.93 -15.68
N PRO A 84 38.03 6.67 -14.71
CA PRO A 84 39.44 7.02 -14.88
C PRO A 84 40.03 6.31 -16.11
N ARG A 85 41.08 6.90 -16.67
CA ARG A 85 41.72 6.36 -17.87
C ARG A 85 43.23 6.38 -17.70
N GLY A 86 43.91 5.45 -18.34
CA GLY A 86 45.37 5.46 -18.34
C GLY A 86 45.99 4.10 -18.08
N ASN A 87 47.30 4.02 -18.32
CA ASN A 87 48.06 2.78 -18.17
C ASN A 87 48.06 2.23 -16.74
N ASP A 88 48.13 3.12 -15.76
CA ASP A 88 48.14 2.79 -14.33
C ASP A 88 46.77 2.36 -13.76
N VAL A 89 45.70 2.67 -14.48
CA VAL A 89 44.35 2.44 -14.01
C VAL A 89 43.98 0.97 -14.17
N PRO A 90 43.58 0.29 -13.07
CA PRO A 90 43.23 -1.12 -13.20
C PRO A 90 41.92 -1.31 -14.00
N ASP A 91 41.74 -2.51 -14.54
CA ASP A 91 40.60 -2.78 -15.41
C ASP A 91 40.20 -4.22 -15.23
N GLU A 92 38.97 -4.55 -15.59
CA GLU A 92 38.62 -5.94 -15.85
C GLU A 92 38.46 -6.06 -17.37
N LEU A 93 39.51 -6.60 -18.00
CA LEU A 93 39.66 -6.56 -19.46
C LEU A 93 38.57 -7.26 -20.25
N THR A 94 38.01 -8.35 -19.72
CA THR A 94 37.06 -9.12 -20.49
C THR A 94 35.62 -8.97 -20.00
N ASN A 95 35.36 -7.86 -19.33
CA ASN A 95 34.01 -7.54 -18.88
C ASN A 95 33.73 -6.06 -19.12
N TRP A 96 32.94 -5.77 -20.16
CA TRP A 96 32.57 -4.39 -20.47
C TRP A 96 31.70 -3.75 -19.37
N GLN A 97 31.21 -4.57 -18.44
CA GLN A 97 30.38 -4.12 -17.33
C GLN A 97 31.18 -3.75 -16.08
N GLY A 99 35.17 -1.93 -14.60
CA GLY A 99 36.44 -1.26 -14.83
C GLY A 99 36.35 0.00 -15.67
N LYS A 100 37.18 0.06 -16.70
CA LYS A 100 37.21 1.20 -17.62
C LYS A 100 35.90 1.32 -18.39
N GLY A 101 35.44 2.56 -18.54
CA GLY A 101 34.11 2.82 -19.10
C GLY A 101 32.99 2.37 -18.16
N ALA A 102 33.33 2.08 -16.90
CA ALA A 102 32.37 1.50 -15.97
C ALA A 102 32.59 1.90 -14.50
N GLY A 103 32.77 3.20 -14.27
CA GLY A 103 33.01 3.74 -12.93
C GLY A 103 31.83 3.78 -11.98
N PHE A 104 30.63 3.56 -12.52
CA PHE A 104 29.33 3.63 -11.78
C PHE A 104 29.09 4.86 -10.88
N TYR A 105 29.80 5.96 -11.13
CA TYR A 105 29.57 7.26 -10.46
C TYR A 105 29.60 7.12 -8.93
N LEU A 106 30.54 6.31 -8.46
CA LEU A 106 30.73 6.04 -7.04
C LEU A 106 32.17 6.30 -6.65
N ASP A 107 32.40 6.37 -5.34
CA ASP A 107 33.75 6.47 -4.81
C ASP A 107 34.18 5.10 -4.28
N ALA A 108 35.03 4.41 -5.03
CA ALA A 108 35.44 3.05 -4.69
C ALA A 108 36.24 3.03 -3.39
N THR A 109 36.02 1.98 -2.61
CA THR A 109 36.69 1.80 -1.33
C THR A 109 37.64 0.60 -1.35
N GLU A 110 37.38 -0.37 -2.23
CA GLU A 110 38.20 -1.59 -2.30
C GLU A 110 39.38 -1.47 -3.25
N GLU A 111 40.42 -2.23 -2.95
CA GLU A 111 41.61 -2.32 -3.79
C GLU A 111 41.33 -3.25 -4.96
N PRO A 112 41.92 -2.98 -6.14
CA PRO A 112 42.82 -1.87 -6.49
C PRO A 112 42.06 -0.60 -6.90
N TRP A 113 40.74 -0.70 -6.94
CA TRP A 113 39.85 0.33 -7.51
C TRP A 113 39.87 1.66 -6.78
N SER A 114 40.18 1.61 -5.49
CA SER A 114 40.10 2.80 -4.63
C SER A 114 40.98 3.96 -5.10
N GLU A 115 42.15 3.64 -5.67
CA GLU A 115 43.12 4.66 -6.06
C GLU A 115 42.59 5.62 -7.12
N HIS A 116 41.98 5.08 -8.18
CA HIS A 116 41.52 5.89 -9.32
C HIS A 116 40.00 6.02 -9.46
N TYR A 117 39.22 5.08 -8.91
CA TYR A 117 37.79 5.05 -9.17
C TYR A 117 36.98 5.94 -8.21
N GLN A 118 37.17 7.25 -8.35
CA GLN A 118 36.53 8.26 -7.50
C GLN A 118 35.59 9.16 -8.33
N TYR A 120 32.36 9.70 -8.23
CA TYR A 120 31.41 10.51 -7.48
C TYR A 120 32.04 11.87 -7.11
N SER A 121 33.23 11.80 -6.53
CA SER A 121 34.00 12.99 -6.18
C SER A 121 34.39 13.79 -7.42
N TYR A 122 34.69 13.10 -8.52
CA TYR A 122 35.07 13.78 -9.77
C TYR A 122 33.92 14.62 -10.33
N VAL A 123 32.74 14.00 -10.43
CA VAL A 123 31.57 14.63 -11.06
C VAL A 123 30.91 15.69 -10.19
N THR A 124 31.01 15.52 -8.87
CA THR A 124 30.33 16.43 -7.94
C THR A 124 31.24 17.53 -7.40
N GLU A 125 32.55 17.36 -7.51
CA GLU A 125 33.49 18.31 -6.90
C GLU A 125 34.52 18.86 -7.87
N GLU A 126 35.44 18.00 -8.31
CA GLU A 126 36.59 18.44 -9.10
C GLU A 126 36.22 19.04 -10.47
N LEU A 127 35.45 18.31 -11.27
CA LEU A 127 35.13 18.80 -12.61
C LEU A 127 34.25 20.08 -12.57
N PRO A 128 33.21 20.11 -11.69
CA PRO A 128 32.49 21.39 -11.52
C PRO A 128 33.39 22.58 -11.14
N ALA A 129 34.42 22.36 -10.32
CA ALA A 129 35.35 23.44 -9.98
C ALA A 129 36.05 23.92 -11.25
N LEU A 130 36.53 22.96 -12.04
CA LEU A 130 37.24 23.26 -13.30
C LEU A 130 36.35 24.00 -14.31
N ILE A 131 35.10 23.57 -14.46
CA ILE A 131 34.14 24.21 -15.37
C ILE A 131 33.86 25.68 -14.99
N GLY A 132 33.60 25.91 -13.71
CA GLY A 132 33.34 27.26 -13.20
C GLY A 132 34.55 28.15 -13.40
N GLN A 133 35.73 27.61 -13.13
CA GLN A 133 36.98 28.32 -13.33
C GLN A 133 37.19 28.75 -14.78
N HIS A 134 36.87 27.86 -15.73
CA HIS A 134 37.28 28.07 -17.11
C HIS A 134 36.21 28.54 -18.10
N PHE A 135 34.93 28.32 -17.77
CA PHE A 135 33.85 28.57 -18.74
C PHE A 135 32.83 29.60 -18.28
N ARG A 136 32.08 30.13 -19.25
CA ARG A 136 31.02 31.11 -19.00
C ARG A 136 29.75 30.44 -18.44
N ALA A 137 29.91 29.77 -17.30
CA ALA A 137 28.84 28.96 -16.71
C ALA A 137 28.30 29.55 -15.40
N ASP A 138 26.99 29.73 -15.33
CA ASP A 138 26.35 30.18 -14.10
C ASP A 138 26.23 28.99 -13.15
N SER A 140 25.23 28.76 -10.25
CA SER A 140 24.08 28.79 -9.37
C SER A 140 22.86 28.09 -10.01
N ARG A 141 22.99 27.75 -11.29
CA ARG A 141 21.91 27.07 -12.02
C ARG A 141 22.51 25.87 -12.76
N GLN A 142 22.50 24.73 -12.08
CA GLN A 142 23.03 23.48 -12.61
C GLN A 142 21.98 22.38 -12.47
N SER A 143 21.93 21.53 -13.48
CA SER A 143 21.04 20.37 -13.48
C SER A 143 21.84 19.16 -13.96
N ILE A 144 21.26 17.97 -13.81
CA ILE A 144 21.98 16.76 -14.14
C ILE A 144 21.06 15.68 -14.74
N PHE A 145 21.54 15.06 -15.80
CA PHE A 145 20.82 13.95 -16.44
C PHE A 145 21.80 12.97 -17.05
N GLY A 146 21.30 11.86 -17.58
CA GLY A 146 22.22 10.85 -18.13
C GLY A 146 21.53 9.64 -18.68
N HIS A 147 22.33 8.76 -19.28
CA HIS A 147 21.86 7.52 -19.88
C HIS A 147 22.30 6.29 -19.07
N SER A 148 21.33 5.45 -18.68
CA SER A 148 21.59 4.09 -18.09
C SER A 148 22.40 4.09 -16.77
N GLY A 150 24.59 6.20 -16.45
CA GLY A 150 24.63 7.67 -16.31
C GLY A 150 23.38 8.22 -15.66
N GLY A 151 22.25 7.55 -15.89
CA GLY A 151 20.98 7.90 -15.25
C GLY A 151 20.99 7.52 -13.78
N HIS A 152 21.59 6.37 -13.49
CA HIS A 152 21.90 5.99 -12.13
C HIS A 152 22.75 7.10 -11.51
N GLY A 153 23.82 7.49 -12.21
CA GLY A 153 24.69 8.55 -11.74
C GLY A 153 23.92 9.83 -11.48
N ALA A 154 23.15 10.27 -12.47
CA ALA A 154 22.39 11.52 -12.36
C ALA A 154 21.42 11.49 -11.17
N THR A 156 21.23 9.43 -8.42
CA THR A 156 21.81 9.26 -7.09
C THR A 156 22.48 10.57 -6.65
N ILE A 157 23.18 11.21 -7.58
CA ILE A 157 23.81 12.50 -7.32
C ILE A 157 22.80 13.57 -6.93
N ALA A 158 21.65 13.61 -7.63
CA ALA A 158 20.59 14.59 -7.36
C ALA A 158 19.98 14.37 -5.96
N LEU A 159 19.66 13.11 -5.69
CA LEU A 159 19.06 12.73 -4.41
C LEU A 159 19.97 13.02 -3.23
N LYS A 160 21.29 12.88 -3.45
CA LYS A 160 22.29 13.12 -2.41
C LYS A 160 22.70 14.58 -2.28
N ASN A 161 22.36 15.36 -3.30
CA ASN A 161 22.72 16.77 -3.36
C ASN A 161 21.57 17.61 -3.90
N PRO A 162 20.40 17.56 -3.24
CA PRO A 162 19.19 18.19 -3.79
C PRO A 162 19.29 19.71 -3.98
N GLU A 163 20.02 20.38 -3.09
CA GLU A 163 20.14 21.83 -3.16
C GLU A 163 21.15 22.33 -4.21
N ARG A 164 21.96 21.43 -4.77
CA ARG A 164 22.93 21.78 -5.82
C ARG A 164 22.36 21.74 -7.25
N PHE A 165 21.30 20.94 -7.44
CA PHE A 165 20.70 20.74 -8.77
C PHE A 165 19.22 21.11 -8.84
N LYS A 166 18.87 21.93 -9.84
CA LYS A 166 17.49 22.41 -10.01
C LYS A 166 16.55 21.35 -10.59
N SER A 167 17.12 20.38 -11.31
CA SER A 167 16.32 19.37 -12.01
C SER A 167 17.11 18.12 -12.36
N CYS A 168 16.40 17.03 -12.60
CA CYS A 168 17.04 15.76 -12.91
C CYS A 168 16.17 14.95 -13.84
N SER A 169 16.80 14.33 -14.82
CA SER A 169 16.09 13.46 -15.75
C SER A 169 17.01 12.32 -16.20
N ALA A 170 16.44 11.32 -16.88
CA ALA A 170 17.22 10.17 -17.31
C ALA A 170 16.59 9.43 -18.47
N PHE A 171 17.46 8.80 -19.27
CA PHE A 171 17.08 7.96 -20.39
C PHE A 171 17.47 6.56 -19.94
N ALA A 172 16.49 5.67 -19.79
CA ALA A 172 16.75 4.27 -19.37
C ALA A 172 17.72 4.08 -18.20
N PRO A 173 17.47 4.72 -17.04
CA PRO A 173 18.37 4.59 -15.89
C PRO A 173 18.36 3.21 -15.20
N ILE A 174 19.48 2.84 -14.60
CA ILE A 174 19.53 1.71 -13.66
C ILE A 174 19.09 2.30 -12.31
N VAL A 175 17.83 2.10 -11.96
CA VAL A 175 17.28 2.75 -10.77
C VAL A 175 17.56 1.95 -9.51
N ALA A 176 17.87 0.67 -9.67
CA ALA A 176 18.14 -0.20 -8.53
C ALA A 176 19.36 -1.06 -8.84
N PRO A 177 20.55 -0.43 -8.92
CA PRO A 177 21.75 -1.17 -9.30
C PRO A 177 22.16 -2.30 -8.32
N SER A 178 21.67 -2.26 -7.09
CA SER A 178 22.00 -3.24 -6.04
C SER A 178 21.51 -4.66 -6.35
N SER A 179 20.51 -4.78 -7.20
CA SER A 179 19.95 -6.08 -7.58
C SER A 179 19.82 -6.27 -9.09
N ALA A 180 20.46 -5.41 -9.88
CA ALA A 180 20.46 -5.50 -11.35
C ALA A 180 21.68 -6.31 -11.80
N ASP A 181 21.47 -7.16 -12.81
CA ASP A 181 22.47 -8.11 -13.24
C ASP A 181 23.83 -7.49 -13.58
N TRP A 182 23.81 -6.38 -14.31
CA TRP A 182 25.05 -5.78 -14.82
C TRP A 182 25.76 -4.82 -13.85
N SER A 183 25.11 -4.50 -12.74
CA SER A 183 25.64 -3.52 -11.78
C SER A 183 25.95 -4.11 -10.40
N GLU A 184 25.26 -5.20 -10.02
CA GLU A 184 25.55 -5.87 -8.74
C GLU A 184 27.03 -6.32 -8.61
N PRO A 185 27.59 -7.02 -9.63
CA PRO A 185 29.00 -7.40 -9.52
C PRO A 185 29.95 -6.21 -9.39
N ALA A 186 29.68 -5.15 -10.14
CA ALA A 186 30.50 -3.94 -10.06
C ALA A 186 30.45 -3.32 -8.68
N LEU A 187 29.26 -3.22 -8.10
CA LEU A 187 29.10 -2.67 -6.76
C LEU A 187 29.90 -3.50 -5.74
N GLU A 188 29.82 -4.82 -5.85
CA GLU A 188 30.59 -5.70 -4.95
C GLU A 188 32.10 -5.53 -5.12
N LYS A 189 32.57 -5.35 -6.35
CA LYS A 189 34.02 -5.14 -6.53
C LYS A 189 34.49 -3.79 -6.00
N TYR A 190 33.74 -2.72 -6.31
CA TYR A 190 34.14 -1.37 -5.94
C TYR A 190 34.00 -1.07 -4.47
N LEU A 191 32.91 -1.59 -3.88
CA LEU A 191 32.45 -1.22 -2.53
C LEU A 191 32.53 -2.34 -1.46
N GLY A 192 32.62 -3.58 -1.91
CA GLY A 192 32.79 -4.70 -0.99
C GLY A 192 31.56 -5.57 -0.91
N ALA A 193 31.76 -6.77 -0.37
CA ALA A 193 30.70 -7.76 -0.18
C ALA A 193 29.59 -7.32 0.77
N ASP A 194 29.90 -6.42 1.70
CA ASP A 194 28.90 -5.91 2.64
C ASP A 194 27.99 -4.89 1.93
N ARG A 195 26.73 -5.26 1.79
CA ARG A 195 25.79 -4.51 0.95
C ARG A 195 25.25 -3.22 1.54
N ALA A 196 25.51 -2.98 2.82
CA ALA A 196 25.07 -1.77 3.50
C ALA A 196 25.67 -0.49 2.89
N ALA A 197 26.97 -0.53 2.55
CA ALA A 197 27.64 0.61 1.91
C ALA A 197 27.09 1.00 0.53
N TRP A 198 26.38 0.05 -0.11
CA TRP A 198 25.79 0.25 -1.43
C TRP A 198 24.59 1.20 -1.42
N ARG A 199 23.95 1.35 -0.27
CA ARG A 199 22.71 2.12 -0.14
C ARG A 199 22.83 3.60 -0.52
N ARG A 200 24.03 4.16 -0.46
CA ARG A 200 24.22 5.53 -0.91
C ARG A 200 24.53 5.62 -2.41
N TYR A 201 24.50 4.47 -3.07
CA TYR A 201 24.75 4.41 -4.51
C TYR A 201 23.63 3.65 -5.25
N ASP A 202 22.44 3.71 -4.68
CA ASP A 202 21.24 3.08 -5.23
C ASP A 202 20.10 4.08 -5.06
N ALA A 203 19.55 4.56 -6.18
CA ALA A 203 18.46 5.54 -6.14
C ALA A 203 17.26 5.11 -5.27
N CYS A 204 16.83 3.86 -5.42
CA CYS A 204 15.74 3.33 -4.62
C CYS A 204 16.10 3.28 -3.12
N SER A 205 17.30 2.79 -2.80
CA SER A 205 17.75 2.69 -1.40
C SER A 205 17.84 4.08 -0.78
N LEU A 206 18.28 5.07 -1.56
CA LEU A 206 18.40 6.43 -1.07
C LEU A 206 17.04 7.02 -0.70
N VAL A 207 16.03 6.74 -1.53
CA VAL A 207 14.66 7.21 -1.26
C VAL A 207 14.15 6.53 0.01
N GLU A 208 14.34 5.21 0.09
CA GLU A 208 14.02 4.43 1.29
C GLU A 208 14.60 5.03 2.58
N ASP A 209 15.81 5.56 2.48
CA ASP A 209 16.52 6.13 3.61
C ASP A 209 16.24 7.63 3.87
N GLY A 210 15.33 8.21 3.09
CA GLY A 210 14.84 9.58 3.33
C GLY A 210 15.43 10.66 2.47
N ALA A 211 16.19 10.30 1.44
CA ALA A 211 16.71 11.28 0.47
C ALA A 211 15.57 11.73 -0.44
N ARG A 212 15.54 13.02 -0.76
CA ARG A 212 14.48 13.58 -1.56
C ARG A 212 14.99 14.50 -2.66
N PHE A 213 14.23 14.56 -3.73
CA PHE A 213 14.50 15.48 -4.80
C PHE A 213 13.15 15.90 -5.37
N PRO A 214 13.02 17.15 -5.82
CA PRO A 214 11.67 17.59 -6.25
C PRO A 214 10.92 16.64 -7.21
N GLU A 215 11.50 16.34 -8.38
CA GLU A 215 10.86 15.45 -9.36
C GLU A 215 11.86 14.95 -10.37
N PHE A 216 11.47 13.94 -11.13
CA PHE A 216 12.32 13.34 -12.13
C PHE A 216 11.56 13.11 -13.43
N LEU A 217 12.22 13.33 -14.56
CA LEU A 217 11.71 12.84 -15.85
C LEU A 217 12.48 11.59 -16.26
N ILE A 218 11.77 10.51 -16.54
CA ILE A 218 12.44 9.31 -16.99
C ILE A 218 11.78 8.83 -18.25
N ASP A 219 12.56 8.76 -19.33
CA ASP A 219 12.09 8.13 -20.55
C ASP A 219 12.69 6.74 -20.65
N GLN A 220 11.88 5.78 -21.09
CA GLN A 220 12.31 4.40 -21.21
C GLN A 220 11.66 3.77 -22.45
N GLY A 221 12.48 3.14 -23.28
CA GLY A 221 11.98 2.35 -24.41
C GLY A 221 11.48 0.98 -23.98
N LYS A 222 10.35 0.55 -24.53
CA LYS A 222 9.80 -0.78 -24.25
C LYS A 222 10.57 -1.91 -24.93
N ALA A 223 11.25 -1.62 -26.04
CA ALA A 223 12.03 -2.64 -26.75
C ALA A 223 13.50 -2.66 -26.27
N ASP A 224 13.77 -2.03 -25.13
CA ASP A 224 15.10 -1.94 -24.56
C ASP A 224 15.47 -3.32 -24.01
N SER A 225 16.53 -3.92 -24.54
CA SER A 225 16.89 -5.31 -24.18
C SER A 225 17.30 -5.48 -22.71
N PHE A 226 17.62 -4.36 -22.07
CA PHE A 226 18.11 -4.37 -20.71
C PHE A 226 17.01 -4.12 -19.69
N LEU A 227 15.79 -3.92 -20.17
CA LEU A 227 14.69 -3.45 -19.30
C LEU A 227 14.35 -4.34 -18.09
N GLU A 228 14.15 -5.64 -18.34
CA GLU A 228 13.67 -6.56 -17.31
C GLU A 228 14.65 -6.87 -16.18
N LYS A 229 15.92 -7.05 -16.54
CA LYS A 229 16.94 -7.44 -15.58
C LYS A 229 17.87 -6.32 -15.17
N GLY A 230 18.01 -5.31 -16.04
CA GLY A 230 19.01 -4.29 -15.81
C GLY A 230 18.49 -2.95 -15.35
N LEU A 231 17.25 -2.64 -15.70
CA LEU A 231 16.74 -1.27 -15.56
C LEU A 231 15.60 -1.11 -14.56
N ARG A 232 14.49 -1.79 -14.81
CA ARG A 232 13.38 -1.91 -13.86
C ARG A 232 12.90 -0.60 -13.23
N PRO A 233 12.44 0.35 -14.07
CA PRO A 233 11.99 1.67 -13.61
C PRO A 233 10.86 1.61 -12.60
N TRP A 234 10.04 0.55 -12.67
CA TRP A 234 8.93 0.33 -11.75
C TRP A 234 9.35 0.25 -10.29
N LEU A 235 10.58 -0.21 -10.06
CA LEU A 235 11.13 -0.27 -8.70
C LEU A 235 11.30 1.14 -8.13
N PHE A 236 11.61 2.10 -9.01
CA PHE A 236 11.66 3.48 -8.55
C PHE A 236 10.26 4.02 -8.29
N GLU A 237 9.30 3.67 -9.14
CA GLU A 237 7.88 3.98 -8.90
C GLU A 237 7.46 3.44 -7.55
N GLU A 238 7.87 2.21 -7.24
CA GLU A 238 7.56 1.62 -5.95
C GLU A 238 8.22 2.38 -4.79
N ALA A 239 9.51 2.72 -4.94
CA ALA A 239 10.26 3.40 -3.88
C ALA A 239 9.65 4.75 -3.51
N ILE A 240 9.21 5.50 -4.51
CA ILE A 240 8.63 6.83 -4.27
C ILE A 240 7.16 6.85 -3.82
N LYS A 241 6.48 5.69 -3.82
CA LYS A 241 5.10 5.62 -3.31
C LYS A 241 5.05 6.15 -1.89
N GLY A 242 4.12 7.07 -1.64
CA GLY A 242 3.96 7.67 -0.32
C GLY A 242 4.95 8.80 -0.02
N THR A 243 5.73 9.21 -1.01
CA THR A 243 6.68 10.32 -0.85
C THR A 243 6.19 11.53 -1.67
N ASP A 244 6.87 12.67 -1.49
CA ASP A 244 6.59 13.92 -2.22
C ASP A 244 7.29 13.98 -3.57
N ILE A 245 8.08 12.96 -3.90
CA ILE A 245 8.85 12.96 -5.14
C ILE A 245 7.97 12.80 -6.36
N GLY A 246 8.06 13.76 -7.27
CA GLY A 246 7.31 13.69 -8.52
C GLY A 246 8.02 12.82 -9.55
N LEU A 247 7.25 12.06 -10.32
CA LEU A 247 7.82 11.26 -11.40
C LEU A 247 6.98 11.34 -12.67
N THR A 248 7.64 11.74 -13.74
CA THR A 248 7.04 11.71 -15.05
C THR A 248 7.80 10.63 -15.80
N LEU A 249 7.24 9.43 -15.74
CA LEU A 249 7.82 8.25 -16.36
C LEU A 249 7.06 7.91 -17.63
N ARG A 250 7.77 7.94 -18.75
CA ARG A 250 7.17 7.71 -20.05
C ARG A 250 7.81 6.50 -20.71
N HIS A 252 8.06 4.08 -23.99
CA HIS A 252 7.91 4.30 -25.42
C HIS A 252 7.95 3.01 -26.26
N ASP A 253 6.83 2.71 -26.92
CA ASP A 253 6.76 1.54 -27.80
C ASP A 253 7.86 1.59 -28.86
N ARG A 254 8.49 0.44 -29.09
CA ARG A 254 9.45 0.26 -30.18
C ARG A 254 10.84 0.88 -29.99
N TYR A 255 10.97 1.82 -29.05
CA TYR A 255 12.26 2.43 -28.78
C TYR A 255 13.13 1.51 -27.95
N ASP A 256 14.43 1.50 -28.22
CA ASP A 256 15.39 0.64 -27.52
C ASP A 256 16.35 1.45 -26.62
N HIS A 257 17.53 0.90 -26.36
CA HIS A 257 18.51 1.50 -25.43
C HIS A 257 19.46 2.55 -26.06
N SER A 258 19.52 2.57 -27.38
CA SER A 258 20.54 3.27 -28.17
C SER A 258 20.39 4.79 -28.22
N TYR A 259 21.35 5.46 -28.87
CA TYR A 259 21.29 6.91 -29.09
C TYR A 259 20.19 7.33 -30.07
N TYR A 260 19.62 6.37 -30.80
CA TYR A 260 18.48 6.64 -31.66
C TYR A 260 17.26 7.01 -30.83
N PHE A 261 17.13 6.34 -29.67
CA PHE A 261 16.09 6.61 -28.68
C PHE A 261 16.43 7.91 -27.94
N ILE A 262 17.66 8.00 -27.42
CA ILE A 262 18.10 9.18 -26.66
C ILE A 262 17.89 10.50 -27.43
N SER A 263 18.44 10.53 -28.64
CA SER A 263 18.34 11.69 -29.53
C SER A 263 16.89 12.06 -29.85
N THR A 264 16.03 11.06 -30.04
CA THR A 264 14.61 11.31 -30.24
C THR A 264 13.98 12.17 -29.13
N PHE A 265 14.27 11.81 -27.87
CA PHE A 265 13.68 12.52 -26.74
C PHE A 265 14.55 13.60 -26.09
N ASP A 267 15.41 16.81 -26.97
CA ASP A 267 14.76 18.14 -26.88
C ASP A 267 13.79 18.25 -25.69
N ASP A 268 12.96 17.23 -25.49
CA ASP A 268 12.11 17.17 -24.28
C ASP A 268 12.91 17.34 -22.99
N HIS A 269 14.07 16.68 -22.90
CA HIS A 269 14.89 16.76 -21.68
C HIS A 269 15.54 18.12 -21.52
N LEU A 270 16.00 18.69 -22.63
CA LEU A 270 16.63 20.00 -22.60
C LEU A 270 15.62 21.07 -22.16
N LYS A 271 14.38 20.98 -22.66
CA LYS A 271 13.29 21.89 -22.26
C LYS A 271 12.91 21.68 -20.80
N TRP A 272 12.79 20.41 -20.40
CA TRP A 272 12.51 20.05 -19.00
C TRP A 272 13.45 20.82 -18.07
N HIS A 273 14.76 20.71 -18.32
CA HIS A 273 15.79 21.35 -17.52
C HIS A 273 15.78 22.88 -17.62
N ALA A 274 15.76 23.40 -18.84
CA ALA A 274 15.76 24.85 -19.05
C ALA A 274 14.62 25.52 -18.27
N GLU A 275 13.45 24.89 -18.26
CA GLU A 275 12.28 25.39 -17.55
C GLU A 275 12.53 25.44 -16.04
N ARG A 276 13.18 24.41 -15.50
CA ARG A 276 13.42 24.31 -14.07
C ARG A 276 14.70 24.98 -13.60
N LEU A 277 15.63 25.22 -14.54
CA LEU A 277 16.88 25.93 -14.21
C LEU A 277 16.66 27.38 -13.79
N GLY A 278 15.63 28.00 -14.35
CA GLY A 278 15.28 29.38 -14.02
C GLY A 278 16.18 30.37 -14.71
N GLY B 1 18.77 -8.95 -52.80
CA GLY B 1 19.58 -9.86 -51.91
C GLY B 1 20.37 -9.08 -50.89
N ASN B 3 21.30 -8.20 -46.43
CA ASN B 3 21.47 -8.63 -45.04
C ASN B 3 21.15 -7.48 -44.09
N ILE B 4 20.48 -7.77 -42.97
CA ILE B 4 20.14 -6.72 -41.99
C ILE B 4 21.15 -6.72 -40.85
N ILE B 5 21.90 -5.63 -40.75
CA ILE B 5 22.91 -5.49 -39.71
C ILE B 5 22.31 -4.92 -38.43
N SER B 6 21.55 -3.83 -38.58
CA SER B 6 20.90 -3.19 -37.46
C SER B 6 19.63 -2.44 -37.86
N GLN B 7 18.68 -2.40 -36.94
CA GLN B 7 17.48 -1.59 -37.08
C GLN B 7 17.24 -0.91 -35.74
N ASN B 8 17.00 0.40 -35.77
CA ASN B 8 16.74 1.19 -34.58
C ASN B 8 15.70 2.27 -34.86
N THR B 9 14.70 2.34 -33.99
CA THR B 9 13.65 3.35 -34.07
C THR B 9 14.23 4.72 -33.67
N ALA B 10 13.96 5.73 -34.48
CA ALA B 10 14.42 7.09 -34.24
C ALA B 10 13.41 8.02 -34.88
N PHE B 11 12.92 8.98 -34.09
CA PHE B 11 11.85 9.91 -34.50
C PHE B 11 10.67 9.25 -35.25
N GLY B 12 10.21 8.12 -34.71
CA GLY B 12 9.06 7.41 -35.28
C GLY B 12 9.37 6.62 -36.55
N GLY B 13 10.57 6.81 -37.07
CA GLY B 13 11.02 6.10 -38.25
C GLY B 13 12.01 5.01 -37.89
N GLN B 15 15.93 3.65 -38.56
CA GLN B 15 17.27 3.74 -39.11
C GLN B 15 17.84 2.34 -39.22
N GLY B 16 18.13 1.91 -40.44
CA GLY B 16 18.68 0.59 -40.64
C GLY B 16 20.08 0.64 -41.19
N VAL B 17 20.84 -0.42 -40.95
CA VAL B 17 22.14 -0.63 -41.58
C VAL B 17 22.05 -2.02 -42.22
N PHE B 18 22.52 -2.10 -43.47
CA PHE B 18 22.34 -3.30 -44.28
C PHE B 18 23.63 -3.62 -45.02
N SER B 19 23.79 -4.85 -45.45
CA SER B 19 24.92 -5.17 -46.30
C SER B 19 24.44 -6.01 -47.48
N HIS B 20 25.27 -6.09 -48.51
CA HIS B 20 24.97 -6.94 -49.67
C HIS B 20 26.26 -7.27 -50.37
N GLN B 21 26.20 -8.25 -51.28
CA GLN B 21 27.33 -8.55 -52.15
C GLN B 21 27.18 -7.70 -53.40
N SER B 22 28.10 -6.76 -53.58
CA SER B 22 28.11 -5.85 -54.73
C SER B 22 28.80 -6.45 -55.96
N GLU B 23 28.05 -6.55 -57.06
CA GLU B 23 28.61 -7.06 -58.31
C GLU B 23 29.56 -6.04 -58.95
N THR B 24 29.14 -4.76 -58.96
CA THR B 24 29.94 -3.70 -59.57
C THR B 24 31.30 -3.48 -58.87
N LEU B 25 31.32 -3.67 -57.55
CA LEU B 25 32.53 -3.39 -56.77
C LEU B 25 33.29 -4.65 -56.37
N LYS B 26 32.75 -5.82 -56.71
CA LYS B 26 33.30 -7.11 -56.25
C LYS B 26 33.64 -7.04 -54.76
N SER B 27 32.71 -6.50 -53.97
CA SER B 27 32.90 -6.27 -52.55
C SER B 27 31.62 -6.59 -51.79
N GLU B 28 31.79 -7.01 -50.54
CA GLU B 28 30.68 -7.01 -49.58
C GLU B 28 30.56 -5.57 -49.10
N THR B 30 28.40 -2.22 -47.17
CA THR B 30 27.48 -1.79 -46.12
C THR B 30 26.93 -0.38 -46.42
N PHE B 31 25.65 -0.20 -46.16
CA PHE B 31 25.01 1.10 -46.36
C PHE B 31 23.91 1.28 -45.30
N ALA B 32 23.44 2.52 -45.18
CA ALA B 32 22.42 2.88 -44.22
C ALA B 32 21.18 3.38 -44.98
N VAL B 33 20.00 3.04 -44.46
CA VAL B 33 18.73 3.58 -44.96
C VAL B 33 17.84 4.00 -43.78
N TYR B 34 17.38 5.25 -43.81
CA TYR B 34 16.41 5.74 -42.82
C TYR B 34 15.04 5.78 -43.48
N VAL B 35 14.07 5.12 -42.85
CA VAL B 35 12.73 5.08 -43.38
C VAL B 35 11.86 5.93 -42.45
N PRO B 36 11.23 7.00 -42.98
CA PRO B 36 10.42 7.89 -42.16
C PRO B 36 9.04 7.29 -41.85
N PRO B 37 8.35 7.82 -40.81
CA PRO B 37 7.00 7.34 -40.48
C PRO B 37 5.99 7.40 -41.64
N LYS B 38 6.20 8.30 -42.59
CA LYS B 38 5.31 8.43 -43.75
C LYS B 38 5.26 7.16 -44.60
N ALA B 39 6.35 6.38 -44.58
CA ALA B 39 6.45 5.14 -45.35
C ALA B 39 5.56 4.02 -44.83
N ILE B 40 4.98 4.22 -43.65
CA ILE B 40 3.99 3.29 -43.11
C ILE B 40 2.76 3.27 -44.00
N HIS B 41 2.41 4.43 -44.57
CA HIS B 41 1.22 4.57 -45.39
C HIS B 41 1.44 4.69 -46.90
N GLU B 42 2.60 5.17 -47.34
CA GLU B 42 2.84 5.43 -48.76
C GLU B 42 4.33 5.40 -49.17
N PRO B 43 4.62 5.18 -50.48
CA PRO B 43 6.00 5.29 -50.95
C PRO B 43 6.54 6.71 -50.76
N CYS B 44 7.80 6.81 -50.32
CA CYS B 44 8.40 8.10 -50.05
C CYS B 44 9.52 8.46 -51.01
N PRO B 45 9.71 9.76 -51.28
CA PRO B 45 10.88 10.22 -52.03
C PRO B 45 12.20 9.86 -51.32
N VAL B 46 13.28 9.76 -52.10
CA VAL B 46 14.59 9.35 -51.61
C VAL B 46 15.59 10.48 -51.77
N VAL B 47 16.31 10.80 -50.70
CA VAL B 47 17.53 11.62 -50.81
C VAL B 47 18.74 10.72 -50.62
N TRP B 48 19.70 10.87 -51.54
CA TRP B 48 20.95 10.12 -51.45
C TRP B 48 22.01 11.06 -50.89
N TYR B 49 22.64 10.66 -49.79
CA TYR B 49 23.73 11.43 -49.20
C TYR B 49 25.06 10.72 -49.42
N LEU B 50 25.94 11.37 -50.15
CA LEU B 50 27.25 10.84 -50.45
C LEU B 50 28.28 11.43 -49.50
N SER B 51 29.08 10.57 -48.88
CA SER B 51 30.02 11.04 -47.86
C SER B 51 31.39 11.37 -48.44
N GLY B 52 32.22 12.04 -47.64
CA GLY B 52 33.51 12.49 -48.11
C GLY B 52 34.62 11.51 -47.78
N LEU B 53 35.85 11.96 -48.02
CA LEU B 53 37.05 11.15 -47.76
C LEU B 53 37.08 10.57 -46.37
N THR B 54 37.51 9.31 -46.28
CA THR B 54 37.71 8.55 -45.03
C THR B 54 36.40 8.04 -44.38
N CYS B 55 35.27 8.44 -44.92
CA CYS B 55 34.00 8.11 -44.29
C CYS B 55 33.46 6.75 -44.73
N THR B 56 32.58 6.21 -43.90
CA THR B 56 31.71 5.12 -44.31
C THR B 56 30.29 5.71 -44.29
N HIS B 57 29.26 4.87 -44.36
CA HIS B 57 27.88 5.26 -44.04
C HIS B 57 27.76 5.87 -42.63
N ALA B 58 28.64 5.43 -41.73
CA ALA B 58 28.54 5.70 -40.29
C ALA B 58 28.65 7.17 -39.87
N ASN B 59 29.53 7.93 -40.52
CA ASN B 59 29.81 9.29 -40.06
C ASN B 59 28.55 10.17 -40.10
N VAL B 60 27.89 10.23 -41.25
CA VAL B 60 26.66 11.02 -41.38
C VAL B 60 25.48 10.38 -40.63
N GLU B 62 25.56 8.80 -37.89
CA GLU B 62 25.66 9.08 -36.46
C GLU B 62 25.63 10.56 -36.12
N LYS B 63 26.21 11.38 -37.01
CA LYS B 63 26.47 12.78 -36.70
C LYS B 63 25.78 13.85 -37.59
N GLY B 64 25.12 13.44 -38.68
CA GLY B 64 24.53 14.40 -39.61
C GLY B 64 23.28 15.10 -39.12
N GLU B 65 22.65 14.53 -38.11
CA GLU B 65 21.39 15.03 -37.53
C GLU B 65 20.31 15.28 -38.61
N TYR B 66 20.08 14.28 -39.46
CA TYR B 66 19.07 14.35 -40.52
C TYR B 66 17.73 13.71 -40.18
N ARG B 67 17.69 12.84 -39.17
CA ARG B 67 16.49 12.03 -38.89
C ARG B 67 15.27 12.82 -38.43
N ARG B 68 15.46 13.87 -37.64
CA ARG B 68 14.37 14.68 -37.11
C ARG B 68 13.59 15.38 -38.24
N ALA B 70 14.03 14.64 -41.54
CA ALA B 70 13.65 13.62 -42.53
C ALA B 70 12.33 12.93 -42.18
N SER B 71 12.12 12.70 -40.88
CA SER B 71 10.90 12.11 -40.34
C SER B 71 9.73 13.09 -40.59
N GLU B 72 9.96 14.35 -40.24
CA GLU B 72 8.98 15.43 -40.42
C GLU B 72 8.60 15.62 -41.90
N LEU B 73 9.60 15.61 -42.77
CA LEU B 73 9.36 15.81 -44.20
C LEU B 73 8.97 14.54 -44.97
N GLY B 74 9.11 13.37 -44.33
CA GLY B 74 8.78 12.09 -44.99
C GLY B 74 9.78 11.67 -46.05
N LEU B 75 11.07 11.79 -45.73
CA LEU B 75 12.15 11.47 -46.67
C LEU B 75 12.91 10.19 -46.29
N VAL B 76 13.08 9.31 -47.29
CA VAL B 76 13.98 8.16 -47.18
C VAL B 76 15.39 8.70 -47.41
N VAL B 77 16.30 8.38 -46.49
CA VAL B 77 17.67 8.86 -46.56
C VAL B 77 18.60 7.67 -46.78
N VAL B 78 19.28 7.63 -47.93
CA VAL B 78 20.23 6.55 -48.21
C VAL B 78 21.64 7.10 -48.12
N CYS B 79 22.47 6.38 -47.36
CA CYS B 79 23.86 6.75 -47.13
C CYS B 79 24.78 5.58 -47.46
N PRO B 80 25.34 5.56 -48.69
CA PRO B 80 26.31 4.54 -49.11
C PRO B 80 27.70 4.74 -48.50
N ASP B 81 28.56 3.75 -48.69
CA ASP B 81 29.99 3.88 -48.37
C ASP B 81 30.67 4.76 -49.43
N THR B 82 32.00 4.89 -49.36
CA THR B 82 32.77 5.83 -50.18
C THR B 82 33.75 5.14 -51.12
N SER B 83 33.91 3.82 -50.93
CA SER B 83 34.82 3.03 -51.75
C SER B 83 34.45 1.55 -51.64
N PRO B 84 34.98 0.71 -52.56
CA PRO B 84 34.94 -0.72 -52.31
C PRO B 84 35.68 -1.05 -51.00
N ARG B 85 35.37 -2.21 -50.42
CA ARG B 85 35.94 -2.64 -49.13
C ARG B 85 36.31 -4.12 -49.23
N GLY B 86 37.33 -4.54 -48.47
CA GLY B 86 37.75 -5.95 -48.44
C GLY B 86 39.25 -6.10 -48.30
N ASN B 87 39.71 -7.24 -47.76
CA ASN B 87 41.15 -7.44 -47.48
C ASN B 87 42.08 -7.53 -48.72
N ASP B 88 41.50 -7.76 -49.90
CA ASP B 88 42.30 -7.81 -51.14
C ASP B 88 42.01 -6.66 -52.11
N VAL B 89 41.32 -5.62 -51.63
CA VAL B 89 41.08 -4.43 -52.44
C VAL B 89 42.32 -3.55 -52.36
N PRO B 90 42.88 -3.14 -53.52
CA PRO B 90 44.07 -2.27 -53.53
C PRO B 90 43.84 -0.91 -52.87
N ASP B 91 44.92 -0.30 -52.40
CA ASP B 91 44.84 0.89 -51.57
C ASP B 91 46.20 1.56 -51.57
N GLU B 92 46.23 2.81 -51.13
CA GLU B 92 47.44 3.46 -50.68
C GLU B 92 47.25 3.60 -49.18
N LEU B 93 47.82 2.65 -48.43
CA LEU B 93 47.50 2.45 -47.01
C LEU B 93 47.34 3.71 -46.14
N THR B 94 48.39 4.53 -46.10
CA THR B 94 48.43 5.66 -45.20
C THR B 94 48.01 6.97 -45.90
N ASN B 95 47.71 6.87 -47.19
CA ASN B 95 47.20 8.03 -47.93
C ASN B 95 45.67 8.03 -47.84
N TRP B 96 45.14 8.86 -46.93
CA TRP B 96 43.69 8.97 -46.74
C TRP B 96 42.99 9.64 -47.93
N GLN B 97 43.79 10.16 -48.85
CA GLN B 97 43.28 10.82 -50.06
C GLN B 97 43.20 9.89 -51.27
N GLY B 99 42.44 5.55 -52.65
CA GLY B 99 42.05 4.17 -52.42
C GLY B 99 40.82 4.04 -51.53
N LYS B 100 40.98 3.32 -50.43
CA LYS B 100 39.90 3.07 -49.47
C LYS B 100 39.43 4.36 -48.80
N GLY B 101 38.12 4.49 -48.68
CA GLY B 101 37.51 5.72 -48.20
C GLY B 101 37.67 6.87 -49.18
N ALA B 102 38.06 6.56 -50.42
CA ALA B 102 38.44 7.57 -51.43
C ALA B 102 38.17 7.18 -52.89
N GLY B 103 36.98 6.66 -53.16
CA GLY B 103 36.61 6.21 -54.50
C GLY B 103 36.26 7.30 -55.51
N PHE B 104 36.09 8.54 -55.03
CA PHE B 104 35.76 9.70 -55.88
C PHE B 104 34.58 9.53 -56.85
N TYR B 105 33.65 8.64 -56.49
CA TYR B 105 32.40 8.49 -57.24
C TYR B 105 32.61 8.44 -58.76
N LEU B 106 33.63 7.68 -59.13
CA LEU B 106 34.02 7.50 -60.52
C LEU B 106 34.15 6.02 -60.86
N ASP B 107 34.11 5.70 -62.15
CA ASP B 107 34.43 4.34 -62.59
C ASP B 107 35.91 4.32 -63.05
N ALA B 108 36.77 3.67 -62.27
CA ALA B 108 38.21 3.62 -62.57
C ALA B 108 38.47 2.76 -63.79
N THR B 109 39.45 3.19 -64.60
CA THR B 109 39.83 2.50 -65.83
C THR B 109 41.25 1.88 -65.74
N GLU B 110 42.08 2.43 -64.85
CA GLU B 110 43.47 2.02 -64.74
C GLU B 110 43.68 0.91 -63.70
N GLU B 111 44.60 0.00 -64.01
CA GLU B 111 45.01 -1.05 -63.08
C GLU B 111 45.84 -0.47 -61.93
N PRO B 112 45.72 -1.03 -60.71
CA PRO B 112 44.83 -2.12 -60.30
C PRO B 112 43.44 -1.65 -59.83
N TRP B 113 43.14 -0.36 -59.99
CA TRP B 113 41.91 0.25 -59.44
C TRP B 113 40.67 -0.20 -60.19
N SER B 114 40.87 -0.59 -61.43
CA SER B 114 39.80 -1.00 -62.33
C SER B 114 38.87 -2.10 -61.78
N GLU B 115 39.45 -3.12 -61.16
CA GLU B 115 38.71 -4.28 -60.64
C GLU B 115 37.55 -3.95 -59.68
N HIS B 116 37.83 -3.08 -58.70
CA HIS B 116 36.89 -2.80 -57.62
C HIS B 116 36.32 -1.39 -57.62
N TYR B 117 37.05 -0.43 -58.16
CA TYR B 117 36.67 0.97 -58.00
C TYR B 117 35.68 1.49 -59.04
N GLN B 118 34.45 0.98 -58.96
CA GLN B 118 33.38 1.36 -59.87
C GLN B 118 32.26 2.05 -59.08
N TYR B 120 30.94 5.06 -59.33
CA TYR B 120 29.92 5.76 -60.11
C TYR B 120 28.79 4.80 -60.50
N SER B 121 29.12 3.63 -61.05
CA SER B 121 28.12 2.62 -61.42
C SER B 121 27.38 2.06 -60.21
N TYR B 122 28.09 1.95 -59.07
CA TYR B 122 27.48 1.47 -57.85
C TYR B 122 26.38 2.40 -57.37
N VAL B 123 26.70 3.69 -57.28
CA VAL B 123 25.80 4.68 -56.72
C VAL B 123 24.63 4.99 -57.65
N THR B 124 24.87 4.94 -58.97
CA THR B 124 23.87 5.32 -59.95
C THR B 124 23.03 4.18 -60.54
N GLU B 125 23.51 2.94 -60.42
CA GLU B 125 22.82 1.81 -61.01
C GLU B 125 22.53 0.70 -60.01
N GLU B 126 23.56 0.10 -59.45
CA GLU B 126 23.38 -1.09 -58.62
C GLU B 126 22.62 -0.86 -57.32
N LEU B 127 23.05 0.15 -56.54
CA LEU B 127 22.43 0.39 -55.24
C LEU B 127 21.00 0.94 -55.36
N PRO B 128 20.71 1.84 -56.32
CA PRO B 128 19.30 2.22 -56.55
C PRO B 128 18.40 1.05 -56.92
N ALA B 129 18.90 0.10 -57.70
CA ALA B 129 18.12 -1.09 -58.04
C ALA B 129 17.77 -1.87 -56.75
N LEU B 130 18.74 -2.00 -55.85
CA LEU B 130 18.52 -2.64 -54.54
C LEU B 130 17.55 -1.86 -53.64
N ILE B 131 17.69 -0.54 -53.58
CA ILE B 131 16.81 0.32 -52.76
C ILE B 131 15.33 0.23 -53.20
N GLY B 132 15.10 0.25 -54.52
CA GLY B 132 13.73 0.17 -55.07
C GLY B 132 13.11 -1.19 -54.84
N GLN B 133 13.97 -2.20 -54.75
CA GLN B 133 13.56 -3.58 -54.56
C GLN B 133 13.12 -3.87 -53.13
N HIS B 134 13.80 -3.27 -52.16
CA HIS B 134 13.60 -3.64 -50.76
C HIS B 134 12.91 -2.61 -49.86
N PHE B 135 12.69 -1.40 -50.37
CA PHE B 135 12.12 -0.33 -49.56
C PHE B 135 10.92 0.32 -50.23
N ARG B 136 10.01 0.85 -49.41
CA ARG B 136 8.80 1.50 -49.90
C ARG B 136 9.15 2.89 -50.39
N ALA B 137 9.89 2.92 -51.49
CA ALA B 137 10.47 4.14 -52.03
C ALA B 137 9.89 4.48 -53.39
N ASP B 138 9.57 5.75 -53.58
CA ASP B 138 9.10 6.24 -54.86
C ASP B 138 10.34 6.66 -55.66
N SER B 140 10.60 7.60 -58.64
CA SER B 140 10.34 8.72 -59.54
C SER B 140 10.74 10.04 -58.89
N ARG B 141 10.87 10.03 -57.57
CA ARG B 141 11.24 11.23 -56.82
C ARG B 141 12.52 10.98 -56.03
N GLN B 142 13.66 11.27 -56.65
CA GLN B 142 14.97 11.11 -56.04
C GLN B 142 15.78 12.40 -56.12
N SER B 143 16.49 12.69 -55.04
CA SER B 143 17.40 13.83 -54.98
C SER B 143 18.76 13.36 -54.43
N ILE B 144 19.81 14.14 -54.67
CA ILE B 144 21.15 13.71 -54.26
C ILE B 144 21.96 14.84 -53.66
N PHE B 145 22.65 14.55 -52.58
CA PHE B 145 23.51 15.54 -51.95
C PHE B 145 24.70 14.87 -51.26
N GLY B 146 25.63 15.67 -50.75
CA GLY B 146 26.81 15.09 -50.15
C GLY B 146 27.75 16.11 -49.56
N HIS B 147 28.78 15.59 -48.89
CA HIS B 147 29.84 16.40 -48.29
C HIS B 147 31.17 16.24 -49.03
N SER B 148 31.71 17.35 -49.55
CA SER B 148 33.13 17.41 -50.01
C SER B 148 33.44 16.55 -51.26
N GLY B 150 31.91 13.84 -51.54
CA GLY B 150 30.51 13.46 -51.73
C GLY B 150 29.69 14.55 -52.40
N GLY B 151 30.08 15.80 -52.18
CA GLY B 151 29.49 16.96 -52.89
C GLY B 151 29.88 16.94 -54.36
N HIS B 152 31.14 16.60 -54.63
CA HIS B 152 31.65 16.31 -55.97
C HIS B 152 30.86 15.16 -56.59
N GLY B 153 30.63 14.12 -55.80
CA GLY B 153 29.83 12.96 -56.24
C GLY B 153 28.39 13.33 -56.62
N ALA B 154 27.70 14.01 -55.71
CA ALA B 154 26.31 14.40 -55.90
C ALA B 154 26.13 15.31 -57.13
N THR B 156 28.35 15.91 -59.76
CA THR B 156 28.69 15.28 -61.03
C THR B 156 27.64 14.26 -61.48
N ILE B 157 27.11 13.49 -60.54
CA ILE B 157 26.03 12.54 -60.80
C ILE B 157 24.75 13.23 -61.29
N ALA B 158 24.38 14.34 -60.64
CA ALA B 158 23.19 15.11 -61.03
C ALA B 158 23.37 15.65 -62.44
N LEU B 159 24.49 16.34 -62.69
CA LEU B 159 24.81 16.90 -64.00
C LEU B 159 24.76 15.90 -65.14
N LYS B 160 25.17 14.67 -64.87
CA LYS B 160 25.16 13.61 -65.89
C LYS B 160 23.84 12.84 -65.96
N ASN B 161 22.99 13.03 -64.95
CA ASN B 161 21.70 12.32 -64.89
C ASN B 161 20.58 13.28 -64.49
N PRO B 162 20.39 14.36 -65.28
CA PRO B 162 19.48 15.43 -64.86
C PRO B 162 18.00 14.98 -64.74
N GLU B 163 17.60 13.99 -65.53
CA GLU B 163 16.24 13.44 -65.51
C GLU B 163 15.98 12.51 -64.33
N ARG B 164 17.05 12.00 -63.71
CA ARG B 164 16.90 11.06 -62.61
C ARG B 164 16.68 11.75 -61.26
N PHE B 165 17.14 12.98 -61.12
CA PHE B 165 17.13 13.70 -59.83
C PHE B 165 16.38 15.03 -59.89
N LYS B 166 15.54 15.28 -58.87
CA LYS B 166 14.75 16.52 -58.78
C LYS B 166 15.58 17.68 -58.26
N SER B 167 16.52 17.39 -57.36
CA SER B 167 17.38 18.44 -56.80
C SER B 167 18.75 17.91 -56.38
N CYS B 168 19.64 18.84 -56.04
CA CYS B 168 21.02 18.55 -55.69
C CYS B 168 21.55 19.67 -54.81
N SER B 169 22.20 19.31 -53.71
CA SER B 169 22.88 20.28 -52.87
C SER B 169 24.22 19.68 -52.40
N ALA B 170 25.03 20.48 -51.71
CA ALA B 170 26.35 19.99 -51.23
C ALA B 170 26.87 20.81 -50.05
N PHE B 171 27.52 20.12 -49.11
CA PHE B 171 28.26 20.78 -48.04
C PHE B 171 29.71 20.76 -48.48
N ALA B 172 30.34 21.94 -48.52
CA ALA B 172 31.77 22.06 -48.88
C ALA B 172 32.24 21.15 -50.04
N PRO B 173 31.60 21.27 -51.22
CA PRO B 173 31.95 20.38 -52.34
C PRO B 173 33.31 20.68 -52.99
N ILE B 174 33.93 19.64 -53.54
CA ILE B 174 35.11 19.77 -54.40
C ILE B 174 34.55 19.99 -55.81
N VAL B 175 34.39 21.26 -56.19
CA VAL B 175 33.73 21.60 -57.47
C VAL B 175 34.63 21.44 -58.71
N ALA B 176 35.94 21.45 -58.51
CA ALA B 176 36.91 21.32 -59.59
C ALA B 176 38.08 20.42 -59.17
N PRO B 177 37.82 19.11 -59.05
CA PRO B 177 38.81 18.15 -58.57
C PRO B 177 40.04 18.02 -59.46
N SER B 178 39.93 18.47 -60.72
CA SER B 178 41.03 18.37 -61.68
C SER B 178 42.22 19.27 -61.35
N SER B 179 41.99 20.30 -60.54
CA SER B 179 43.05 21.23 -60.17
C SER B 179 43.18 21.40 -58.66
N ALA B 180 42.64 20.46 -57.90
CA ALA B 180 42.76 20.50 -56.44
C ALA B 180 43.79 19.49 -55.95
N ASP B 181 44.64 19.93 -55.03
CA ASP B 181 45.71 19.11 -54.44
C ASP B 181 45.28 17.68 -54.03
N TRP B 182 44.13 17.55 -53.39
CA TRP B 182 43.76 16.24 -52.84
C TRP B 182 43.03 15.30 -53.80
N SER B 183 42.67 15.80 -54.97
CA SER B 183 41.86 15.06 -55.92
C SER B 183 42.55 14.82 -57.25
N GLU B 184 43.42 15.75 -57.64
CA GLU B 184 44.13 15.69 -58.91
C GLU B 184 44.99 14.39 -59.04
N PRO B 185 45.74 14.02 -57.98
CA PRO B 185 46.50 12.75 -58.04
C PRO B 185 45.60 11.53 -58.17
N ALA B 186 44.44 11.55 -57.51
CA ALA B 186 43.47 10.45 -57.55
C ALA B 186 42.90 10.27 -58.95
N LEU B 187 42.47 11.37 -59.55
CA LEU B 187 41.96 11.33 -60.93
C LEU B 187 43.01 10.68 -61.86
N GLU B 188 44.26 11.12 -61.73
CA GLU B 188 45.32 10.55 -62.55
C GLU B 188 45.53 9.06 -62.33
N LYS B 189 45.42 8.59 -61.09
CA LYS B 189 45.62 7.18 -60.81
C LYS B 189 44.44 6.33 -61.27
N TYR B 190 43.21 6.77 -61.00
CA TYR B 190 42.02 6.04 -61.41
C TYR B 190 41.72 6.10 -62.91
N LEU B 191 42.04 7.22 -63.55
CA LEU B 191 41.62 7.50 -64.94
C LEU B 191 42.74 7.65 -65.98
N GLY B 192 43.99 7.81 -65.54
CA GLY B 192 45.12 7.95 -66.45
C GLY B 192 45.67 9.36 -66.50
N ALA B 193 46.85 9.51 -67.11
CA ALA B 193 47.53 10.79 -67.24
C ALA B 193 46.82 11.74 -68.21
N ASP B 194 46.06 11.16 -69.15
CA ASP B 194 45.32 11.95 -70.12
C ASP B 194 44.09 12.59 -69.46
N ARG B 195 44.19 13.89 -69.19
CA ARG B 195 43.19 14.66 -68.45
C ARG B 195 41.84 14.79 -69.16
N ALA B 196 41.78 14.35 -70.42
CA ALA B 196 40.52 14.31 -71.16
C ALA B 196 39.47 13.44 -70.48
N ALA B 197 39.92 12.33 -69.89
CA ALA B 197 39.02 11.36 -69.26
C ALA B 197 38.48 11.87 -67.91
N TRP B 198 39.11 12.91 -67.37
CA TRP B 198 38.72 13.46 -66.08
C TRP B 198 37.49 14.37 -66.21
N ARG B 199 37.23 14.85 -67.43
CA ARG B 199 36.17 15.85 -67.66
C ARG B 199 34.76 15.37 -67.31
N ARG B 200 34.51 14.07 -67.45
CA ARG B 200 33.22 13.50 -67.04
C ARG B 200 33.05 13.42 -65.52
N TYR B 201 34.13 13.68 -64.78
CA TYR B 201 34.14 13.58 -63.32
C TYR B 201 34.59 14.87 -62.65
N ASP B 202 34.24 16.01 -63.25
CA ASP B 202 34.58 17.28 -62.70
C ASP B 202 33.37 18.18 -62.94
N ALA B 203 32.73 18.67 -61.87
CA ALA B 203 31.49 19.45 -62.02
C ALA B 203 31.68 20.62 -63.00
N CYS B 204 32.78 21.36 -62.83
CA CYS B 204 33.08 22.53 -63.65
C CYS B 204 33.29 22.16 -65.12
N SER B 205 34.06 21.10 -65.37
CA SER B 205 34.26 20.56 -66.72
C SER B 205 32.96 20.11 -67.39
N LEU B 206 32.12 19.40 -66.65
CA LEU B 206 30.83 18.95 -67.15
C LEU B 206 29.94 20.10 -67.63
N VAL B 207 29.91 21.19 -66.85
CA VAL B 207 29.18 22.40 -67.17
C VAL B 207 29.80 23.05 -68.43
N GLU B 208 31.11 23.19 -68.45
CA GLU B 208 31.81 23.70 -69.63
C GLU B 208 31.47 22.90 -70.88
N ASP B 209 31.29 21.59 -70.72
CA ASP B 209 30.96 20.68 -71.84
C ASP B 209 29.46 20.53 -72.16
N GLY B 210 28.61 21.31 -71.50
CA GLY B 210 27.19 21.35 -71.83
C GLY B 210 26.21 20.58 -70.94
N ALA B 211 26.73 19.95 -69.89
CA ALA B 211 25.86 19.30 -68.89
C ALA B 211 25.04 20.36 -68.18
N ARG B 212 23.75 20.07 -67.99
CA ARG B 212 22.85 20.98 -67.28
C ARG B 212 22.06 20.27 -66.16
N PHE B 213 21.59 21.07 -65.22
CA PHE B 213 20.76 20.63 -64.10
C PHE B 213 20.15 21.93 -63.59
N PRO B 214 18.87 21.90 -63.14
CA PRO B 214 18.12 23.15 -62.82
C PRO B 214 18.79 24.14 -61.85
N GLU B 215 19.25 23.65 -60.69
CA GLU B 215 19.91 24.50 -59.68
C GLU B 215 20.62 23.67 -58.58
N PHE B 216 21.53 24.33 -57.87
CA PHE B 216 22.32 23.73 -56.80
C PHE B 216 22.26 24.64 -55.58
N LEU B 217 22.19 24.03 -54.41
CA LEU B 217 22.45 24.74 -53.15
C LEU B 217 23.83 24.26 -52.68
N ILE B 218 24.69 25.20 -52.31
CA ILE B 218 26.02 24.89 -51.79
C ILE B 218 26.23 25.70 -50.52
N ASP B 219 26.45 24.98 -49.42
CA ASP B 219 26.85 25.61 -48.18
C ASP B 219 28.36 25.42 -47.97
N GLN B 220 29.04 26.50 -47.61
CA GLN B 220 30.46 26.48 -47.40
C GLN B 220 30.87 27.29 -46.18
N GLY B 221 31.54 26.64 -45.22
CA GLY B 221 32.11 27.36 -44.09
C GLY B 221 33.31 28.20 -44.51
N LYS B 222 33.44 29.41 -43.98
CA LYS B 222 34.57 30.28 -44.34
C LYS B 222 35.86 29.85 -43.62
N ALA B 223 35.70 29.20 -42.47
CA ALA B 223 36.85 28.76 -41.65
C ALA B 223 37.34 27.35 -42.00
N ASP B 224 36.82 26.80 -43.09
CA ASP B 224 37.15 25.47 -43.60
C ASP B 224 38.60 25.50 -44.12
N SER B 225 39.45 24.66 -43.54
CA SER B 225 40.90 24.66 -43.87
C SER B 225 41.20 24.19 -45.29
N PHE B 226 40.24 23.56 -45.94
CA PHE B 226 40.41 23.10 -47.31
C PHE B 226 39.90 24.11 -48.35
N LEU B 227 39.27 25.19 -47.88
CA LEU B 227 38.61 26.15 -48.78
C LEU B 227 39.44 26.55 -50.02
N GLU B 228 40.59 27.17 -49.78
CA GLU B 228 41.40 27.78 -50.84
C GLU B 228 42.15 26.78 -51.73
N LYS B 229 42.55 25.64 -51.20
CA LYS B 229 43.33 24.64 -51.95
C LYS B 229 42.50 23.51 -52.53
N GLY B 230 41.49 23.06 -51.79
CA GLY B 230 40.71 21.88 -52.21
C GLY B 230 39.28 22.08 -52.66
N LEU B 231 38.70 23.24 -52.37
CA LEU B 231 37.26 23.42 -52.59
C LEU B 231 36.91 24.43 -53.67
N ARG B 232 37.23 25.70 -53.40
CA ARG B 232 37.12 26.78 -54.37
C ARG B 232 35.75 26.85 -55.09
N PRO B 233 34.66 27.03 -54.31
CA PRO B 233 33.32 27.03 -54.91
C PRO B 233 33.10 28.13 -55.96
N TRP B 234 33.86 29.21 -55.86
CA TRP B 234 33.86 30.30 -56.84
C TRP B 234 34.16 29.81 -58.26
N LEU B 235 34.91 28.72 -58.39
CA LEU B 235 35.18 28.13 -59.70
C LEU B 235 33.91 27.62 -60.38
N PHE B 236 32.98 27.08 -59.59
CA PHE B 236 31.69 26.62 -60.13
C PHE B 236 30.80 27.83 -60.46
N GLU B 237 30.88 28.88 -59.65
CA GLU B 237 30.20 30.14 -59.94
C GLU B 237 30.57 30.62 -61.35
N GLU B 238 31.86 30.57 -61.65
CA GLU B 238 32.42 30.98 -62.94
C GLU B 238 31.91 30.08 -64.06
N ALA B 239 32.00 28.76 -63.85
CA ALA B 239 31.54 27.77 -64.82
C ALA B 239 30.09 27.94 -65.29
N ILE B 240 29.20 28.30 -64.37
CA ILE B 240 27.77 28.39 -64.70
C ILE B 240 27.35 29.71 -65.36
N LYS B 241 28.29 30.65 -65.47
CA LYS B 241 28.02 31.93 -66.14
C LYS B 241 27.61 31.71 -67.59
N GLY B 242 26.56 32.41 -67.99
CA GLY B 242 26.01 32.29 -69.34
C GLY B 242 25.43 30.91 -69.60
N THR B 243 25.16 30.15 -68.54
CA THR B 243 24.43 28.89 -68.65
C THR B 243 23.09 29.07 -67.94
N ASP B 244 22.26 28.04 -67.98
CA ASP B 244 20.92 28.07 -67.40
C ASP B 244 20.87 27.41 -66.00
N ILE B 245 22.04 27.09 -65.47
CA ILE B 245 22.16 26.44 -64.16
C ILE B 245 22.05 27.49 -63.06
N GLY B 246 21.16 27.25 -62.11
CA GLY B 246 21.04 28.12 -60.94
C GLY B 246 21.98 27.69 -59.82
N LEU B 247 22.45 28.67 -59.05
CA LEU B 247 23.28 28.41 -57.89
C LEU B 247 23.01 29.34 -56.71
N THR B 248 22.74 28.72 -55.56
CA THR B 248 22.60 29.40 -54.29
C THR B 248 23.80 29.00 -53.44
N LEU B 249 24.84 29.84 -53.44
CA LEU B 249 26.08 29.59 -52.72
C LEU B 249 26.10 30.43 -51.46
N ARG B 250 26.17 29.75 -50.31
CA ARG B 250 26.17 30.44 -49.03
C ARG B 250 27.48 30.22 -48.30
N HIS B 252 29.58 30.87 -44.86
CA HIS B 252 29.27 31.07 -43.46
C HIS B 252 30.49 31.37 -42.59
N ASP B 253 30.48 32.54 -41.94
CA ASP B 253 31.54 32.92 -40.98
C ASP B 253 31.69 31.84 -39.90
N ARG B 254 32.93 31.60 -39.48
CA ARG B 254 33.26 30.73 -38.33
C ARG B 254 33.12 29.23 -38.56
N TYR B 255 32.34 28.84 -39.54
CA TYR B 255 32.11 27.41 -39.83
C TYR B 255 33.26 26.70 -40.55
N ASP B 256 33.53 25.48 -40.13
CA ASP B 256 34.61 24.72 -40.73
C ASP B 256 34.06 23.59 -41.60
N HIS B 257 34.88 22.57 -41.84
CA HIS B 257 34.60 21.45 -42.74
C HIS B 257 33.84 20.26 -42.12
N SER B 258 33.73 20.27 -40.78
CA SER B 258 33.30 19.09 -40.02
C SER B 258 31.79 18.83 -39.98
N TYR B 259 31.41 17.74 -39.31
CA TYR B 259 30.00 17.45 -39.07
C TYR B 259 29.27 18.46 -38.16
N TYR B 260 30.02 19.29 -37.42
CA TYR B 260 29.42 20.42 -36.68
C TYR B 260 28.80 21.46 -37.61
N PHE B 261 29.44 21.67 -38.76
CA PHE B 261 28.93 22.53 -39.81
C PHE B 261 27.80 21.81 -40.54
N ILE B 262 28.06 20.58 -40.97
CA ILE B 262 27.08 19.80 -41.74
C ILE B 262 25.73 19.72 -41.00
N SER B 263 25.76 19.26 -39.75
CA SER B 263 24.54 19.19 -38.93
C SER B 263 23.82 20.53 -38.73
N THR B 264 24.56 21.61 -38.54
CA THR B 264 23.94 22.92 -38.39
C THR B 264 23.04 23.24 -39.59
N PHE B 265 23.48 22.92 -40.80
CA PHE B 265 22.75 23.30 -42.02
C PHE B 265 21.96 22.18 -42.67
N ASP B 267 19.03 20.76 -41.82
CA ASP B 267 17.60 21.04 -42.00
C ASP B 267 17.31 21.87 -43.27
N ASP B 268 18.16 22.86 -43.55
CA ASP B 268 18.04 23.65 -44.78
C ASP B 268 18.10 22.80 -46.05
N HIS B 269 19.02 21.84 -46.05
CA HIS B 269 19.22 20.98 -47.20
C HIS B 269 18.06 20.02 -47.35
N LEU B 270 17.59 19.45 -46.25
CA LEU B 270 16.46 18.53 -46.29
C LEU B 270 15.19 19.23 -46.80
N LYS B 271 14.94 20.46 -46.32
CA LYS B 271 13.80 21.28 -46.80
C LYS B 271 13.95 21.65 -48.29
N TRP B 272 15.17 21.97 -48.70
CA TRP B 272 15.48 22.28 -50.10
C TRP B 272 15.01 21.16 -51.01
N HIS B 273 15.41 19.93 -50.67
CA HIS B 273 15.05 18.76 -51.46
C HIS B 273 13.56 18.40 -51.38
N ALA B 274 12.99 18.43 -50.18
CA ALA B 274 11.57 18.12 -49.98
C ALA B 274 10.71 19.04 -50.86
N GLU B 275 11.01 20.33 -50.84
CA GLU B 275 10.37 21.33 -51.70
C GLU B 275 10.36 20.91 -53.18
N ARG B 276 11.50 20.45 -53.68
CA ARG B 276 11.65 20.14 -55.11
C ARG B 276 11.29 18.71 -55.47
N LEU B 277 11.07 17.88 -54.46
CA LEU B 277 10.66 16.50 -54.68
C LEU B 277 9.14 16.43 -54.79
N GLY B 278 8.47 17.49 -54.37
CA GLY B 278 7.00 17.59 -54.42
C GLY B 278 6.28 16.41 -53.80
N GLY C 1 -6.40 -10.79 10.11
CA GLY C 1 -6.91 -11.43 11.37
C GLY C 1 -6.39 -10.74 12.62
N ASN C 3 -6.82 -10.81 17.18
CA ASN C 3 -7.44 -11.24 18.43
C ASN C 3 -7.63 -10.05 19.38
N ILE C 4 -8.82 -9.96 19.96
CA ILE C 4 -9.09 -8.95 20.98
C ILE C 4 -8.91 -9.62 22.34
N ILE C 5 -7.91 -9.16 23.08
CA ILE C 5 -7.57 -9.73 24.39
C ILE C 5 -8.44 -9.09 25.47
N SER C 6 -8.54 -7.76 25.45
CA SER C 6 -9.33 -7.03 26.44
C SER C 6 -9.81 -5.71 25.82
N GLN C 7 -10.91 -5.17 26.35
CA GLN C 7 -11.47 -3.87 25.94
C GLN C 7 -12.04 -3.20 27.18
N ASN C 8 -11.64 -1.95 27.45
CA ASN C 8 -12.11 -1.25 28.64
C ASN C 8 -12.49 0.18 28.28
N THR C 9 -13.69 0.60 28.66
CA THR C 9 -14.14 1.97 28.42
C THR C 9 -13.35 2.96 29.32
N ALA C 10 -12.83 4.02 28.69
CA ALA C 10 -12.07 5.05 29.40
C ALA C 10 -12.24 6.38 28.67
N PHE C 11 -12.69 7.38 29.42
CA PHE C 11 -12.94 8.73 28.88
C PHE C 11 -13.83 8.69 27.64
N GLY C 12 -14.82 7.78 27.65
CA GLY C 12 -15.79 7.72 26.56
C GLY C 12 -15.39 6.86 25.39
N GLY C 13 -14.08 6.64 25.26
CA GLY C 13 -13.51 5.77 24.24
C GLY C 13 -13.16 4.40 24.78
N GLN C 15 -10.07 1.45 25.45
CA GLN C 15 -8.68 0.99 25.50
C GLN C 15 -8.66 -0.50 25.29
N GLY C 16 -8.07 -0.91 24.18
CA GLY C 16 -7.96 -2.31 23.84
C GLY C 16 -6.55 -2.87 23.93
N VAL C 17 -6.48 -4.19 24.09
CA VAL C 17 -5.25 -4.94 24.01
C VAL C 17 -5.55 -6.06 22.99
N PHE C 18 -4.67 -6.18 21.99
CA PHE C 18 -4.88 -7.06 20.83
C PHE C 18 -3.64 -7.87 20.54
N SER C 19 -3.81 -8.99 19.87
CA SER C 19 -2.68 -9.79 19.42
C SER C 19 -2.89 -10.24 17.97
N HIS C 20 -1.77 -10.54 17.31
CA HIS C 20 -1.79 -11.09 15.96
C HIS C 20 -0.56 -11.96 15.74
N GLN C 21 -0.60 -12.78 14.69
CA GLN C 21 0.58 -13.51 14.26
C GLN C 21 1.32 -12.58 13.31
N SER C 22 2.53 -12.20 13.69
CA SER C 22 3.36 -11.32 12.89
C SER C 22 4.19 -12.12 11.91
N GLU C 23 4.03 -11.81 10.63
CA GLU C 23 4.86 -12.43 9.60
C GLU C 23 6.29 -11.87 9.64
N THR C 24 6.42 -10.56 9.81
CA THR C 24 7.74 -9.91 9.78
C THR C 24 8.62 -10.28 10.99
N LEU C 25 7.98 -10.59 12.12
CA LEU C 25 8.70 -10.94 13.34
C LEU C 25 8.63 -12.43 13.69
N LYS C 26 7.94 -13.21 12.87
CA LYS C 26 7.71 -14.66 13.10
C LYS C 26 7.35 -14.90 14.58
N SER C 27 6.42 -14.09 15.09
CA SER C 27 6.06 -14.08 16.50
C SER C 27 4.59 -13.70 16.68
N GLU C 28 3.97 -14.24 17.73
CA GLU C 28 2.68 -13.70 18.17
C GLU C 28 2.98 -12.43 18.94
N THR C 30 1.70 -8.61 20.78
CA THR C 30 0.62 -7.92 21.48
C THR C 30 0.84 -6.41 21.39
N PHE C 31 -0.25 -5.67 21.18
CA PHE C 31 -0.20 -4.21 21.10
C PHE C 31 -1.48 -3.63 21.69
N ALA C 32 -1.41 -2.37 22.10
CA ALA C 32 -2.56 -1.67 22.65
C ALA C 32 -3.05 -0.64 21.65
N VAL C 33 -4.35 -0.36 21.68
CA VAL C 33 -4.93 0.71 20.87
C VAL C 33 -6.05 1.37 21.65
N TYR C 34 -5.93 2.68 21.82
CA TYR C 34 -6.99 3.45 22.43
C TYR C 34 -7.75 4.15 21.30
N VAL C 35 -9.06 3.96 21.29
CA VAL C 35 -9.91 4.57 20.29
C VAL C 35 -10.81 5.60 21.00
N PRO C 36 -10.76 6.87 20.56
CA PRO C 36 -11.50 7.94 21.22
C PRO C 36 -12.98 7.94 20.82
N PRO C 37 -13.85 8.59 21.62
CA PRO C 37 -15.28 8.71 21.30
C PRO C 37 -15.58 9.21 19.87
N LYS C 38 -14.87 10.23 19.41
CA LYS C 38 -15.04 10.74 18.03
C LYS C 38 -14.91 9.65 16.95
N ALA C 39 -14.11 8.62 17.21
CA ALA C 39 -13.82 7.57 16.23
C ALA C 39 -15.02 6.67 15.93
N ILE C 40 -15.95 6.59 16.88
CA ILE C 40 -17.22 5.92 16.66
C ILE C 40 -17.92 6.46 15.41
N HIS C 41 -17.92 7.79 15.28
CA HIS C 41 -18.67 8.48 14.21
C HIS C 41 -17.83 8.84 12.97
N GLU C 42 -16.50 8.77 13.07
CA GLU C 42 -15.63 9.28 12.02
C GLU C 42 -14.20 8.75 12.20
N PRO C 43 -13.50 8.38 11.10
CA PRO C 43 -12.09 7.98 11.26
C PRO C 43 -11.23 9.11 11.84
N CYS C 44 -10.35 8.76 12.77
CA CYS C 44 -9.54 9.73 13.49
C CYS C 44 -8.04 9.58 13.21
N PRO C 45 -7.25 10.67 13.41
CA PRO C 45 -5.80 10.58 13.24
C PRO C 45 -5.20 9.61 14.25
N VAL C 46 -4.02 9.08 13.92
CA VAL C 46 -3.32 8.10 14.72
C VAL C 46 -1.97 8.64 15.21
N VAL C 47 -1.75 8.60 16.52
CA VAL C 47 -0.40 8.79 17.06
C VAL C 47 0.16 7.43 17.46
N TRP C 48 1.37 7.15 17.01
CA TRP C 48 2.07 5.90 17.33
C TRP C 48 3.03 6.18 18.47
N TYR C 49 2.88 5.50 19.61
CA TYR C 49 3.80 5.63 20.74
C TYR C 49 4.74 4.44 20.83
N LEU C 50 6.04 4.73 20.73
CA LEU C 50 7.07 3.70 20.81
C LEU C 50 7.74 3.70 22.18
N SER C 51 7.75 2.53 22.81
CA SER C 51 8.28 2.43 24.17
C SER C 51 9.77 2.12 24.24
N GLY C 52 10.33 2.29 25.43
CA GLY C 52 11.78 2.14 25.65
C GLY C 52 12.18 0.75 26.08
N LEU C 53 13.47 0.59 26.36
CA LEU C 53 14.01 -0.69 26.84
C LEU C 53 13.20 -1.30 27.97
N THR C 54 12.96 -2.61 27.83
CA THR C 54 12.28 -3.48 28.82
C THR C 54 10.76 -3.43 28.81
N CYS C 55 10.20 -2.48 28.07
CA CYS C 55 8.77 -2.23 28.09
C CYS C 55 7.99 -3.14 27.14
N THR C 56 6.69 -3.22 27.36
CA THR C 56 5.77 -3.81 26.40
C THR C 56 4.80 -2.65 26.11
N HIS C 57 3.63 -2.97 25.57
CA HIS C 57 2.57 -1.97 25.42
C HIS C 57 2.11 -1.44 26.79
N ALA C 58 2.31 -2.25 27.83
CA ALA C 58 1.67 -2.05 29.14
C ALA C 58 2.09 -0.82 29.92
N ASN C 59 3.39 -0.51 29.89
CA ASN C 59 3.93 0.59 30.69
C ASN C 59 3.21 1.93 30.41
N VAL C 60 3.29 2.38 29.16
CA VAL C 60 2.61 3.61 28.75
C VAL C 60 1.08 3.48 28.86
N GLU C 62 -0.67 1.80 31.01
CA GLU C 62 -1.06 1.92 32.41
C GLU C 62 -0.68 3.26 33.04
N LYS C 63 0.43 3.86 32.60
CA LYS C 63 1.06 4.99 33.31
C LYS C 63 1.32 6.26 32.47
N GLY C 64 1.08 6.18 31.17
CA GLY C 64 1.36 7.30 30.26
C GLY C 64 0.38 8.47 30.39
N GLU C 65 -0.78 8.20 30.96
CA GLU C 65 -1.86 9.20 31.12
C GLU C 65 -2.17 9.98 29.83
N TYR C 66 -2.38 9.23 28.74
CA TYR C 66 -2.67 9.82 27.44
C TYR C 66 -4.17 9.84 27.06
N ARG C 67 -4.98 9.03 27.76
CA ARG C 67 -6.38 8.83 27.33
C ARG C 67 -7.28 10.04 27.52
N ARG C 68 -7.08 10.81 28.60
CA ARG C 68 -7.90 12.00 28.84
C ARG C 68 -7.79 12.97 27.67
N ALA C 70 -6.17 12.36 24.70
CA ALA C 70 -6.45 11.65 23.45
C ALA C 70 -7.95 11.67 23.14
N SER C 71 -8.78 11.47 24.16
CA SER C 71 -10.23 11.49 24.04
C SER C 71 -10.71 12.89 23.61
N GLU C 72 -10.20 13.90 24.31
CA GLU C 72 -10.59 15.27 24.03
C GLU C 72 -10.17 15.69 22.64
N LEU C 73 -8.97 15.31 22.23
CA LEU C 73 -8.48 15.72 20.90
C LEU C 73 -8.97 14.82 19.75
N GLY C 74 -9.55 13.66 20.06
CA GLY C 74 -9.97 12.73 19.00
C GLY C 74 -8.79 12.01 18.36
N LEU C 75 -7.90 11.49 19.19
CA LEU C 75 -6.71 10.78 18.69
C LEU C 75 -6.73 9.31 19.05
N VAL C 76 -6.54 8.49 18.01
CA VAL C 76 -6.30 7.05 18.17
C VAL C 76 -4.86 6.88 18.65
N VAL C 77 -4.66 6.10 19.71
CA VAL C 77 -3.31 5.89 20.24
C VAL C 77 -2.86 4.44 20.15
N VAL C 78 -1.84 4.19 19.33
CA VAL C 78 -1.32 2.83 19.15
C VAL C 78 0.00 2.64 19.87
N CYS C 79 0.06 1.62 20.70
CA CYS C 79 1.29 1.31 21.44
C CYS C 79 1.78 -0.11 21.14
N PRO C 80 2.77 -0.25 20.24
CA PRO C 80 3.32 -1.58 19.92
C PRO C 80 4.24 -2.10 21.02
N ASP C 81 4.65 -3.36 20.89
CA ASP C 81 5.69 -3.92 21.77
C ASP C 81 7.06 -3.35 21.34
N THR C 82 8.13 -3.86 21.97
CA THR C 82 9.49 -3.33 21.78
C THR C 82 10.47 -4.31 21.12
N SER C 83 10.02 -5.55 20.93
CA SER C 83 10.83 -6.60 20.33
C SER C 83 9.91 -7.74 19.90
N PRO C 84 10.44 -8.70 19.12
CA PRO C 84 9.75 -9.98 18.97
C PRO C 84 9.68 -10.70 20.32
N ARG C 85 8.87 -11.75 20.39
CA ARG C 85 8.55 -12.47 21.62
C ARG C 85 8.24 -13.92 21.28
N GLY C 86 8.64 -14.83 22.16
CA GLY C 86 8.38 -16.27 22.01
C GLY C 86 9.58 -17.10 22.43
N ASN C 87 9.38 -18.40 22.66
CA ASN C 87 10.47 -19.26 23.11
C ASN C 87 11.56 -19.47 22.07
N ASP C 88 11.17 -19.34 20.80
CA ASP C 88 12.08 -19.53 19.67
C ASP C 88 12.93 -18.28 19.39
N VAL C 89 12.51 -17.15 19.96
CA VAL C 89 13.21 -15.89 19.75
C VAL C 89 14.46 -15.81 20.65
N PRO C 90 15.64 -15.58 20.04
CA PRO C 90 16.88 -15.52 20.83
C PRO C 90 16.92 -14.29 21.74
N ASP C 91 17.85 -14.29 22.70
CA ASP C 91 17.93 -13.24 23.71
C ASP C 91 19.29 -13.28 24.40
N GLU C 92 19.65 -12.16 25.03
CA GLU C 92 20.70 -12.15 26.04
C GLU C 92 19.97 -12.05 27.38
N LEU C 93 19.80 -13.20 28.02
CA LEU C 93 19.00 -13.33 29.23
C LEU C 93 19.42 -12.42 30.37
N THR C 94 20.71 -12.12 30.47
CA THR C 94 21.21 -11.32 31.59
C THR C 94 21.54 -9.87 31.22
N ASN C 95 21.10 -9.43 30.04
CA ASN C 95 21.30 -8.05 29.60
C ASN C 95 19.96 -7.44 29.17
N TRP C 96 19.42 -6.56 30.01
CA TRP C 96 18.17 -5.87 29.72
C TRP C 96 18.27 -4.86 28.56
N GLN C 97 19.50 -4.60 28.14
CA GLN C 97 19.82 -3.67 27.05
C GLN C 97 19.98 -4.37 25.70
N GLY C 99 18.41 -7.82 23.06
CA GLY C 99 17.45 -8.88 22.76
C GLY C 99 16.02 -8.50 23.10
N LYS C 100 15.41 -9.27 24.00
CA LYS C 100 14.02 -9.07 24.36
C LYS C 100 13.81 -7.76 25.10
N GLY C 101 12.77 -7.03 24.70
CA GLY C 101 12.50 -5.69 25.20
C GLY C 101 13.54 -4.69 24.73
N ALA C 102 14.27 -5.05 23.68
CA ALA C 102 15.42 -4.27 23.20
C ALA C 102 15.63 -4.36 21.67
N GLY C 103 14.55 -4.25 20.91
CA GLY C 103 14.59 -4.40 19.44
C GLY C 103 15.27 -3.27 18.69
N PHE C 104 15.39 -2.13 19.35
CA PHE C 104 16.01 -0.91 18.81
C PHE C 104 15.42 -0.36 17.48
N TYR C 105 14.19 -0.79 17.16
CA TYR C 105 13.42 -0.28 16.01
C TYR C 105 14.23 -0.31 14.70
N LEU C 106 14.99 -1.40 14.54
CA LEU C 106 15.85 -1.61 13.39
C LEU C 106 15.54 -2.94 12.73
N ASP C 107 16.13 -3.16 11.56
CA ASP C 107 16.02 -4.45 10.90
C ASP C 107 17.36 -5.19 11.02
N ALA C 108 17.40 -6.20 11.89
CA ALA C 108 18.66 -6.90 12.17
C ALA C 108 19.10 -7.72 10.99
N THR C 109 20.41 -7.76 10.76
CA THR C 109 20.96 -8.48 9.61
C THR C 109 21.91 -9.60 10.05
N GLU C 110 22.23 -9.65 11.34
CA GLU C 110 23.16 -10.66 11.86
C GLU C 110 22.45 -11.79 12.59
N GLU C 111 22.90 -13.01 12.35
CA GLU C 111 22.41 -14.18 13.09
C GLU C 111 22.80 -14.09 14.57
N PRO C 112 21.95 -14.64 15.46
CA PRO C 112 20.64 -15.24 15.18
C PRO C 112 19.50 -14.23 15.15
N TRP C 113 19.83 -12.94 15.29
CA TRP C 113 18.84 -11.87 15.45
C TRP C 113 18.04 -11.49 14.19
N SER C 114 18.63 -11.71 13.03
CA SER C 114 17.99 -11.35 11.78
C SER C 114 16.67 -12.10 11.55
N GLU C 115 16.56 -13.32 12.09
CA GLU C 115 15.32 -14.12 11.94
C GLU C 115 14.04 -13.44 12.46
N HIS C 116 14.13 -12.78 13.62
CA HIS C 116 12.94 -12.23 14.29
C HIS C 116 12.99 -10.73 14.48
N TYR C 117 14.20 -10.19 14.60
CA TYR C 117 14.40 -8.80 14.98
C TYR C 117 14.29 -7.82 13.78
N GLN C 118 13.06 -7.69 13.29
CA GLN C 118 12.72 -6.83 12.16
C GLN C 118 11.70 -5.79 12.59
N TYR C 120 11.85 -2.40 12.64
CA TYR C 120 11.60 -1.28 11.72
C TYR C 120 10.50 -1.65 10.74
N SER C 121 10.63 -2.83 10.12
CA SER C 121 9.63 -3.30 9.18
C SER C 121 8.28 -3.52 9.83
N TYR C 122 8.29 -4.08 11.04
CA TYR C 122 7.07 -4.30 11.82
C TYR C 122 6.29 -3.00 12.07
N VAL C 123 6.99 -2.00 12.58
CA VAL C 123 6.36 -0.73 12.96
C VAL C 123 5.94 0.11 11.75
N THR C 124 6.71 0.05 10.66
CA THR C 124 6.43 0.93 9.51
C THR C 124 5.60 0.28 8.42
N GLU C 125 5.53 -1.04 8.42
CA GLU C 125 4.80 -1.77 7.37
C GLU C 125 3.66 -2.66 7.88
N GLU C 126 4.02 -3.71 8.64
CA GLU C 126 3.05 -4.73 9.02
C GLU C 126 1.96 -4.27 9.98
N LEU C 127 2.34 -3.55 11.03
CA LEU C 127 1.36 -3.11 12.02
C LEU C 127 0.42 -2.01 11.48
N PRO C 128 0.96 -1.02 10.75
CA PRO C 128 0.05 -0.03 10.13
C PRO C 128 -1.00 -0.66 9.22
N ALA C 129 -0.65 -1.65 8.41
CA ALA C 129 -1.63 -2.40 7.62
C ALA C 129 -2.75 -2.98 8.49
N LEU C 130 -2.38 -3.62 9.60
CA LEU C 130 -3.36 -4.24 10.50
C LEU C 130 -4.25 -3.18 11.15
N ILE C 131 -3.65 -2.09 11.60
CA ILE C 131 -4.38 -0.97 12.19
C ILE C 131 -5.35 -0.34 11.20
N GLY C 132 -4.90 -0.12 9.96
CA GLY C 132 -5.74 0.39 8.89
C GLY C 132 -6.94 -0.51 8.61
N GLN C 133 -6.72 -1.83 8.71
CA GLN C 133 -7.75 -2.83 8.41
C GLN C 133 -8.80 -2.98 9.52
N HIS C 134 -8.42 -2.72 10.77
CA HIS C 134 -9.28 -3.08 11.90
C HIS C 134 -9.89 -1.93 12.72
N PHE C 135 -9.41 -0.72 12.48
CA PHE C 135 -9.82 0.44 13.29
C PHE C 135 -10.31 1.62 12.45
N ARG C 136 -11.12 2.48 13.07
CA ARG C 136 -11.57 3.74 12.47
C ARG C 136 -10.44 4.75 12.53
N ALA C 137 -9.37 4.47 11.80
CA ALA C 137 -8.17 5.28 11.82
C ALA C 137 -7.94 5.89 10.45
N ASP C 138 -7.67 7.19 10.43
CA ASP C 138 -7.39 7.90 9.20
C ASP C 138 -5.91 7.83 8.89
N SER C 140 -4.20 8.72 6.47
CA SER C 140 -3.62 9.91 5.86
C SER C 140 -3.11 10.87 6.94
N ARG C 141 -3.58 10.70 8.18
CA ARG C 141 -3.15 11.59 9.28
C ARG C 141 -2.53 10.78 10.42
N GLN C 142 -1.22 10.61 10.36
CA GLN C 142 -0.46 9.84 11.35
C GLN C 142 0.73 10.64 11.83
N SER C 143 1.06 10.47 13.12
CA SER C 143 2.23 11.07 13.73
C SER C 143 2.89 10.01 14.64
N ILE C 144 4.13 10.27 15.05
CA ILE C 144 4.91 9.28 15.79
C ILE C 144 5.70 9.92 16.92
N PHE C 145 5.68 9.25 18.08
CA PHE C 145 6.44 9.71 19.22
C PHE C 145 6.85 8.54 20.11
N GLY C 146 7.60 8.84 21.18
CA GLY C 146 8.04 7.78 22.06
C GLY C 146 9.03 8.17 23.13
N HIS C 147 9.46 7.16 23.87
CA HIS C 147 10.32 7.35 25.01
C HIS C 147 11.65 6.61 24.86
N SER C 148 12.76 7.35 24.99
CA SER C 148 14.14 6.80 25.07
C SER C 148 14.53 6.00 23.80
N GLY C 150 12.47 4.28 22.28
CA GLY C 150 11.30 4.60 21.45
C GLY C 150 11.32 6.00 20.85
N GLY C 151 12.04 6.93 21.50
CA GLY C 151 12.27 8.27 20.96
C GLY C 151 13.24 8.20 19.79
N HIS C 152 14.26 7.36 19.94
CA HIS C 152 15.13 6.97 18.85
C HIS C 152 14.31 6.35 17.71
N GLY C 153 13.43 5.42 18.06
CA GLY C 153 12.56 4.78 17.09
C GLY C 153 11.73 5.80 16.31
N ALA C 154 11.01 6.66 17.03
CA ALA C 154 10.16 7.68 16.41
C ALA C 154 10.91 8.62 15.46
N THR C 156 14.05 8.38 14.03
CA THR C 156 14.66 7.73 12.89
C THR C 156 13.59 7.33 11.86
N ILE C 157 12.45 6.84 12.36
CA ILE C 157 11.34 6.45 11.51
C ILE C 157 10.75 7.67 10.77
N ALA C 158 10.61 8.79 11.46
CA ALA C 158 10.09 10.04 10.86
C ALA C 158 11.03 10.60 9.80
N LEU C 159 12.34 10.58 10.08
CA LEU C 159 13.34 11.08 9.14
C LEU C 159 13.37 10.26 7.84
N LYS C 160 13.12 8.97 7.96
CA LYS C 160 13.10 8.08 6.78
C LYS C 160 11.74 8.02 6.09
N ASN C 161 10.71 8.52 6.76
CA ASN C 161 9.36 8.49 6.23
C ASN C 161 8.69 9.85 6.47
N PRO C 162 9.27 10.94 5.94
CA PRO C 162 8.81 12.28 6.28
C PRO C 162 7.38 12.64 5.85
N GLU C 163 6.88 12.06 4.76
CA GLU C 163 5.53 12.37 4.31
C GLU C 163 4.50 11.55 5.10
N ARG C 164 4.90 10.38 5.56
CA ARG C 164 3.94 9.54 6.28
C ARG C 164 3.50 10.12 7.62
N PHE C 165 4.37 10.88 8.28
CA PHE C 165 4.09 11.41 9.62
C PHE C 165 4.07 12.92 9.63
N LYS C 166 3.00 13.49 10.19
CA LYS C 166 2.80 14.94 10.19
C LYS C 166 3.69 15.64 11.20
N SER C 167 3.97 14.93 12.31
CA SER C 167 4.75 15.47 13.37
C SER C 167 5.49 14.36 14.13
N CYS C 168 6.48 14.76 14.91
CA CYS C 168 7.29 13.83 15.69
C CYS C 168 7.74 14.53 16.98
N SER C 169 7.69 13.78 18.08
CA SER C 169 8.14 14.27 19.36
C SER C 169 8.79 13.13 20.12
N ALA C 170 9.51 13.46 21.18
CA ALA C 170 10.09 12.42 22.05
C ALA C 170 10.27 12.85 23.50
N PHE C 171 10.21 11.85 24.39
CA PHE C 171 10.50 11.97 25.80
C PHE C 171 11.84 11.28 25.96
N ALA C 172 12.87 12.05 26.35
CA ALA C 172 14.22 11.51 26.61
C ALA C 172 14.79 10.59 25.52
N PRO C 173 14.80 11.04 24.25
CA PRO C 173 15.24 10.19 23.16
C PRO C 173 16.75 9.91 23.16
N ILE C 174 17.11 8.75 22.63
CA ILE C 174 18.48 8.39 22.34
C ILE C 174 18.76 8.91 20.93
N VAL C 175 19.29 10.13 20.84
CA VAL C 175 19.40 10.81 19.54
C VAL C 175 20.59 10.36 18.70
N ALA C 176 21.59 9.77 19.38
CA ALA C 176 22.82 9.34 18.72
C ALA C 176 23.26 7.99 19.30
N PRO C 177 22.48 6.93 18.99
CA PRO C 177 22.68 5.59 19.54
C PRO C 177 24.01 4.93 19.19
N SER C 178 24.68 5.47 18.16
CA SER C 178 25.96 4.95 17.67
C SER C 178 27.09 5.14 18.69
N SER C 179 26.94 6.14 19.54
CA SER C 179 27.94 6.44 20.55
C SER C 179 27.40 6.40 21.99
N ALA C 180 26.14 6.01 22.16
CA ALA C 180 25.52 5.93 23.49
C ALA C 180 25.89 4.61 24.16
N ASP C 181 26.15 4.64 25.46
CA ASP C 181 26.62 3.44 26.19
C ASP C 181 25.69 2.21 26.10
N TRP C 182 24.37 2.44 26.21
CA TRP C 182 23.41 1.33 26.23
C TRP C 182 22.97 0.79 24.89
N SER C 183 23.34 1.49 23.80
CA SER C 183 22.85 1.15 22.48
C SER C 183 23.95 0.72 21.51
N GLU C 184 25.13 1.32 21.65
CA GLU C 184 26.25 1.02 20.75
C GLU C 184 26.55 -0.50 20.70
N PRO C 185 26.59 -1.17 21.88
CA PRO C 185 26.72 -2.63 21.84
C PRO C 185 25.64 -3.33 21.03
N ALA C 186 24.40 -2.85 21.12
CA ALA C 186 23.27 -3.49 20.44
C ALA C 186 23.34 -3.33 18.91
N LEU C 187 23.64 -2.11 18.46
CA LEU C 187 23.82 -1.84 17.03
C LEU C 187 24.88 -2.76 16.41
N GLU C 188 25.97 -2.99 17.14
CA GLU C 188 27.02 -3.88 16.66
C GLU C 188 26.54 -5.33 16.58
N LYS C 189 25.77 -5.77 17.56
CA LYS C 189 25.26 -7.14 17.59
C LYS C 189 24.20 -7.37 16.51
N TYR C 190 23.27 -6.42 16.39
CA TYR C 190 22.20 -6.51 15.39
C TYR C 190 22.67 -6.28 13.96
N LEU C 191 23.55 -5.31 13.75
CA LEU C 191 23.91 -4.85 12.40
C LEU C 191 25.36 -5.13 11.99
N GLY C 192 26.18 -5.61 12.93
CA GLY C 192 27.57 -5.91 12.63
C GLY C 192 28.52 -4.79 13.01
N ALA C 193 29.81 -5.11 12.91
CA ALA C 193 30.90 -4.25 13.37
C ALA C 193 31.17 -3.03 12.50
N ASP C 194 30.72 -3.07 11.25
CA ASP C 194 30.92 -1.97 10.30
C ASP C 194 29.89 -0.88 10.54
N ARG C 195 30.36 0.23 11.09
CA ARG C 195 29.51 1.31 11.58
C ARG C 195 28.77 2.11 10.50
N ALA C 196 29.12 1.85 9.23
CA ALA C 196 28.38 2.45 8.11
C ALA C 196 26.95 1.90 8.03
N ALA C 197 26.78 0.64 8.44
CA ALA C 197 25.46 0.00 8.45
C ALA C 197 24.51 0.57 9.52
N TRP C 198 25.07 1.31 10.48
CA TRP C 198 24.31 1.89 11.59
C TRP C 198 23.67 3.24 11.24
N ARG C 199 24.22 3.88 10.20
CA ARG C 199 23.84 5.27 9.87
C ARG C 199 22.35 5.51 9.67
N ARG C 200 21.65 4.57 9.07
CA ARG C 200 20.22 4.75 8.82
C ARG C 200 19.34 4.46 10.04
N TYR C 201 19.98 4.10 11.15
CA TYR C 201 19.32 3.87 12.44
C TYR C 201 19.85 4.77 13.55
N ASP C 202 20.30 5.95 13.17
CA ASP C 202 20.85 6.95 14.10
C ASP C 202 20.29 8.29 13.62
N ALA C 203 19.50 8.93 14.47
CA ALA C 203 18.84 10.19 14.13
C ALA C 203 19.85 11.25 13.68
N CYS C 204 21.00 11.31 14.36
CA CYS C 204 22.03 12.30 14.02
C CYS C 204 22.69 11.99 12.67
N SER C 205 23.05 10.72 12.45
CA SER C 205 23.63 10.29 11.18
C SER C 205 22.68 10.53 10.01
N LEU C 206 21.40 10.21 10.22
CA LEU C 206 20.36 10.44 9.19
C LEU C 206 20.33 11.88 8.68
N VAL C 207 20.41 12.83 9.61
CA VAL C 207 20.41 14.27 9.31
C VAL C 207 21.69 14.65 8.54
N GLU C 208 22.83 14.23 9.07
CA GLU C 208 24.13 14.40 8.40
C GLU C 208 24.06 13.83 6.98
N ASP C 209 23.40 12.69 6.82
CA ASP C 209 23.27 12.06 5.50
C ASP C 209 22.23 12.67 4.55
N GLY C 210 21.45 13.61 5.04
CA GLY C 210 20.51 14.34 4.18
C GLY C 210 19.03 14.22 4.49
N ALA C 211 18.66 13.30 5.38
CA ALA C 211 17.25 13.14 5.76
C ALA C 211 16.77 14.38 6.50
N ARG C 212 15.49 14.69 6.30
CA ARG C 212 14.90 15.89 6.86
C ARG C 212 13.51 15.58 7.42
N PHE C 213 13.05 16.44 8.31
CA PHE C 213 11.70 16.39 8.85
C PHE C 213 11.37 17.82 9.30
N PRO C 214 10.08 18.25 9.18
CA PRO C 214 9.80 19.66 9.48
C PRO C 214 10.34 20.15 10.80
N GLU C 215 9.99 19.45 11.88
CA GLU C 215 10.41 19.84 13.23
C GLU C 215 10.20 18.73 14.26
N PHE C 216 10.85 18.87 15.41
CA PHE C 216 10.74 17.91 16.51
C PHE C 216 10.50 18.62 17.83
N LEU C 217 9.58 18.08 18.63
CA LEU C 217 9.47 18.45 20.04
C LEU C 217 10.17 17.40 20.88
N ILE C 218 11.13 17.83 21.69
CA ILE C 218 11.83 16.94 22.61
C ILE C 218 11.77 17.49 24.03
N ASP C 219 11.29 16.66 24.96
CA ASP C 219 11.32 16.97 26.39
C ASP C 219 12.35 16.11 27.12
N GLN C 220 13.14 16.74 28.01
CA GLN C 220 14.19 16.02 28.71
C GLN C 220 14.33 16.51 30.16
N GLY C 221 14.24 15.57 31.11
CA GLY C 221 14.45 15.88 32.51
C GLY C 221 15.94 16.04 32.78
N LYS C 222 16.30 17.06 33.55
CA LYS C 222 17.71 17.30 33.86
C LYS C 222 18.22 16.29 34.89
N ALA C 223 17.30 15.70 35.66
CA ALA C 223 17.65 14.74 36.69
C ALA C 223 17.58 13.29 36.19
N ASP C 224 17.41 13.14 34.88
CA ASP C 224 17.42 11.84 34.20
C ASP C 224 18.82 11.22 34.30
N SER C 225 18.90 10.03 34.91
CA SER C 225 20.19 9.40 35.21
C SER C 225 20.96 8.95 33.95
N PHE C 226 20.25 8.83 32.83
CA PHE C 226 20.86 8.41 31.57
C PHE C 226 21.29 9.59 30.69
N LEU C 227 21.05 10.82 31.16
CA LEU C 227 21.29 12.02 30.34
C LEU C 227 22.68 12.14 29.72
N GLU C 228 23.72 11.97 30.55
CA GLU C 228 25.09 12.26 30.12
C GLU C 228 25.71 11.27 29.14
N LYS C 229 25.45 9.99 29.34
CA LYS C 229 26.11 8.96 28.55
C LYS C 229 25.17 8.16 27.63
N GLY C 230 23.87 8.32 27.82
CA GLY C 230 22.92 7.57 27.01
C GLY C 230 22.00 8.39 26.11
N LEU C 231 21.80 9.66 26.44
CA LEU C 231 20.78 10.48 25.75
C LEU C 231 21.36 11.65 24.94
N ARG C 232 22.03 12.57 25.65
CA ARG C 232 22.77 13.67 25.02
C ARG C 232 22.04 14.38 23.88
N PRO C 233 20.88 15.01 24.19
CA PRO C 233 20.08 15.65 23.15
C PRO C 233 20.80 16.81 22.44
N TRP C 234 21.74 17.46 23.12
CA TRP C 234 22.58 18.51 22.50
C TRP C 234 23.20 18.07 21.16
N LEU C 235 23.46 16.78 21.00
CA LEU C 235 24.02 16.24 19.76
C LEU C 235 23.07 16.34 18.58
N PHE C 236 21.76 16.32 18.83
CA PHE C 236 20.80 16.50 17.74
C PHE C 236 20.75 17.98 17.36
N GLU C 237 20.82 18.85 18.37
CA GLU C 237 20.95 20.30 18.14
C GLU C 237 22.11 20.60 17.20
N GLU C 238 23.22 19.88 17.40
CA GLU C 238 24.44 20.03 16.60
C GLU C 238 24.24 19.49 15.19
N ALA C 239 23.53 18.35 15.08
CA ALA C 239 23.26 17.71 13.79
C ALA C 239 22.40 18.58 12.87
N ILE C 240 21.43 19.28 13.46
CA ILE C 240 20.50 20.07 12.68
C ILE C 240 20.99 21.46 12.23
N LYS C 241 22.20 21.85 12.66
CA LYS C 241 22.79 23.14 12.21
C LYS C 241 23.04 23.08 10.71
N GLY C 242 22.75 24.18 10.02
CA GLY C 242 22.91 24.23 8.57
C GLY C 242 21.77 23.56 7.81
N THR C 243 20.74 23.13 8.55
CA THR C 243 19.53 22.53 7.97
C THR C 243 18.31 23.36 8.38
N ASP C 244 17.16 23.10 7.79
CA ASP C 244 15.96 23.85 8.16
C ASP C 244 15.06 23.08 9.14
N ILE C 245 15.61 22.03 9.75
CA ILE C 245 14.87 21.24 10.73
C ILE C 245 14.61 22.06 11.98
N GLY C 246 13.33 22.22 12.34
CA GLY C 246 12.95 22.93 13.55
C GLY C 246 13.12 22.05 14.79
N LEU C 247 13.56 22.65 15.90
CA LEU C 247 13.62 21.90 17.15
C LEU C 247 13.10 22.71 18.33
N THR C 248 12.21 22.09 19.10
CA THR C 248 11.82 22.63 20.39
C THR C 248 12.33 21.63 21.43
N LEU C 249 13.50 21.95 21.98
CA LEU C 249 14.11 21.12 23.01
C LEU C 249 13.91 21.80 24.36
N ARG C 250 13.20 21.13 25.25
CA ARG C 250 12.90 21.66 26.56
C ARG C 250 13.55 20.81 27.64
N HIS C 252 13.99 20.16 31.65
CA HIS C 252 13.18 20.37 32.85
C HIS C 252 13.93 20.00 34.14
N ASP C 253 14.00 20.98 35.05
CA ASP C 253 14.56 20.78 36.38
C ASP C 253 13.80 19.71 37.13
N ARG C 254 14.51 18.91 37.92
CA ARG C 254 13.92 17.91 38.84
C ARG C 254 13.37 16.63 38.19
N TYR C 255 12.97 16.68 36.92
CA TYR C 255 12.37 15.48 36.26
C TYR C 255 13.38 14.41 35.89
N ASP C 256 12.94 13.15 35.98
CA ASP C 256 13.81 12.02 35.69
C ASP C 256 13.39 11.27 34.41
N HIS C 257 13.84 10.04 34.25
CA HIS C 257 13.57 9.22 33.06
C HIS C 257 12.21 8.52 33.07
N SER C 258 11.53 8.56 34.21
CA SER C 258 10.36 7.68 34.48
C SER C 258 9.02 8.14 33.88
N TYR C 259 7.98 7.32 34.11
CA TYR C 259 6.63 7.66 33.66
C TYR C 259 5.99 8.84 34.41
N TYR C 260 6.55 9.20 35.56
CA TYR C 260 6.18 10.44 36.27
C TYR C 260 6.50 11.69 35.46
N PHE C 261 7.65 11.67 34.78
CA PHE C 261 8.04 12.73 33.84
C PHE C 261 7.23 12.68 32.54
N ILE C 262 7.13 11.49 31.94
CA ILE C 262 6.36 11.31 30.69
C ILE C 262 4.90 11.77 30.86
N SER C 263 4.26 11.30 31.92
CA SER C 263 2.86 11.67 32.18
C SER C 263 2.65 13.17 32.34
N THR C 264 3.60 13.83 33.00
CA THR C 264 3.53 15.28 33.21
C THR C 264 3.44 16.05 31.89
N PHE C 265 4.28 15.68 30.93
CA PHE C 265 4.34 16.37 29.67
C PHE C 265 3.56 15.69 28.52
N ASP C 267 0.22 15.60 27.80
CA ASP C 267 -0.74 16.52 27.16
C ASP C 267 -0.11 17.45 26.14
N ASP C 268 1.04 18.04 26.50
CA ASP C 268 1.81 18.90 25.59
C ASP C 268 2.11 18.18 24.28
N HIS C 269 2.53 16.92 24.36
CA HIS C 269 2.86 16.12 23.18
C HIS C 269 1.62 15.80 22.34
N LEU C 270 0.54 15.41 22.99
CA LEU C 270 -0.71 15.13 22.27
C LEU C 270 -1.23 16.36 21.51
N LYS C 271 -1.13 17.54 22.12
CA LYS C 271 -1.58 18.78 21.48
C LYS C 271 -0.64 19.16 20.35
N TRP C 272 0.65 18.90 20.53
CA TRP C 272 1.67 19.12 19.50
C TRP C 272 1.27 18.39 18.21
N HIS C 273 0.95 17.12 18.35
CA HIS C 273 0.54 16.28 17.23
C HIS C 273 -0.83 16.63 16.67
N ALA C 274 -1.83 16.84 17.52
CA ALA C 274 -3.18 17.19 17.07
C ALA C 274 -3.17 18.47 16.24
N GLU C 275 -2.43 19.49 16.69
CA GLU C 275 -2.30 20.74 15.95
C GLU C 275 -1.71 20.52 14.54
N ARG C 276 -0.76 19.59 14.44
CA ARG C 276 -0.06 19.32 13.18
C ARG C 276 -0.69 18.19 12.35
N LEU C 277 -1.57 17.42 12.98
CA LEU C 277 -2.28 16.37 12.25
C LEU C 277 -3.39 16.94 11.39
N GLY C 278 -4.07 17.97 11.90
CA GLY C 278 -5.15 18.64 11.19
C GLY C 278 -6.35 17.75 10.95
N GLY D 1 -12.76 -12.19 25.73
CA GLY D 1 -11.91 -12.17 24.50
C GLY D 1 -12.65 -12.65 23.25
N ASN D 3 -11.89 -13.30 18.78
CA ASN D 3 -11.04 -13.23 17.60
C ASN D 3 -11.79 -12.79 16.35
N ILE D 4 -11.21 -11.85 15.60
CA ILE D 4 -11.78 -11.37 14.34
C ILE D 4 -11.20 -12.16 13.17
N ILE D 5 -12.04 -12.96 12.53
CA ILE D 5 -11.62 -13.82 11.41
C ILE D 5 -11.66 -13.06 10.08
N SER D 6 -12.71 -12.27 9.88
CA SER D 6 -12.85 -11.49 8.64
C SER D 6 -13.77 -10.31 8.86
N GLN D 7 -13.58 -9.28 8.03
CA GLN D 7 -14.41 -8.07 8.01
C GLN D 7 -14.49 -7.60 6.56
N ASN D 8 -15.71 -7.47 6.05
CA ASN D 8 -15.94 -7.02 4.68
C ASN D 8 -17.06 -6.01 4.66
N THR D 9 -16.82 -4.90 3.99
CA THR D 9 -17.82 -3.85 3.86
C THR D 9 -18.94 -4.31 2.92
N ALA D 10 -20.17 -4.17 3.40
CA ALA D 10 -21.33 -4.53 2.59
C ALA D 10 -22.45 -3.55 2.89
N PHE D 11 -22.97 -2.92 1.84
CA PHE D 11 -24.04 -1.93 1.94
C PHE D 11 -23.73 -0.83 2.98
N GLY D 12 -22.50 -0.33 2.94
CA GLY D 12 -22.07 0.72 3.86
C GLY D 12 -21.86 0.25 5.29
N GLY D 13 -22.16 -1.03 5.54
CA GLY D 13 -22.01 -1.64 6.85
C GLY D 13 -20.85 -2.61 6.87
N GLN D 15 -19.86 -6.76 7.43
CA GLN D 15 -20.12 -8.16 7.73
C GLN D 15 -18.83 -8.74 8.32
N GLY D 16 -18.93 -9.20 9.56
CA GLY D 16 -17.78 -9.84 10.21
C GLY D 16 -17.97 -11.31 10.54
N VAL D 17 -16.85 -12.02 10.67
CA VAL D 17 -16.82 -13.38 11.16
C VAL D 17 -15.86 -13.40 12.35
N PHE D 18 -16.30 -14.06 13.43
CA PHE D 18 -15.61 -14.00 14.70
C PHE D 18 -15.55 -15.38 15.37
N SER D 19 -14.60 -15.54 16.29
CA SER D 19 -14.57 -16.73 17.14
C SER D 19 -14.31 -16.41 18.60
N HIS D 20 -14.71 -17.33 19.48
CA HIS D 20 -14.43 -17.19 20.90
C HIS D 20 -14.35 -18.57 21.56
N GLN D 21 -13.81 -18.63 22.77
CA GLN D 21 -13.81 -19.88 23.52
C GLN D 21 -15.09 -19.88 24.31
N SER D 22 -15.99 -20.81 23.97
CA SER D 22 -17.25 -20.91 24.69
C SER D 22 -17.08 -21.74 25.94
N GLU D 23 -17.50 -21.19 27.07
CA GLU D 23 -17.46 -21.89 28.35
C GLU D 23 -18.67 -22.82 28.50
N THR D 24 -19.84 -22.39 28.02
CA THR D 24 -21.04 -23.23 28.10
C THR D 24 -20.98 -24.48 27.19
N LEU D 25 -20.24 -24.38 26.09
CA LEU D 25 -20.15 -25.46 25.10
C LEU D 25 -18.80 -26.15 25.14
N LYS D 26 -17.89 -25.64 25.96
CA LYS D 26 -16.51 -26.13 26.05
C LYS D 26 -15.94 -26.34 24.67
N SER D 27 -16.17 -25.35 23.79
CA SER D 27 -15.79 -25.43 22.37
C SER D 27 -15.35 -24.07 21.87
N GLU D 28 -14.45 -24.05 20.89
CA GLU D 28 -14.15 -22.83 20.16
C GLU D 28 -15.26 -22.59 19.13
N THR D 30 -17.58 -20.23 16.28
CA THR D 30 -17.55 -19.21 15.24
C THR D 30 -18.95 -18.69 15.01
N PHE D 31 -19.07 -17.38 14.85
CA PHE D 31 -20.34 -16.75 14.58
C PHE D 31 -20.14 -15.54 13.66
N ALA D 32 -21.23 -15.02 13.12
CA ALA D 32 -21.15 -13.87 12.23
C ALA D 32 -21.98 -12.74 12.77
N VAL D 33 -21.48 -11.51 12.61
CA VAL D 33 -22.24 -10.31 12.96
C VAL D 33 -22.15 -9.31 11.82
N TYR D 34 -23.32 -8.84 11.38
CA TYR D 34 -23.42 -7.71 10.44
C TYR D 34 -23.80 -6.45 11.20
N VAL D 35 -22.96 -5.42 11.07
CA VAL D 35 -23.18 -4.13 11.72
C VAL D 35 -23.53 -3.13 10.63
N PRO D 36 -24.71 -2.46 10.74
CA PRO D 36 -25.21 -1.50 9.74
C PRO D 36 -24.56 -0.09 9.82
N PRO D 37 -24.70 0.72 8.75
CA PRO D 37 -24.21 2.10 8.75
C PRO D 37 -24.66 2.95 9.97
N LYS D 38 -25.92 2.81 10.37
CA LYS D 38 -26.52 3.57 11.49
C LYS D 38 -25.75 3.43 12.81
N ALA D 39 -25.11 2.28 13.02
CA ALA D 39 -24.32 2.05 14.23
C ALA D 39 -23.25 3.13 14.44
N ILE D 40 -22.94 3.87 13.38
CA ILE D 40 -22.04 5.03 13.45
C ILE D 40 -22.62 6.14 14.34
N HIS D 41 -23.94 6.30 14.29
CA HIS D 41 -24.62 7.31 15.07
C HIS D 41 -25.01 6.78 16.46
N GLU D 42 -25.65 5.62 16.48
CA GLU D 42 -26.16 5.06 17.74
C GLU D 42 -26.14 3.53 17.72
N PRO D 43 -26.10 2.90 18.92
CA PRO D 43 -26.25 1.45 18.99
C PRO D 43 -27.57 1.00 18.35
N CYS D 44 -27.55 -0.16 17.69
CA CYS D 44 -28.69 -0.59 16.88
C CYS D 44 -29.37 -1.83 17.47
N PRO D 45 -30.69 -1.99 17.19
CA PRO D 45 -31.36 -3.21 17.64
C PRO D 45 -30.80 -4.45 16.94
N VAL D 46 -31.02 -5.61 17.56
CA VAL D 46 -30.40 -6.86 17.13
C VAL D 46 -31.44 -7.90 16.72
N VAL D 47 -31.23 -8.49 15.55
CA VAL D 47 -31.99 -9.69 15.20
C VAL D 47 -31.03 -10.89 15.24
N TRP D 48 -31.43 -11.94 15.97
CA TRP D 48 -30.71 -13.20 16.05
C TRP D 48 -31.30 -14.20 15.06
N TYR D 49 -30.52 -14.61 14.07
CA TYR D 49 -30.97 -15.61 13.10
C TYR D 49 -30.37 -16.99 13.44
N LEU D 50 -31.25 -17.96 13.72
CA LEU D 50 -30.77 -19.31 14.08
C LEU D 50 -30.92 -20.24 12.88
N SER D 51 -29.84 -20.94 12.55
CA SER D 51 -29.84 -21.79 11.36
C SER D 51 -30.27 -23.23 11.62
N GLY D 52 -30.61 -23.92 10.53
CA GLY D 52 -31.11 -25.29 10.63
C GLY D 52 -30.04 -26.37 10.56
N LEU D 53 -30.51 -27.61 10.47
CA LEU D 53 -29.64 -28.78 10.36
C LEU D 53 -28.55 -28.64 9.29
N THR D 54 -27.33 -29.05 9.67
CA THR D 54 -26.12 -29.09 8.83
C THR D 54 -25.42 -27.75 8.62
N CYS D 55 -26.04 -26.68 9.10
CA CYS D 55 -25.52 -25.34 8.84
C CYS D 55 -24.52 -24.83 9.86
N THR D 56 -23.85 -23.76 9.45
CA THR D 56 -23.03 -22.93 10.31
C THR D 56 -23.55 -21.49 10.09
N HIS D 57 -22.82 -20.49 10.56
CA HIS D 57 -23.17 -19.11 10.28
C HIS D 57 -23.16 -18.84 8.78
N ALA D 58 -22.38 -19.63 8.03
CA ALA D 58 -22.03 -19.32 6.62
C ALA D 58 -23.16 -19.38 5.62
N ASN D 59 -24.07 -20.34 5.77
CA ASN D 59 -25.16 -20.53 4.82
C ASN D 59 -26.05 -19.29 4.69
N VAL D 60 -26.51 -18.77 5.83
CA VAL D 60 -27.32 -17.56 5.83
C VAL D 60 -26.48 -16.32 5.55
N GLU D 62 -23.90 -16.12 3.60
CA GLU D 62 -23.62 -16.06 2.18
C GLU D 62 -24.87 -15.92 1.31
N LYS D 63 -25.95 -16.60 1.69
CA LYS D 63 -27.12 -16.77 0.82
C LYS D 63 -28.43 -16.18 1.33
N GLY D 64 -28.45 -15.69 2.57
CA GLY D 64 -29.69 -15.18 3.17
C GLY D 64 -30.23 -13.88 2.61
N GLU D 65 -29.35 -13.10 1.96
CA GLU D 65 -29.70 -11.78 1.41
C GLU D 65 -30.37 -10.85 2.45
N TYR D 66 -29.78 -10.78 3.64
CA TYR D 66 -30.29 -9.93 4.72
C TYR D 66 -29.58 -8.58 4.81
N ARG D 67 -28.45 -8.42 4.13
CA ARG D 67 -27.64 -7.22 4.38
C ARG D 67 -28.23 -5.94 3.80
N ARG D 68 -28.78 -5.99 2.60
CA ARG D 68 -29.36 -4.79 1.97
C ARG D 68 -30.41 -4.11 2.87
N ALA D 70 -31.21 -4.98 6.19
CA ALA D 70 -30.67 -4.75 7.53
C ALA D 70 -29.94 -3.39 7.59
N SER D 71 -29.19 -3.09 6.53
CA SER D 71 -28.52 -1.80 6.37
C SER D 71 -29.57 -0.68 6.30
N GLU D 72 -30.57 -0.85 5.43
CA GLU D 72 -31.62 0.15 5.28
C GLU D 72 -32.36 0.39 6.61
N LEU D 73 -32.74 -0.68 7.30
CA LEU D 73 -33.52 -0.54 8.53
C LEU D 73 -32.67 -0.22 9.76
N GLY D 74 -31.36 -0.37 9.65
CA GLY D 74 -30.42 -0.11 10.76
C GLY D 74 -30.41 -1.25 11.77
N LEU D 75 -30.23 -2.48 11.28
CA LEU D 75 -30.31 -3.66 12.14
C LEU D 75 -28.98 -4.41 12.24
N VAL D 76 -28.63 -4.80 13.46
CA VAL D 76 -27.50 -5.73 13.70
C VAL D 76 -28.02 -7.17 13.51
N VAL D 77 -27.32 -7.98 12.72
CA VAL D 77 -27.73 -9.37 12.46
C VAL D 77 -26.67 -10.34 13.00
N VAL D 78 -27.02 -11.10 14.03
CA VAL D 78 -26.12 -12.11 14.61
C VAL D 78 -26.49 -13.51 14.14
N CYS D 79 -25.51 -14.23 13.56
CA CYS D 79 -25.75 -15.60 13.06
C CYS D 79 -24.82 -16.59 13.77
N PRO D 80 -25.33 -17.25 14.85
CA PRO D 80 -24.56 -18.27 15.54
C PRO D 80 -24.50 -19.60 14.79
N ASP D 81 -23.55 -20.43 15.20
CA ASP D 81 -23.46 -21.82 14.73
C ASP D 81 -24.67 -22.63 15.26
N THR D 82 -24.73 -23.92 14.92
CA THR D 82 -25.88 -24.76 15.24
C THR D 82 -25.58 -25.86 16.28
N SER D 83 -24.32 -25.98 16.67
CA SER D 83 -23.91 -26.98 17.66
C SER D 83 -22.50 -26.67 18.18
N PRO D 84 -22.10 -27.31 19.30
CA PRO D 84 -20.68 -27.27 19.66
C PRO D 84 -19.83 -27.83 18.52
N ARG D 85 -18.54 -27.49 18.54
CA ARG D 85 -17.61 -27.93 17.50
C ARG D 85 -16.29 -28.36 18.13
N GLY D 86 -15.58 -29.29 17.49
CA GLY D 86 -14.24 -29.65 17.93
C GLY D 86 -13.99 -31.14 18.01
N ASN D 87 -12.73 -31.54 17.97
CA ASN D 87 -12.38 -32.97 17.93
C ASN D 87 -12.85 -33.81 19.11
N ASP D 88 -13.01 -33.18 20.27
CA ASP D 88 -13.48 -33.88 21.48
C ASP D 88 -15.00 -33.89 21.68
N VAL D 89 -15.73 -33.22 20.79
CA VAL D 89 -17.19 -33.16 20.89
C VAL D 89 -17.84 -34.45 20.34
N PRO D 90 -18.79 -35.04 21.10
CA PRO D 90 -19.54 -36.23 20.65
C PRO D 90 -20.32 -35.98 19.37
N ASP D 91 -20.50 -37.00 18.55
CA ASP D 91 -21.21 -36.87 17.29
C ASP D 91 -21.80 -38.21 16.85
N GLU D 92 -22.65 -38.17 15.83
CA GLU D 92 -23.02 -39.35 15.04
C GLU D 92 -22.60 -39.02 13.62
N LEU D 93 -21.40 -39.50 13.26
CA LEU D 93 -20.70 -39.07 12.05
C LEU D 93 -21.52 -39.21 10.76
N THR D 94 -22.37 -40.22 10.71
CA THR D 94 -23.09 -40.55 9.48
C THR D 94 -24.60 -40.21 9.52
N ASN D 95 -25.02 -39.51 10.57
CA ASN D 95 -26.40 -39.06 10.73
C ASN D 95 -26.47 -37.53 10.75
N TRP D 96 -26.93 -36.93 9.66
CA TRP D 96 -26.99 -35.47 9.55
C TRP D 96 -28.03 -34.81 10.46
N GLN D 97 -28.89 -35.62 11.07
CA GLN D 97 -29.95 -35.17 11.98
C GLN D 97 -29.58 -35.28 13.47
N GLY D 99 -26.19 -34.79 16.49
CA GLY D 99 -24.85 -34.33 16.85
C GLY D 99 -24.45 -33.00 16.24
N LYS D 100 -23.29 -32.99 15.59
CA LYS D 100 -22.73 -31.75 15.06
C LYS D 100 -23.63 -31.20 13.97
N GLY D 101 -23.85 -29.89 14.00
CA GLY D 101 -24.78 -29.25 13.08
C GLY D 101 -26.24 -29.54 13.43
N ALA D 102 -26.45 -30.14 14.61
CA ALA D 102 -27.77 -30.58 15.05
C ALA D 102 -27.96 -30.51 16.56
N GLY D 103 -27.61 -29.36 17.13
CA GLY D 103 -27.75 -29.16 18.57
C GLY D 103 -29.17 -28.95 19.06
N PHE D 104 -30.09 -28.65 18.13
CA PHE D 104 -31.53 -28.45 18.39
C PHE D 104 -31.87 -27.40 19.45
N TYR D 105 -30.95 -26.45 19.67
CA TYR D 105 -31.18 -25.30 20.56
C TYR D 105 -31.75 -25.71 21.92
N LEU D 106 -31.12 -26.75 22.49
CA LEU D 106 -31.53 -27.29 23.77
C LEU D 106 -30.31 -27.47 24.67
N ASP D 107 -30.57 -27.64 25.96
CA ASP D 107 -29.52 -27.97 26.91
C ASP D 107 -29.64 -29.44 27.26
N ALA D 108 -28.77 -30.24 26.63
CA ALA D 108 -28.77 -31.69 26.78
C ALA D 108 -28.45 -32.10 28.22
N THR D 109 -29.14 -33.16 28.68
CA THR D 109 -29.00 -33.65 30.06
C THR D 109 -28.40 -35.05 30.13
N GLU D 110 -28.39 -35.73 28.98
CA GLU D 110 -27.90 -37.10 28.90
C GLU D 110 -26.47 -37.17 28.39
N GLU D 111 -25.64 -37.97 29.08
CA GLU D 111 -24.28 -38.24 28.65
C GLU D 111 -24.36 -39.12 27.39
N PRO D 112 -23.43 -38.93 26.42
CA PRO D 112 -22.26 -38.04 26.38
C PRO D 112 -22.55 -36.58 25.97
N TRP D 113 -23.79 -36.32 25.57
CA TRP D 113 -24.21 -35.03 25.00
C TRP D 113 -24.24 -33.87 25.98
N SER D 114 -24.38 -34.20 27.26
CA SER D 114 -24.47 -33.22 28.34
C SER D 114 -23.26 -32.27 28.47
N GLU D 115 -22.08 -32.71 28.04
CA GLU D 115 -20.86 -31.96 28.24
C GLU D 115 -20.71 -30.72 27.34
N HIS D 116 -21.09 -30.86 26.06
CA HIS D 116 -20.93 -29.76 25.10
C HIS D 116 -22.25 -29.20 24.57
N TYR D 117 -23.31 -30.01 24.55
CA TYR D 117 -24.55 -29.63 23.87
C TYR D 117 -25.48 -28.77 24.71
N GLN D 118 -25.00 -27.57 25.01
CA GLN D 118 -25.74 -26.59 25.80
C GLN D 118 -26.10 -25.40 24.92
N TYR D 120 -28.94 -24.05 24.08
CA TYR D 120 -29.95 -23.12 24.61
C TYR D 120 -29.29 -22.04 25.47
N SER D 121 -28.43 -22.47 26.40
CA SER D 121 -27.70 -21.55 27.25
C SER D 121 -26.76 -20.67 26.42
N TYR D 122 -26.12 -21.28 25.43
CA TYR D 122 -25.21 -20.57 24.55
C TYR D 122 -25.91 -19.39 23.88
N VAL D 123 -27.07 -19.67 23.30
CA VAL D 123 -27.79 -18.66 22.51
C VAL D 123 -28.51 -17.61 23.36
N THR D 124 -28.94 -18.00 24.56
CA THR D 124 -29.73 -17.11 25.42
C THR D 124 -28.90 -16.36 26.45
N GLU D 125 -27.73 -16.89 26.80
CA GLU D 125 -26.96 -16.30 27.88
C GLU D 125 -25.55 -15.89 27.45
N GLU D 126 -24.77 -16.85 26.98
CA GLU D 126 -23.35 -16.57 26.76
C GLU D 126 -23.04 -15.73 25.53
N LEU D 127 -23.60 -16.09 24.37
CA LEU D 127 -23.34 -15.29 23.17
C LEU D 127 -23.88 -13.86 23.29
N PRO D 128 -25.11 -13.67 23.81
CA PRO D 128 -25.60 -12.30 24.05
C PRO D 128 -24.66 -11.43 24.90
N ALA D 129 -23.96 -12.01 25.87
CA ALA D 129 -23.03 -11.24 26.72
C ALA D 129 -21.83 -10.74 25.92
N LEU D 130 -21.32 -11.60 25.03
CA LEU D 130 -20.17 -11.25 24.20
C LEU D 130 -20.57 -10.21 23.17
N ILE D 131 -21.76 -10.36 22.60
CA ILE D 131 -22.30 -9.41 21.62
C ILE D 131 -22.43 -8.00 22.23
N GLY D 132 -23.02 -7.92 23.42
CA GLY D 132 -23.23 -6.65 24.10
C GLY D 132 -21.93 -5.94 24.41
N GLN D 133 -20.91 -6.73 24.64
CA GLN D 133 -19.60 -6.25 25.04
C GLN D 133 -18.80 -5.66 23.87
N HIS D 134 -18.93 -6.30 22.71
CA HIS D 134 -18.03 -6.01 21.58
C HIS D 134 -18.67 -5.32 20.38
N PHE D 135 -19.98 -5.10 20.40
CA PHE D 135 -20.66 -4.52 19.24
C PHE D 135 -21.61 -3.38 19.58
N ARG D 136 -21.81 -2.50 18.60
CA ARG D 136 -22.70 -1.35 18.71
C ARG D 136 -24.17 -1.76 18.73
N ALA D 137 -24.50 -2.63 19.69
CA ALA D 137 -25.81 -3.27 19.73
C ALA D 137 -26.63 -2.81 20.92
N ASP D 138 -27.85 -2.36 20.62
CA ASP D 138 -28.79 -1.97 21.65
C ASP D 138 -29.46 -3.22 22.20
N SER D 140 -31.39 -3.64 24.71
CA SER D 140 -32.77 -3.47 25.13
C SER D 140 -33.74 -3.83 24.01
N ARG D 141 -33.23 -3.85 22.77
CA ARG D 141 -34.06 -4.12 21.62
C ARG D 141 -33.53 -5.33 20.83
N GLN D 142 -34.09 -6.50 21.13
CA GLN D 142 -33.65 -7.76 20.53
C GLN D 142 -34.80 -8.62 20.07
N SER D 143 -34.64 -9.25 18.91
CA SER D 143 -35.65 -10.11 18.33
C SER D 143 -34.99 -11.39 17.83
N ILE D 144 -35.76 -12.44 17.58
CA ILE D 144 -35.16 -13.74 17.26
C ILE D 144 -35.93 -14.47 16.16
N PHE D 145 -35.20 -15.02 15.20
CA PHE D 145 -35.82 -15.75 14.09
C PHE D 145 -34.89 -16.84 13.54
N GLY D 146 -35.38 -17.67 12.63
CA GLY D 146 -34.53 -18.74 12.15
C GLY D 146 -35.19 -19.64 11.14
N HIS D 147 -34.40 -20.59 10.65
CA HIS D 147 -34.87 -21.53 9.64
C HIS D 147 -34.97 -22.92 10.21
N SER D 148 -36.15 -23.53 10.11
CA SER D 148 -36.35 -24.97 10.39
C SER D 148 -36.03 -25.34 11.85
N GLY D 150 -33.77 -24.00 13.37
CA GLY D 150 -33.58 -22.63 13.90
C GLY D 150 -34.90 -21.89 14.13
N GLY D 151 -35.95 -22.31 13.42
CA GLY D 151 -37.33 -21.83 13.60
C GLY D 151 -37.83 -22.34 14.94
N HIS D 152 -37.69 -23.66 15.13
CA HIS D 152 -37.84 -24.31 16.43
C HIS D 152 -37.10 -23.54 17.52
N GLY D 153 -35.81 -23.26 17.28
CA GLY D 153 -34.97 -22.55 18.24
C GLY D 153 -35.56 -21.19 18.58
N ALA D 154 -35.80 -20.38 17.56
CA ALA D 154 -36.34 -19.01 17.77
C ALA D 154 -37.65 -19.00 18.56
N THR D 156 -39.23 -21.46 20.52
CA THR D 156 -39.13 -21.94 21.90
C THR D 156 -38.41 -20.91 22.80
N ILE D 157 -37.35 -20.30 22.29
CA ILE D 157 -36.63 -19.25 23.04
C ILE D 157 -37.56 -18.06 23.32
N ALA D 158 -38.31 -17.65 22.30
CA ALA D 158 -39.26 -16.53 22.46
C ALA D 158 -40.35 -16.85 23.50
N LEU D 159 -40.92 -18.05 23.43
CA LEU D 159 -41.95 -18.50 24.38
C LEU D 159 -41.48 -18.63 25.83
N LYS D 160 -40.22 -19.05 26.00
CA LYS D 160 -39.63 -19.19 27.33
C LYS D 160 -39.08 -17.87 27.86
N ASN D 161 -38.85 -16.90 26.96
CA ASN D 161 -38.30 -15.61 27.31
C ASN D 161 -39.07 -14.44 26.68
N PRO D 162 -40.40 -14.38 26.94
CA PRO D 162 -41.23 -13.36 26.27
C PRO D 162 -40.74 -11.93 26.48
N GLU D 163 -40.25 -11.60 27.67
CA GLU D 163 -39.81 -10.24 27.98
C GLU D 163 -38.48 -9.83 27.34
N ARG D 164 -37.76 -10.81 26.82
CA ARG D 164 -36.42 -10.58 26.26
C ARG D 164 -36.43 -10.28 24.77
N PHE D 165 -37.53 -10.57 24.10
CA PHE D 165 -37.60 -10.41 22.65
C PHE D 165 -38.85 -9.66 22.19
N LYS D 166 -38.68 -8.69 21.30
CA LYS D 166 -39.78 -7.83 20.84
C LYS D 166 -40.67 -8.51 19.81
N SER D 167 -40.06 -9.40 19.02
CA SER D 167 -40.76 -10.11 17.96
C SER D 167 -40.09 -11.44 17.67
N CYS D 168 -40.83 -12.36 17.04
CA CYS D 168 -40.33 -13.66 16.63
C CYS D 168 -40.91 -14.04 15.28
N SER D 169 -40.07 -14.58 14.40
CA SER D 169 -40.53 -15.15 13.12
C SER D 169 -39.73 -16.40 12.75
N ALA D 170 -40.19 -17.12 11.73
CA ALA D 170 -39.48 -18.32 11.28
C ALA D 170 -39.78 -18.66 9.85
N PHE D 171 -38.80 -19.23 9.18
CA PHE D 171 -38.94 -19.77 7.85
C PHE D 171 -39.03 -21.27 8.03
N ALA D 172 -40.18 -21.86 7.72
CA ALA D 172 -40.35 -23.32 7.76
C ALA D 172 -39.95 -23.97 9.10
N PRO D 173 -40.56 -23.49 10.22
CA PRO D 173 -40.10 -24.01 11.51
C PRO D 173 -40.58 -25.43 11.83
N ILE D 174 -39.82 -26.14 12.67
CA ILE D 174 -40.27 -27.41 13.25
C ILE D 174 -41.08 -27.02 14.50
N VAL D 175 -42.39 -26.85 14.32
CA VAL D 175 -43.25 -26.35 15.41
C VAL D 175 -43.51 -27.38 16.51
N ALA D 176 -43.48 -28.67 16.15
CA ALA D 176 -43.77 -29.75 17.10
C ALA D 176 -42.74 -30.87 17.01
N PRO D 177 -41.50 -30.61 17.45
CA PRO D 177 -40.40 -31.57 17.30
C PRO D 177 -40.57 -32.90 18.04
N SER D 178 -41.46 -32.93 19.03
CA SER D 178 -41.70 -34.12 19.86
C SER D 178 -42.34 -35.27 19.08
N SER D 179 -42.91 -34.96 17.92
CA SER D 179 -43.55 -35.96 17.04
C SER D 179 -43.18 -35.85 15.56
N ALA D 180 -42.16 -35.03 15.26
CA ALA D 180 -41.61 -34.92 13.92
C ALA D 180 -40.54 -35.98 13.75
N ASP D 181 -40.46 -36.56 12.56
CA ASP D 181 -39.53 -37.65 12.26
C ASP D 181 -38.03 -37.39 12.54
N TRP D 182 -37.54 -36.22 12.11
CA TRP D 182 -36.12 -35.90 12.20
C TRP D 182 -35.65 -35.32 13.55
N SER D 183 -36.60 -35.06 14.43
CA SER D 183 -36.28 -34.39 15.69
C SER D 183 -36.62 -35.20 16.93
N GLU D 184 -37.64 -36.06 16.82
CA GLU D 184 -38.05 -36.90 17.93
C GLU D 184 -36.92 -37.78 18.50
N PRO D 185 -36.16 -38.51 17.63
CA PRO D 185 -35.03 -39.28 18.19
C PRO D 185 -33.92 -38.42 18.80
N ALA D 186 -33.76 -37.19 18.29
CA ALA D 186 -32.73 -36.28 18.83
C ALA D 186 -33.10 -35.87 20.24
N LEU D 187 -34.38 -35.53 20.43
CA LEU D 187 -34.90 -35.18 21.73
C LEU D 187 -34.72 -36.34 22.72
N GLU D 188 -34.91 -37.58 22.24
CA GLU D 188 -34.70 -38.75 23.09
C GLU D 188 -33.23 -38.91 23.51
N LYS D 189 -32.31 -38.76 22.56
CA LYS D 189 -30.89 -38.89 22.87
C LYS D 189 -30.38 -37.78 23.78
N TYR D 190 -30.74 -36.54 23.47
CA TYR D 190 -30.30 -35.39 24.25
C TYR D 190 -30.98 -35.26 25.63
N LEU D 191 -32.27 -35.62 25.71
CA LEU D 191 -33.05 -35.33 26.92
C LEU D 191 -33.58 -36.53 27.69
N GLY D 192 -33.49 -37.72 27.09
CA GLY D 192 -33.92 -38.96 27.75
C GLY D 192 -35.27 -39.50 27.31
N ALA D 193 -35.61 -40.67 27.82
CA ALA D 193 -36.85 -41.37 27.44
C ALA D 193 -38.12 -40.74 28.01
N ASP D 194 -37.98 -39.96 29.09
CA ASP D 194 -39.14 -39.30 29.70
C ASP D 194 -39.50 -38.02 28.96
N ARG D 195 -40.59 -38.10 28.20
CA ARG D 195 -41.05 -37.02 27.34
C ARG D 195 -41.49 -35.75 28.05
N ALA D 196 -41.66 -35.82 29.37
CA ALA D 196 -42.03 -34.64 30.16
C ALA D 196 -40.99 -33.51 30.03
N ALA D 197 -39.72 -33.90 29.93
CA ALA D 197 -38.60 -32.94 29.83
C ALA D 197 -38.52 -32.29 28.45
N TRP D 198 -39.13 -32.93 27.46
CA TRP D 198 -39.16 -32.42 26.09
C TRP D 198 -40.08 -31.22 25.94
N ARG D 199 -41.03 -31.07 26.87
CA ARG D 199 -42.08 -30.05 26.77
C ARG D 199 -41.58 -28.60 26.79
N ARG D 200 -40.38 -28.39 27.35
CA ARG D 200 -39.74 -27.07 27.38
C ARG D 200 -39.03 -26.79 26.06
N TYR D 201 -38.97 -27.79 25.20
CA TYR D 201 -38.27 -27.69 23.91
C TYR D 201 -39.18 -28.02 22.71
N ASP D 202 -40.45 -27.65 22.82
CA ASP D 202 -41.45 -27.87 21.79
C ASP D 202 -42.40 -26.69 21.82
N ALA D 203 -42.45 -25.93 20.72
CA ALA D 203 -43.27 -24.72 20.62
C ALA D 203 -44.75 -24.95 20.96
N CYS D 204 -45.31 -26.06 20.50
CA CYS D 204 -46.72 -26.37 20.76
C CYS D 204 -46.93 -26.74 22.23
N SER D 205 -46.07 -27.62 22.77
CA SER D 205 -46.14 -28.03 24.18
C SER D 205 -46.04 -26.82 25.12
N LEU D 206 -45.10 -25.91 24.80
CA LEU D 206 -44.94 -24.68 25.57
C LEU D 206 -46.23 -23.88 25.65
N VAL D 207 -46.84 -23.63 24.49
CA VAL D 207 -48.13 -22.95 24.43
C VAL D 207 -49.23 -23.70 25.22
N GLU D 208 -49.29 -25.02 25.04
CA GLU D 208 -50.23 -25.86 25.80
C GLU D 208 -50.01 -25.72 27.32
N ASP D 209 -48.73 -25.68 27.72
CA ASP D 209 -48.34 -25.56 29.14
C ASP D 209 -48.42 -24.11 29.64
N GLY D 210 -48.94 -23.22 28.80
CA GLY D 210 -49.24 -21.86 29.23
C GLY D 210 -48.22 -20.77 28.91
N ALA D 211 -47.19 -21.09 28.12
CA ALA D 211 -46.23 -20.06 27.67
C ALA D 211 -46.93 -19.18 26.65
N ARG D 212 -46.59 -17.90 26.64
CA ARG D 212 -47.16 -16.94 25.69
C ARG D 212 -46.08 -16.04 25.12
N PHE D 213 -46.36 -15.51 23.93
CA PHE D 213 -45.56 -14.50 23.28
C PHE D 213 -46.55 -13.73 22.40
N PRO D 214 -46.36 -12.40 22.23
CA PRO D 214 -47.43 -11.62 21.56
C PRO D 214 -47.87 -12.14 20.20
N GLU D 215 -46.92 -12.38 19.29
CA GLU D 215 -47.28 -12.86 17.96
C GLU D 215 -46.10 -13.47 17.21
N PHE D 216 -46.42 -14.27 16.20
CA PHE D 216 -45.43 -14.94 15.36
C PHE D 216 -45.75 -14.79 13.90
N LEU D 217 -44.72 -14.54 13.10
CA LEU D 217 -44.78 -14.63 11.65
C LEU D 217 -44.14 -15.95 11.24
N ILE D 218 -44.89 -16.80 10.52
CA ILE D 218 -44.33 -18.03 9.94
C ILE D 218 -44.52 -18.05 8.41
N ASP D 219 -43.40 -18.15 7.69
CA ASP D 219 -43.42 -18.38 6.25
C ASP D 219 -43.08 -19.84 5.97
N GLN D 220 -43.85 -20.44 5.07
CA GLN D 220 -43.72 -21.85 4.73
C GLN D 220 -43.92 -22.08 3.23
N GLY D 221 -42.94 -22.73 2.59
CA GLY D 221 -43.10 -23.13 1.19
C GLY D 221 -43.98 -24.37 1.07
N LYS D 222 -44.91 -24.36 0.11
CA LYS D 222 -45.80 -25.51 -0.11
C LYS D 222 -45.07 -26.68 -0.77
N ALA D 223 -43.97 -26.38 -1.47
CA ALA D 223 -43.18 -27.40 -2.17
C ALA D 223 -41.99 -27.91 -1.33
N ASP D 224 -41.99 -27.56 -0.04
CA ASP D 224 -40.99 -27.97 0.93
C ASP D 224 -41.12 -29.47 1.21
N SER D 225 -40.04 -30.23 0.98
CA SER D 225 -40.10 -31.69 1.11
C SER D 225 -40.28 -32.22 2.54
N PHE D 226 -39.99 -31.38 3.53
CA PHE D 226 -40.09 -31.80 4.93
C PHE D 226 -41.44 -31.44 5.57
N LEU D 227 -42.30 -30.79 4.78
CA LEU D 227 -43.56 -30.21 5.25
C LEU D 227 -44.52 -31.15 6.01
N GLU D 228 -44.87 -32.26 5.38
CA GLU D 228 -45.87 -33.17 5.93
C GLU D 228 -45.44 -33.91 7.19
N LYS D 229 -44.16 -34.29 7.26
CA LYS D 229 -43.69 -35.13 8.37
C LYS D 229 -42.73 -34.42 9.33
N GLY D 230 -42.08 -33.36 8.84
CA GLY D 230 -41.09 -32.66 9.65
C GLY D 230 -41.51 -31.31 10.20
N LEU D 231 -42.46 -30.65 9.53
CA LEU D 231 -42.74 -29.24 9.81
C LEU D 231 -44.11 -28.98 10.40
N ARG D 232 -45.16 -29.29 9.64
CA ARG D 232 -46.54 -29.24 10.11
C ARG D 232 -46.94 -27.96 10.86
N PRO D 233 -46.91 -26.81 10.16
CA PRO D 233 -47.23 -25.54 10.81
C PRO D 233 -48.67 -25.46 11.35
N TRP D 234 -49.58 -26.30 10.82
CA TRP D 234 -50.98 -26.31 11.26
C TRP D 234 -51.13 -26.71 12.73
N LEU D 235 -50.17 -27.49 13.23
CA LEU D 235 -50.15 -27.91 14.63
C LEU D 235 -49.95 -26.73 15.58
N PHE D 236 -49.17 -25.73 15.17
CA PHE D 236 -48.99 -24.54 16.01
C PHE D 236 -50.22 -23.65 15.91
N GLU D 237 -50.83 -23.65 14.72
CA GLU D 237 -52.11 -23.00 14.49
C GLU D 237 -53.16 -23.58 15.46
N GLU D 238 -53.17 -24.91 15.59
CA GLU D 238 -54.04 -25.63 16.54
C GLU D 238 -53.71 -25.32 18.01
N ALA D 239 -52.42 -25.29 18.34
CA ALA D 239 -51.96 -25.04 19.71
C ALA D 239 -52.41 -23.70 20.28
N ILE D 240 -52.43 -22.67 19.44
CA ILE D 240 -52.73 -21.30 19.88
C ILE D 240 -54.24 -20.96 19.92
N LYS D 241 -55.10 -21.86 19.44
CA LYS D 241 -56.54 -21.65 19.53
C LYS D 241 -56.98 -21.48 20.99
N GLY D 242 -57.74 -20.44 21.25
CA GLY D 242 -58.15 -20.11 22.61
C GLY D 242 -57.12 -19.28 23.35
N THR D 243 -56.04 -18.88 22.67
CA THR D 243 -55.02 -18.03 23.28
C THR D 243 -54.99 -16.67 22.61
N ASP D 244 -54.32 -15.71 23.23
CA ASP D 244 -54.14 -14.38 22.64
C ASP D 244 -52.91 -14.30 21.73
N ILE D 245 -52.19 -15.41 21.56
CA ILE D 245 -51.05 -15.44 20.65
C ILE D 245 -51.49 -15.17 19.22
N GLY D 246 -50.92 -14.11 18.63
CA GLY D 246 -51.16 -13.78 17.22
C GLY D 246 -50.32 -14.64 16.29
N LEU D 247 -50.93 -15.08 15.19
CA LEU D 247 -50.16 -15.82 14.16
C LEU D 247 -50.45 -15.29 12.77
N THR D 248 -49.38 -14.99 12.05
CA THR D 248 -49.45 -14.74 10.62
C THR D 248 -48.70 -15.89 9.95
N LEU D 249 -49.46 -16.89 9.51
CA LEU D 249 -48.92 -18.05 8.80
C LEU D 249 -49.19 -17.93 7.30
N ARG D 250 -48.12 -17.96 6.52
CA ARG D 250 -48.24 -17.79 5.08
C ARG D 250 -47.70 -19.02 4.37
N HIS D 252 -46.71 -20.62 0.80
CA HIS D 252 -46.26 -20.15 -0.51
C HIS D 252 -46.15 -21.25 -1.59
N ASP D 253 -46.99 -21.13 -2.62
CA ASP D 253 -46.95 -22.03 -3.79
C ASP D 253 -45.55 -22.09 -4.40
N ARG D 254 -45.12 -23.29 -4.77
CA ARG D 254 -43.87 -23.47 -5.54
C ARG D 254 -42.56 -23.29 -4.76
N TYR D 255 -42.62 -22.67 -3.58
CA TYR D 255 -41.42 -22.46 -2.77
C TYR D 255 -41.05 -23.70 -1.96
N ASP D 256 -39.75 -23.99 -1.91
CA ASP D 256 -39.21 -25.14 -1.19
C ASP D 256 -38.57 -24.74 0.16
N HIS D 257 -37.67 -25.60 0.66
CA HIS D 257 -37.03 -25.45 1.97
C HIS D 257 -35.73 -24.63 1.92
N SER D 258 -35.25 -24.34 0.71
CA SER D 258 -33.91 -23.78 0.50
C SER D 258 -33.74 -22.26 0.80
N TYR D 259 -32.50 -21.78 0.65
CA TYR D 259 -32.23 -20.33 0.77
C TYR D 259 -32.78 -19.48 -0.39
N TYR D 260 -33.27 -20.15 -1.46
CA TYR D 260 -34.00 -19.47 -2.54
C TYR D 260 -35.34 -18.94 -2.01
N PHE D 261 -35.97 -19.76 -1.17
CA PHE D 261 -37.19 -19.39 -0.46
C PHE D 261 -36.88 -18.38 0.65
N ILE D 262 -35.86 -18.67 1.45
CA ILE D 262 -35.49 -17.79 2.59
C ILE D 262 -35.13 -16.38 2.13
N SER D 263 -34.25 -16.27 1.13
CA SER D 263 -33.82 -14.99 0.56
C SER D 263 -34.98 -14.19 -0.04
N THR D 264 -35.96 -14.88 -0.63
CA THR D 264 -37.15 -14.24 -1.21
C THR D 264 -37.99 -13.48 -0.18
N PHE D 265 -38.16 -14.09 0.99
CA PHE D 265 -39.04 -13.51 2.00
C PHE D 265 -38.28 -12.83 3.15
N ASP D 267 -36.66 -9.82 3.39
CA ASP D 267 -37.03 -8.41 3.61
C ASP D 267 -38.30 -8.28 4.44
N ASP D 268 -39.28 -9.15 4.18
CA ASP D 268 -40.52 -9.18 4.93
C ASP D 268 -40.28 -9.39 6.43
N HIS D 269 -39.42 -10.36 6.76
CA HIS D 269 -39.11 -10.66 8.16
C HIS D 269 -38.34 -9.53 8.82
N LEU D 270 -37.36 -8.99 8.10
CA LEU D 270 -36.57 -7.88 8.62
C LEU D 270 -37.44 -6.66 8.92
N LYS D 271 -38.37 -6.34 8.03
CA LYS D 271 -39.33 -5.25 8.26
C LYS D 271 -40.26 -5.57 9.45
N TRP D 272 -40.75 -6.80 9.49
CA TRP D 272 -41.57 -7.27 10.62
C TRP D 272 -40.85 -7.03 11.95
N HIS D 273 -39.58 -7.44 12.05
CA HIS D 273 -38.81 -7.23 13.27
C HIS D 273 -38.48 -5.75 13.54
N ALA D 274 -38.05 -5.01 12.51
CA ALA D 274 -37.68 -3.62 12.72
C ALA D 274 -38.89 -2.80 13.22
N GLU D 275 -40.08 -3.16 12.75
CA GLU D 275 -41.33 -2.53 13.16
C GLU D 275 -41.64 -2.79 14.65
N ARG D 276 -41.39 -4.02 15.11
CA ARG D 276 -41.69 -4.41 16.49
C ARG D 276 -40.56 -4.12 17.49
N LEU D 277 -39.36 -3.91 16.97
CA LEU D 277 -38.20 -3.59 17.79
C LEU D 277 -38.31 -2.20 18.40
N GLY D 278 -38.86 -1.27 17.62
CA GLY D 278 -39.12 0.09 18.09
C GLY D 278 -37.86 0.91 18.22
N ASN E 3 10.70 5.03 56.71
CA ASN E 3 11.69 4.92 55.64
C ASN E 3 11.19 5.51 54.32
N ILE E 4 12.00 6.34 53.68
CA ILE E 4 11.64 6.91 52.37
C ILE E 4 12.15 5.99 51.27
N ILE E 5 11.22 5.31 50.60
CA ILE E 5 11.55 4.32 49.59
C ILE E 5 11.87 4.96 48.22
N SER E 6 11.01 5.90 47.77
CA SER E 6 11.23 6.59 46.48
C SER E 6 10.65 7.99 46.47
N GLN E 7 11.22 8.84 45.60
CA GLN E 7 10.81 10.22 45.37
C GLN E 7 10.86 10.52 43.88
N ASN E 8 9.71 10.79 43.25
CA ASN E 8 9.71 11.19 41.85
C ASN E 8 8.88 12.44 41.64
N THR E 9 9.42 13.39 40.87
CA THR E 9 8.70 14.62 40.54
C THR E 9 7.61 14.36 39.48
N ALA E 10 6.39 14.80 39.77
CA ALA E 10 5.28 14.63 38.84
C ALA E 10 4.35 15.82 38.97
N PHE E 11 4.12 16.49 37.85
CA PHE E 11 3.27 17.69 37.82
C PHE E 11 3.73 18.75 38.84
N GLY E 12 5.04 18.93 38.96
CA GLY E 12 5.61 19.90 39.90
C GLY E 12 5.65 19.43 41.36
N GLY E 13 4.88 18.39 41.68
CA GLY E 13 4.80 17.85 43.04
C GLY E 13 5.67 16.62 43.18
N GLN E 15 5.76 12.48 44.18
CA GLN E 15 5.16 11.20 44.48
C GLN E 15 6.17 10.35 45.25
N GLY E 16 5.80 9.93 46.45
CA GLY E 16 6.69 9.14 47.27
C GLY E 16 6.09 7.82 47.70
N VAL E 17 6.97 6.87 48.01
CA VAL E 17 6.57 5.57 48.53
C VAL E 17 7.38 5.41 49.81
N PHE E 18 6.70 5.05 50.90
CA PHE E 18 7.32 5.01 52.20
C PHE E 18 6.95 3.72 52.93
N SER E 19 7.80 3.32 53.86
CA SER E 19 7.49 2.22 54.77
C SER E 19 7.64 2.68 56.22
N HIS E 20 6.95 1.98 57.11
CA HIS E 20 7.03 2.22 58.55
C HIS E 20 6.70 0.93 59.29
N GLN E 21 7.00 0.90 60.57
CA GLN E 21 6.64 -0.24 61.41
C GLN E 21 5.30 0.07 62.06
N SER E 22 4.28 -0.71 61.70
CA SER E 22 2.94 -0.52 62.23
C SER E 22 2.76 -1.33 63.52
N GLU E 23 2.42 -0.63 64.60
CA GLU E 23 2.09 -1.25 65.88
C GLU E 23 0.70 -1.88 65.85
N THR E 24 -0.25 -1.15 65.27
CA THR E 24 -1.64 -1.64 65.15
C THR E 24 -1.75 -2.94 64.34
N LEU E 25 -0.89 -3.09 63.33
CA LEU E 25 -0.93 -4.28 62.46
C LEU E 25 0.21 -5.28 62.72
N LYS E 26 1.14 -4.95 63.63
CA LYS E 26 2.33 -5.78 63.90
C LYS E 26 3.03 -6.16 62.59
N SER E 27 3.12 -5.18 61.68
CA SER E 27 3.61 -5.40 60.32
C SER E 27 4.45 -4.25 59.79
N GLU E 28 5.45 -4.56 58.96
CA GLU E 28 6.11 -3.52 58.17
C GLU E 28 5.15 -3.14 57.04
N THR E 30 3.86 -0.49 53.78
CA THR E 30 4.21 0.42 52.70
C THR E 30 3.00 1.25 52.32
N PHE E 31 3.21 2.56 52.14
CA PHE E 31 2.16 3.46 51.69
C PHE E 31 2.70 4.49 50.70
N ALA E 32 1.79 5.20 50.06
CA ALA E 32 2.19 6.18 49.07
C ALA E 32 1.64 7.53 49.47
N VAL E 33 2.43 8.57 49.21
CA VAL E 33 1.99 9.95 49.44
C VAL E 33 2.39 10.84 48.28
N TYR E 34 1.40 11.51 47.71
CA TYR E 34 1.70 12.53 46.72
C TYR E 34 1.54 13.89 47.38
N VAL E 35 2.57 14.72 47.24
CA VAL E 35 2.63 16.06 47.81
C VAL E 35 2.66 17.13 46.71
N PRO E 36 1.63 18.00 46.65
CA PRO E 36 1.43 19.03 45.64
C PRO E 36 2.45 20.17 45.74
N PRO E 37 2.65 20.92 44.64
CA PRO E 37 3.48 22.13 44.64
C PRO E 37 3.17 23.10 45.78
N LYS E 38 1.89 23.23 46.16
CA LYS E 38 1.46 24.21 47.15
C LYS E 38 2.02 23.95 48.55
N ALA E 39 2.48 22.73 48.80
CA ALA E 39 2.98 22.34 50.12
C ALA E 39 4.19 23.18 50.61
N ILE E 40 4.98 23.72 49.69
CA ILE E 40 6.11 24.58 50.09
C ILE E 40 5.59 25.91 50.69
N HIS E 41 4.34 26.27 50.36
CA HIS E 41 3.71 27.48 50.91
C HIS E 41 2.94 27.25 52.21
N GLU E 42 2.20 26.15 52.27
CA GLU E 42 1.44 25.80 53.48
C GLU E 42 1.05 24.33 53.53
N PRO E 43 0.82 23.79 54.75
CA PRO E 43 0.28 22.45 54.81
C PRO E 43 -1.01 22.37 53.99
N CYS E 44 -1.13 21.30 53.21
CA CYS E 44 -2.25 21.12 52.29
C CYS E 44 -3.27 20.13 52.83
N PRO E 45 -4.55 20.27 52.40
CA PRO E 45 -5.59 19.29 52.73
C PRO E 45 -5.28 17.88 52.20
N VAL E 46 -5.74 16.88 52.92
CA VAL E 46 -5.43 15.47 52.63
C VAL E 46 -6.66 14.71 52.15
N VAL E 47 -6.54 14.05 51.00
CA VAL E 47 -7.55 13.07 50.62
C VAL E 47 -6.92 11.69 50.76
N TRP E 48 -7.63 10.82 51.46
CA TRP E 48 -7.26 9.44 51.68
C TRP E 48 -7.97 8.54 50.66
N TYR E 49 -7.18 7.85 49.85
CA TYR E 49 -7.73 6.91 48.88
C TYR E 49 -7.52 5.46 49.31
N LEU E 50 -8.62 4.77 49.61
CA LEU E 50 -8.54 3.38 50.02
C LEU E 50 -8.81 2.48 48.81
N SER E 51 -7.96 1.46 48.65
CA SER E 51 -8.00 0.59 47.48
C SER E 51 -8.81 -0.66 47.76
N GLY E 52 -9.15 -1.40 46.70
CA GLY E 52 -9.99 -2.59 46.82
C GLY E 52 -9.24 -3.89 47.02
N LEU E 53 -9.97 -5.00 46.99
CA LEU E 53 -9.38 -6.34 47.12
C LEU E 53 -8.19 -6.58 46.18
N THR E 54 -7.17 -7.25 46.72
CA THR E 54 -5.93 -7.67 46.03
C THR E 54 -4.88 -6.58 45.82
N CYS E 55 -5.29 -5.32 45.95
CA CYS E 55 -4.42 -4.18 45.68
C CYS E 55 -3.43 -3.88 46.80
N THR E 56 -2.42 -3.08 46.45
CA THR E 56 -1.51 -2.43 47.41
C THR E 56 -1.68 -0.94 47.13
N HIS E 57 -0.76 -0.10 47.62
CA HIS E 57 -0.73 1.32 47.25
C HIS E 57 -0.53 1.52 45.73
N ALA E 58 0.14 0.55 45.10
CA ALA E 58 0.67 0.65 43.74
C ALA E 58 -0.35 0.83 42.61
N ASN E 59 -1.48 0.12 42.69
CA ASN E 59 -2.49 0.13 41.62
C ASN E 59 -3.06 1.53 41.35
N VAL E 60 -3.53 2.21 42.40
CA VAL E 60 -3.98 3.60 42.25
C VAL E 60 -2.81 4.57 41.96
N GLU E 62 -0.14 3.94 40.26
CA GLU E 62 0.25 3.78 38.85
C GLU E 62 -0.86 4.14 37.87
N LYS E 63 -2.11 3.80 38.19
CA LYS E 63 -3.22 3.91 37.23
C LYS E 63 -4.40 4.84 37.58
N GLY E 64 -4.45 5.37 38.80
CA GLY E 64 -5.56 6.23 39.24
C GLY E 64 -5.70 7.58 38.55
N GLU E 65 -4.60 8.05 37.94
CA GLU E 65 -4.53 9.38 37.28
C GLU E 65 -4.99 10.55 38.17
N TYR E 66 -4.54 10.55 39.41
CA TYR E 66 -4.89 11.57 40.42
C TYR E 66 -3.93 12.77 40.51
N ARG E 67 -2.70 12.64 40.00
CA ARG E 67 -1.64 13.65 40.27
C ARG E 67 -1.81 15.00 39.56
N ARG E 68 -2.31 14.98 38.33
CA ARG E 68 -2.49 16.23 37.58
C ARG E 68 -3.42 17.21 38.34
N ALA E 70 -4.58 16.71 41.56
CA ALA E 70 -4.14 16.87 42.95
C ALA E 70 -3.09 17.98 43.02
N SER E 71 -2.27 18.08 41.97
CA SER E 71 -1.31 19.17 41.84
C SER E 71 -2.02 20.50 41.65
N GLU E 72 -2.96 20.55 40.70
CA GLU E 72 -3.70 21.78 40.41
C GLU E 72 -4.52 22.29 41.60
N LEU E 73 -5.18 21.37 42.30
CA LEU E 73 -6.01 21.75 43.45
C LEU E 73 -5.23 21.91 44.76
N GLY E 74 -3.99 21.43 44.80
CA GLY E 74 -3.17 21.51 46.00
C GLY E 74 -3.61 20.53 47.06
N LEU E 75 -3.80 19.26 46.66
CA LEU E 75 -4.18 18.21 47.58
C LEU E 75 -3.05 17.20 47.82
N VAL E 76 -2.89 16.78 49.08
CA VAL E 76 -2.03 15.66 49.40
C VAL E 76 -2.90 14.42 49.21
N VAL E 77 -2.35 13.41 48.54
CA VAL E 77 -3.08 12.15 48.31
C VAL E 77 -2.35 11.00 49.02
N VAL E 78 -3.01 10.37 49.99
CA VAL E 78 -2.42 9.25 50.72
C VAL E 78 -3.10 7.92 50.31
N CYS E 79 -2.28 6.96 49.91
CA CYS E 79 -2.77 5.67 49.43
C CYS E 79 -2.16 4.58 50.31
N PRO E 80 -2.92 4.12 51.32
CA PRO E 80 -2.42 3.02 52.16
C PRO E 80 -2.57 1.67 51.48
N ASP E 81 -1.99 0.63 52.07
CA ASP E 81 -2.17 -0.75 51.64
C ASP E 81 -3.58 -1.22 52.07
N THR E 82 -3.90 -2.47 51.79
CA THR E 82 -5.25 -3.01 52.02
C THR E 82 -5.36 -4.05 53.15
N SER E 83 -4.22 -4.46 53.72
CA SER E 83 -4.18 -5.49 54.76
C SER E 83 -2.82 -5.48 55.46
N PRO E 84 -2.71 -6.12 56.66
CA PRO E 84 -1.36 -6.38 57.18
C PRO E 84 -0.55 -7.21 56.20
N ARG E 85 0.76 -7.17 56.33
CA ARG E 85 1.68 -7.89 55.45
C ARG E 85 2.77 -8.53 56.29
N GLY E 86 3.25 -9.68 55.84
CA GLY E 86 4.36 -10.38 56.51
C GLY E 86 4.19 -11.88 56.62
N ASN E 87 5.30 -12.58 56.88
CA ASN E 87 5.30 -14.04 57.06
C ASN E 87 4.51 -14.50 58.29
N ASP E 88 4.53 -13.70 59.36
CA ASP E 88 3.78 -14.00 60.58
C ASP E 88 2.27 -13.80 60.40
N VAL E 89 1.89 -12.97 59.45
CA VAL E 89 0.48 -12.65 59.20
C VAL E 89 -0.26 -13.84 58.59
N PRO E 90 -1.37 -14.26 59.23
CA PRO E 90 -2.18 -15.35 58.69
C PRO E 90 -2.95 -14.94 57.44
N ASP E 91 -3.33 -15.92 56.63
CA ASP E 91 -3.91 -15.67 55.33
C ASP E 91 -4.60 -16.92 54.79
N GLU E 92 -5.69 -16.72 54.05
CA GLU E 92 -6.29 -17.81 53.27
C GLU E 92 -5.66 -17.77 51.88
N LEU E 93 -4.62 -18.58 51.73
CA LEU E 93 -3.73 -18.58 50.56
C LEU E 93 -4.46 -18.62 49.22
N THR E 94 -5.41 -19.54 49.07
CA THR E 94 -6.13 -19.74 47.81
C THR E 94 -7.45 -18.97 47.71
N ASN E 95 -7.68 -18.05 48.65
CA ASN E 95 -8.82 -17.16 48.58
C ASN E 95 -8.40 -15.69 48.53
N TRP E 96 -8.65 -15.04 47.39
CA TRP E 96 -8.29 -13.64 47.20
C TRP E 96 -9.30 -12.68 47.83
N GLN E 97 -10.40 -13.23 48.34
CA GLN E 97 -11.43 -12.43 49.00
C GLN E 97 -11.31 -12.49 50.54
N GLY E 99 -8.26 -12.52 53.92
CA GLY E 99 -6.89 -12.46 54.41
C GLY E 99 -6.12 -11.33 53.78
N LYS E 100 -4.93 -11.64 53.26
CA LYS E 100 -4.06 -10.65 52.62
C LYS E 100 -4.68 -10.03 51.38
N GLY E 101 -4.62 -8.71 51.28
CA GLY E 101 -5.27 -7.94 50.23
C GLY E 101 -6.74 -7.73 50.54
N ALA E 102 -7.16 -8.21 51.71
CA ALA E 102 -8.58 -8.26 52.08
C ALA E 102 -8.83 -7.98 53.57
N GLY E 103 -8.28 -6.88 54.08
CA GLY E 103 -8.48 -6.49 55.48
C GLY E 103 -9.88 -5.97 55.78
N PHE E 104 -10.59 -5.54 54.73
CA PHE E 104 -11.95 -4.98 54.82
C PHE E 104 -12.14 -3.77 55.74
N TYR E 105 -11.04 -3.07 56.06
CA TYR E 105 -11.09 -1.79 56.82
C TYR E 105 -11.89 -1.93 58.12
N LEU E 106 -11.63 -3.04 58.80
CA LEU E 106 -12.26 -3.38 60.06
C LEU E 106 -11.19 -3.80 61.05
N ASP E 107 -11.56 -3.81 62.33
CA ASP E 107 -10.69 -4.31 63.39
C ASP E 107 -11.21 -5.69 63.78
N ALA E 108 -10.43 -6.72 63.45
CA ALA E 108 -10.85 -8.10 63.66
C ALA E 108 -10.85 -8.45 65.14
N THR E 109 -11.94 -9.07 65.58
CA THR E 109 -12.08 -9.51 66.96
C THR E 109 -11.80 -11.02 67.13
N GLU E 110 -11.76 -11.74 66.01
CA GLU E 110 -11.64 -13.20 66.02
C GLU E 110 -10.24 -13.71 65.69
N GLU E 111 -9.81 -14.75 66.41
CA GLU E 111 -8.53 -15.41 66.17
C GLU E 111 -8.65 -16.27 64.92
N PRO E 112 -7.54 -16.45 64.15
CA PRO E 112 -6.20 -15.89 64.36
C PRO E 112 -6.04 -14.47 63.79
N TRP E 113 -7.13 -13.90 63.28
CA TRP E 113 -7.11 -12.63 62.56
C TRP E 113 -6.95 -11.40 63.46
N SER E 114 -7.29 -11.54 64.74
CA SER E 114 -7.30 -10.43 65.69
C SER E 114 -5.93 -9.77 65.91
N GLU E 115 -4.88 -10.58 65.83
CA GLU E 115 -3.53 -10.12 66.07
C GLU E 115 -3.01 -9.05 65.09
N HIS E 116 -3.34 -9.20 63.80
CA HIS E 116 -2.85 -8.27 62.77
C HIS E 116 -3.92 -7.45 62.06
N TYR E 117 -5.08 -8.05 61.82
CA TYR E 117 -6.12 -7.41 61.00
C TYR E 117 -6.88 -6.29 61.73
N GLN E 118 -6.19 -5.17 61.88
CA GLN E 118 -6.71 -4.00 62.57
C GLN E 118 -6.71 -2.79 61.63
N TYR E 120 -9.09 -0.87 60.43
CA TYR E 120 -9.87 0.32 60.80
C TYR E 120 -9.03 1.31 61.61
N SER E 121 -8.36 0.79 62.63
CA SER E 121 -7.50 1.59 63.51
C SER E 121 -6.32 2.16 62.75
N TYR E 122 -5.70 1.32 61.91
CA TYR E 122 -4.56 1.75 61.11
C TYR E 122 -4.91 2.99 60.29
N VAL E 123 -6.01 2.92 59.57
CA VAL E 123 -6.43 3.97 58.64
C VAL E 123 -7.00 5.22 59.31
N THR E 124 -7.57 5.06 60.52
CA THR E 124 -8.21 6.20 61.19
C THR E 124 -7.35 6.81 62.30
N GLU E 125 -6.43 6.03 62.85
CA GLU E 125 -5.62 6.46 63.99
C GLU E 125 -4.12 6.46 63.70
N GLU E 126 -3.54 5.28 63.47
CA GLU E 126 -2.09 5.15 63.34
C GLU E 126 -1.50 5.87 62.13
N LEU E 127 -1.92 5.49 60.92
CA LEU E 127 -1.38 6.11 59.71
C LEU E 127 -1.58 7.63 59.68
N PRO E 128 -2.81 8.12 60.01
CA PRO E 128 -2.98 9.56 60.06
C PRO E 128 -2.01 10.29 61.01
N ALA E 129 -1.70 9.66 62.15
CA ALA E 129 -0.73 10.23 63.11
C ALA E 129 0.65 10.38 62.45
N LEU E 130 1.04 9.37 61.66
CA LEU E 130 2.33 9.38 60.96
C LEU E 130 2.34 10.42 59.84
N ILE E 131 1.23 10.54 59.12
CA ILE E 131 1.11 11.49 58.02
C ILE E 131 1.25 12.93 58.53
N GLY E 132 0.53 13.29 59.58
CA GLY E 132 0.56 14.65 60.13
C GLY E 132 1.91 15.02 60.71
N GLN E 133 2.59 14.01 61.22
CA GLN E 133 3.91 14.13 61.84
C GLN E 133 5.04 14.29 60.82
N HIS E 134 4.90 13.72 59.63
CA HIS E 134 6.01 13.70 58.67
C HIS E 134 5.76 14.36 57.31
N PHE E 135 4.62 15.02 57.14
CA PHE E 135 4.27 15.60 55.85
C PHE E 135 3.65 16.98 55.98
N ARG E 136 3.76 17.74 54.91
CA ARG E 136 3.14 19.05 54.83
C ARG E 136 1.62 18.92 54.64
N ALA E 137 0.97 18.34 55.65
CA ALA E 137 -0.43 17.97 55.58
C ALA E 137 -1.28 18.63 56.67
N ASP E 138 -2.22 19.47 56.25
CA ASP E 138 -3.17 20.12 57.13
C ASP E 138 -4.23 19.11 57.59
N SER E 140 -6.53 19.38 59.70
CA SER E 140 -7.83 19.96 59.99
C SER E 140 -8.75 19.84 58.77
N ARG E 141 -8.15 19.57 57.61
CA ARG E 141 -8.88 19.37 56.37
C ARG E 141 -8.59 17.99 55.75
N GLN E 142 -9.42 17.01 56.08
CA GLN E 142 -9.25 15.65 55.56
C GLN E 142 -10.54 15.11 54.96
N SER E 143 -10.39 14.42 53.84
CA SER E 143 -11.50 13.73 53.17
C SER E 143 -11.07 12.32 52.82
N ILE E 144 -12.04 11.45 52.52
CA ILE E 144 -11.77 10.03 52.31
C ILE E 144 -12.60 9.48 51.16
N PHE E 145 -11.95 8.72 50.28
CA PHE E 145 -12.62 8.04 49.17
C PHE E 145 -11.92 6.74 48.82
N GLY E 146 -12.50 5.98 47.89
CA GLY E 146 -11.94 4.67 47.60
C GLY E 146 -12.70 3.88 46.57
N HIS E 147 -12.22 2.66 46.38
CA HIS E 147 -12.75 1.78 45.35
C HIS E 147 -13.17 0.43 45.93
N SER E 148 -14.44 0.08 45.71
CA SER E 148 -15.02 -1.24 46.03
C SER E 148 -15.02 -1.54 47.54
N GLY E 150 -12.58 -0.61 49.24
CA GLY E 150 -12.10 0.71 49.64
C GLY E 150 -13.18 1.77 49.68
N GLY E 151 -14.24 1.59 48.90
CA GLY E 151 -15.43 2.46 48.93
C GLY E 151 -16.25 2.22 50.20
N HIS E 152 -16.35 0.94 50.55
CA HIS E 152 -16.92 0.51 51.82
C HIS E 152 -16.09 1.07 52.97
N GLY E 153 -14.76 1.04 52.82
CA GLY E 153 -13.84 1.60 53.79
C GLY E 153 -14.13 3.06 54.02
N ALA E 154 -14.10 3.84 52.93
CA ALA E 154 -14.29 5.27 52.99
C ALA E 154 -15.65 5.68 53.58
N THR E 156 -17.94 3.81 55.45
CA THR E 156 -18.13 3.41 56.85
C THR E 156 -17.32 4.29 57.79
N ILE E 157 -16.08 4.59 57.41
CA ILE E 157 -15.21 5.50 58.16
C ILE E 157 -15.81 6.91 58.28
N ALA E 158 -16.30 7.46 57.17
CA ALA E 158 -16.93 8.77 57.15
C ALA E 158 -18.19 8.86 58.02
N LEU E 159 -19.01 7.81 58.01
CA LEU E 159 -20.27 7.77 58.80
C LEU E 159 -20.02 7.67 60.29
N LYS E 160 -19.01 6.88 60.66
CA LYS E 160 -18.58 6.71 62.06
C LYS E 160 -17.75 7.90 62.57
N ASN E 161 -17.28 8.75 61.67
CA ASN E 161 -16.46 9.91 62.03
C ASN E 161 -16.86 11.15 61.24
N PRO E 162 -18.14 11.55 61.31
CA PRO E 162 -18.59 12.67 60.45
C PRO E 162 -17.86 13.99 60.66
N GLU E 163 -17.30 14.20 61.85
CA GLU E 163 -16.63 15.45 62.17
C GLU E 163 -15.18 15.54 61.67
N ARG E 164 -14.56 14.37 61.49
CA ARG E 164 -13.16 14.28 61.09
C ARG E 164 -12.93 14.46 59.60
N PHE E 165 -13.94 14.12 58.80
CA PHE E 165 -13.85 14.17 57.33
C PHE E 165 -14.81 15.18 56.70
N LYS E 166 -14.27 16.10 55.89
CA LYS E 166 -15.06 17.13 55.18
C LYS E 166 -16.00 16.56 54.11
N SER E 167 -15.55 15.50 53.44
CA SER E 167 -16.31 14.90 52.35
C SER E 167 -15.97 13.44 52.13
N CYS E 168 -16.82 12.77 51.36
CA CYS E 168 -16.66 11.35 51.08
C CYS E 168 -17.22 10.97 49.71
N SER E 169 -16.44 10.19 48.96
CA SER E 169 -16.86 9.69 47.66
C SER E 169 -16.45 8.23 47.50
N ALA E 170 -16.89 7.60 46.40
CA ALA E 170 -16.59 6.20 46.18
C ALA E 170 -16.70 5.80 44.71
N PHE E 171 -15.87 4.83 44.33
CA PHE E 171 -15.90 4.23 43.02
C PHE E 171 -16.35 2.80 43.24
N ALA E 172 -17.54 2.48 42.73
CA ALA E 172 -18.13 1.15 42.84
C ALA E 172 -18.03 0.53 44.25
N PRO E 173 -18.56 1.23 45.27
CA PRO E 173 -18.42 0.72 46.64
C PRO E 173 -19.31 -0.48 46.98
N ILE E 174 -18.80 -1.35 47.86
CA ILE E 174 -19.62 -2.39 48.48
C ILE E 174 -20.44 -1.69 49.58
N VAL E 175 -21.59 -1.11 49.21
CA VAL E 175 -22.42 -0.33 50.14
C VAL E 175 -23.10 -1.18 51.23
N ALA E 176 -23.21 -2.49 51.01
CA ALA E 176 -23.90 -3.41 51.92
C ALA E 176 -23.18 -4.75 52.07
N PRO E 177 -21.98 -4.74 52.68
CA PRO E 177 -21.13 -5.93 52.77
C PRO E 177 -21.70 -7.11 53.57
N SER E 178 -22.64 -6.82 54.47
CA SER E 178 -23.25 -7.85 55.32
C SER E 178 -23.98 -8.96 54.54
N SER E 179 -24.50 -8.60 53.36
CA SER E 179 -25.25 -9.52 52.51
C SER E 179 -24.66 -9.72 51.10
N ALA E 180 -23.45 -9.22 50.87
CA ALA E 180 -22.76 -9.39 49.57
C ALA E 180 -21.89 -10.63 49.59
N ASP E 181 -21.85 -11.33 48.45
CA ASP E 181 -21.22 -12.66 48.35
C ASP E 181 -19.72 -12.71 48.65
N TRP E 182 -19.02 -11.61 48.38
CA TRP E 182 -17.56 -11.58 48.56
C TRP E 182 -17.07 -11.04 49.91
N SER E 183 -18.01 -10.46 50.67
CA SER E 183 -17.69 -9.77 51.92
C SER E 183 -18.33 -10.43 53.15
N GLU E 184 -19.53 -10.97 52.97
CA GLU E 184 -20.29 -11.62 54.04
C GLU E 184 -19.47 -12.69 54.79
N PRO E 185 -18.82 -13.63 54.07
CA PRO E 185 -17.96 -14.60 54.76
C PRO E 185 -16.73 -14.00 55.46
N ALA E 186 -16.20 -12.90 54.92
CA ALA E 186 -15.04 -12.22 55.54
C ALA E 186 -15.45 -11.59 56.86
N LEU E 187 -16.59 -10.90 56.85
CA LEU E 187 -17.15 -10.30 58.05
C LEU E 187 -17.33 -11.33 59.15
N GLU E 188 -17.76 -12.53 58.78
CA GLU E 188 -18.00 -13.61 59.73
C GLU E 188 -16.70 -14.16 60.31
N LYS E 189 -15.71 -14.40 59.46
CA LYS E 189 -14.41 -14.91 59.92
C LYS E 189 -13.65 -13.84 60.73
N TYR E 190 -13.88 -12.57 60.41
CA TYR E 190 -13.20 -11.49 61.11
C TYR E 190 -13.89 -11.08 62.42
N LEU E 191 -15.21 -10.93 62.38
CA LEU E 191 -15.98 -10.34 63.49
C LEU E 191 -16.91 -11.32 64.23
N GLY E 192 -16.93 -12.57 63.80
CA GLY E 192 -17.74 -13.59 64.49
C GLY E 192 -19.12 -13.84 63.94
N ALA E 193 -19.75 -14.91 64.43
CA ALA E 193 -21.08 -15.34 64.00
C ALA E 193 -22.20 -14.34 64.31
N ASP E 194 -22.03 -13.53 65.36
CA ASP E 194 -23.06 -12.55 65.77
C ASP E 194 -23.07 -11.29 64.88
N ARG E 195 -24.10 -11.19 64.05
CA ARG E 195 -24.20 -10.16 63.02
C ARG E 195 -24.53 -8.75 63.51
N ALA E 196 -24.71 -8.60 64.81
CA ALA E 196 -24.91 -7.27 65.39
C ALA E 196 -23.56 -6.56 65.44
N ALA E 197 -22.49 -7.34 65.56
CA ALA E 197 -21.09 -6.84 65.57
C ALA E 197 -20.60 -6.45 64.17
N TRP E 198 -21.44 -6.70 63.16
CA TRP E 198 -21.15 -6.38 61.77
C TRP E 198 -21.69 -5.01 61.41
N ARG E 199 -22.70 -4.56 62.14
CA ARG E 199 -23.44 -3.33 61.80
C ARG E 199 -22.58 -2.07 61.84
N ARG E 200 -21.49 -2.10 62.62
CA ARG E 200 -20.57 -0.96 62.66
C ARG E 200 -19.64 -0.95 61.45
N TYR E 201 -19.68 -2.02 60.66
CA TYR E 201 -18.87 -2.13 59.44
C TYR E 201 -19.72 -2.38 58.17
N ASP E 202 -20.83 -1.64 58.03
CA ASP E 202 -21.73 -1.75 56.89
C ASP E 202 -22.35 -0.37 56.69
N ALA E 203 -22.10 0.23 55.53
CA ALA E 203 -22.59 1.58 55.24
C ALA E 203 -24.10 1.72 55.45
N CYS E 204 -24.86 0.70 55.02
CA CYS E 204 -26.32 0.73 55.13
C CYS E 204 -26.81 0.53 56.57
N SER E 205 -26.24 -0.44 57.27
CA SER E 205 -26.54 -0.68 58.69
C SER E 205 -26.27 0.54 59.57
N LEU E 206 -25.21 1.28 59.28
CA LEU E 206 -24.83 2.48 60.04
C LEU E 206 -25.87 3.57 59.93
N VAL E 207 -26.32 3.85 58.70
CA VAL E 207 -27.35 4.85 58.44
C VAL E 207 -28.67 4.44 59.11
N GLU E 208 -29.00 3.15 59.04
CA GLU E 208 -30.17 2.58 59.71
C GLU E 208 -30.11 2.86 61.21
N ASP E 209 -28.92 2.67 61.79
CA ASP E 209 -28.67 2.88 63.22
C ASP E 209 -28.49 4.35 63.62
N GLY E 210 -28.66 5.26 62.67
CA GLY E 210 -28.66 6.69 62.96
C GLY E 210 -27.38 7.47 62.65
N ALA E 211 -26.44 6.83 61.95
CA ALA E 211 -25.22 7.51 61.54
C ALA E 211 -25.48 8.41 60.34
N ARG E 212 -24.97 9.64 60.41
CA ARG E 212 -25.18 10.62 59.36
C ARG E 212 -23.89 11.22 58.82
N PHE E 213 -23.94 11.67 57.56
CA PHE E 213 -22.86 12.39 56.88
C PHE E 213 -23.53 13.36 55.90
N PRO E 214 -22.90 14.53 55.65
CA PRO E 214 -23.53 15.57 54.83
C PRO E 214 -23.97 15.16 53.41
N GLU E 215 -23.11 14.47 52.68
CA GLU E 215 -23.42 13.99 51.33
C GLU E 215 -22.34 13.04 50.81
N PHE E 216 -22.70 12.26 49.79
CA PHE E 216 -21.80 11.30 49.16
C PHE E 216 -21.84 11.40 47.64
N LEU E 217 -20.67 11.33 47.01
CA LEU E 217 -20.60 11.12 45.56
C LEU E 217 -20.26 9.67 45.30
N ILE E 218 -21.13 8.99 44.55
CA ILE E 218 -20.90 7.60 44.16
C ILE E 218 -20.96 7.44 42.63
N ASP E 219 -19.89 6.87 42.08
CA ASP E 219 -19.81 6.57 40.65
C ASP E 219 -19.85 5.08 40.49
N GLN E 220 -20.60 4.62 39.50
CA GLN E 220 -20.76 3.19 39.26
C GLN E 220 -20.94 2.88 37.78
N GLY E 221 -20.09 2.00 37.26
CA GLY E 221 -20.23 1.53 35.89
C GLY E 221 -21.26 0.43 35.80
N LYS E 222 -22.13 0.50 34.80
CA LYS E 222 -23.18 -0.50 34.60
C LYS E 222 -22.69 -1.86 34.10
N ALA E 223 -21.51 -1.88 33.47
CA ALA E 223 -20.91 -3.11 32.94
C ALA E 223 -20.01 -3.82 33.97
N ASP E 224 -19.99 -3.29 35.19
CA ASP E 224 -19.22 -3.84 36.29
C ASP E 224 -19.73 -5.24 36.60
N SER E 225 -18.87 -6.24 36.52
CA SER E 225 -19.30 -7.63 36.68
C SER E 225 -19.66 -8.00 38.13
N PHE E 226 -19.44 -7.07 39.06
CA PHE E 226 -19.71 -7.30 40.47
C PHE E 226 -20.96 -6.58 40.95
N LEU E 227 -21.58 -5.84 40.04
CA LEU E 227 -22.69 -4.95 40.35
C LEU E 227 -23.86 -5.61 41.08
N GLU E 228 -24.37 -6.71 40.52
CA GLU E 228 -25.62 -7.29 41.00
C GLU E 228 -25.54 -8.06 42.31
N LYS E 229 -24.43 -8.75 42.55
CA LYS E 229 -24.28 -9.58 43.75
C LYS E 229 -23.28 -9.01 44.77
N GLY E 230 -22.44 -8.07 44.34
CA GLY E 230 -21.37 -7.57 45.19
C GLY E 230 -21.41 -6.11 45.59
N LEU E 231 -22.06 -5.28 44.79
CA LEU E 231 -22.02 -3.83 44.99
C LEU E 231 -23.38 -3.23 45.37
N ARG E 232 -24.32 -3.24 44.42
CA ARG E 232 -25.73 -2.92 44.68
C ARG E 232 -25.96 -1.55 45.33
N PRO E 233 -25.53 -0.46 44.66
CA PRO E 233 -25.63 0.90 45.21
C PRO E 233 -27.07 1.34 45.57
N TRP E 234 -28.07 0.66 45.01
CA TRP E 234 -29.48 0.96 45.25
C TRP E 234 -29.88 0.69 46.71
N LEU E 235 -29.20 -0.26 47.35
CA LEU E 235 -29.43 -0.55 48.76
C LEU E 235 -29.06 0.63 49.67
N PHE E 236 -28.07 1.42 49.25
CA PHE E 236 -27.70 2.64 49.98
C PHE E 236 -28.68 3.78 49.71
N GLU E 237 -29.19 3.83 48.46
CA GLU E 237 -30.22 4.80 48.10
C GLU E 237 -31.41 4.63 49.02
N GLU E 238 -31.76 3.36 49.28
CA GLU E 238 -32.87 2.99 50.13
C GLU E 238 -32.59 3.28 51.59
N ALA E 239 -31.37 2.94 52.02
CA ALA E 239 -30.98 3.08 53.43
C ALA E 239 -31.06 4.52 53.93
N ILE E 240 -30.83 5.47 53.03
CA ILE E 240 -30.82 6.90 53.38
C ILE E 240 -32.18 7.57 53.21
N LYS E 241 -33.19 6.79 52.83
CA LYS E 241 -34.56 7.31 52.68
C LYS E 241 -35.07 7.80 54.04
N GLY E 242 -35.53 9.05 54.07
CA GLY E 242 -35.99 9.67 55.31
C GLY E 242 -34.89 10.33 56.13
N THR E 243 -33.68 10.38 55.58
CA THR E 243 -32.55 11.07 56.21
C THR E 243 -32.15 12.30 55.40
N ASP E 244 -31.38 13.20 56.01
CA ASP E 244 -30.84 14.40 55.37
C ASP E 244 -29.52 14.15 54.62
N ILE E 245 -29.17 12.88 54.42
CA ILE E 245 -27.94 12.52 53.72
C ILE E 245 -28.06 12.73 52.20
N GLY E 246 -27.27 13.66 51.67
CA GLY E 246 -27.21 13.89 50.23
C GLY E 246 -26.56 12.73 49.52
N LEU E 247 -26.93 12.51 48.25
CA LEU E 247 -26.32 11.47 47.43
C LEU E 247 -26.35 11.84 45.95
N THR E 248 -25.15 11.87 45.35
CA THR E 248 -25.01 12.02 43.92
C THR E 248 -24.49 10.68 43.41
N LEU E 249 -25.42 9.83 42.99
CA LEU E 249 -25.10 8.52 42.44
C LEU E 249 -25.24 8.55 40.92
N ARG E 250 -24.11 8.35 40.24
CA ARG E 250 -24.09 8.32 38.79
C ARG E 250 -23.82 6.91 38.32
N HIS E 252 -23.00 4.74 35.09
CA HIS E 252 -22.41 4.98 33.77
C HIS E 252 -22.47 3.78 32.84
N ASP E 253 -23.11 3.97 31.70
CA ASP E 253 -23.16 2.95 30.63
C ASP E 253 -21.75 2.55 30.21
N ARG E 254 -21.58 1.26 29.95
CA ARG E 254 -20.34 0.69 29.38
C ARG E 254 -19.13 0.61 30.30
N TYR E 255 -19.11 1.37 31.40
CA TYR E 255 -17.94 1.35 32.31
C TYR E 255 -17.94 0.12 33.19
N ASP E 256 -16.75 -0.37 33.51
CA ASP E 256 -16.57 -1.59 34.33
C ASP E 256 -15.96 -1.30 35.72
N HIS E 257 -15.44 -2.33 36.38
CA HIS E 257 -14.88 -2.23 37.74
C HIS E 257 -13.44 -1.66 37.81
N SER E 258 -12.79 -1.56 36.65
CA SER E 258 -11.34 -1.34 36.56
C SER E 258 -10.87 0.09 36.79
N TYR E 259 -9.55 0.25 36.76
CA TYR E 259 -8.93 1.56 36.86
C TYR E 259 -9.14 2.45 35.63
N TYR E 260 -9.65 1.87 34.54
CA TYR E 260 -10.01 2.63 33.34
C TYR E 260 -11.24 3.48 33.62
N PHE E 261 -12.14 2.92 34.45
CA PHE E 261 -13.33 3.60 34.96
C PHE E 261 -12.94 4.63 36.02
N ILE E 262 -12.15 4.19 37.00
CA ILE E 262 -11.71 5.07 38.11
C ILE E 262 -10.99 6.33 37.62
N SER E 263 -9.98 6.14 36.77
CA SER E 263 -9.23 7.27 36.20
C SER E 263 -10.10 8.23 35.38
N THR E 264 -11.15 7.70 34.76
CA THR E 264 -12.06 8.54 33.96
C THR E 264 -12.75 9.59 34.84
N PHE E 265 -13.19 9.17 36.02
CA PHE E 265 -13.97 10.01 36.90
C PHE E 265 -13.19 10.58 38.09
N ASP E 267 -10.90 13.05 38.28
CA ASP E 267 -10.92 14.52 38.38
C ASP E 267 -12.19 15.06 39.06
N ASP E 268 -13.34 14.43 38.78
CA ASP E 268 -14.61 14.79 39.41
C ASP E 268 -14.56 14.61 40.93
N HIS E 269 -13.97 13.50 41.37
CA HIS E 269 -13.85 13.21 42.78
C HIS E 269 -12.89 14.17 43.49
N LEU E 270 -11.76 14.48 42.86
CA LEU E 270 -10.78 15.40 43.44
C LEU E 270 -11.39 16.79 43.55
N LYS E 271 -12.03 17.26 42.48
CA LYS E 271 -12.74 18.53 42.47
C LYS E 271 -13.84 18.57 43.53
N TRP E 272 -14.53 17.44 43.71
CA TRP E 272 -15.57 17.30 44.72
C TRP E 272 -15.00 17.56 46.11
N HIS E 273 -13.93 16.85 46.45
CA HIS E 273 -13.31 16.94 47.76
C HIS E 273 -12.62 18.28 47.98
N ALA E 274 -11.95 18.81 46.96
CA ALA E 274 -11.32 20.13 47.05
C ALA E 274 -12.31 21.26 47.36
N GLU E 275 -13.53 21.11 46.84
CA GLU E 275 -14.60 22.08 47.04
C GLU E 275 -15.00 22.10 48.52
N ARG E 276 -15.19 20.91 49.07
CA ARG E 276 -15.71 20.70 50.43
C ARG E 276 -14.63 20.78 51.52
N LEU E 277 -13.37 20.60 51.14
CA LEU E 277 -12.26 20.69 52.08
C LEU E 277 -12.04 22.13 52.54
N GLY E 278 -12.21 23.07 51.62
CA GLY E 278 -12.01 24.49 51.90
C GLY E 278 -10.54 24.85 52.08
N ASN F 3 -29.39 -30.79 -20.04
CA ASN F 3 -29.58 -31.53 -18.80
C ASN F 3 -29.82 -30.53 -17.68
N ILE F 4 -30.97 -30.66 -17.00
CA ILE F 4 -31.34 -29.71 -15.94
C ILE F 4 -30.95 -30.26 -14.57
N ILE F 5 -29.98 -29.59 -13.95
CA ILE F 5 -29.43 -30.04 -12.67
C ILE F 5 -30.36 -29.66 -11.50
N SER F 6 -30.97 -28.48 -11.59
CA SER F 6 -31.87 -27.98 -10.55
C SER F 6 -32.70 -26.79 -11.01
N GLN F 7 -33.84 -26.63 -10.37
CA GLN F 7 -34.74 -25.50 -10.57
C GLN F 7 -35.26 -25.12 -9.19
N ASN F 8 -35.09 -23.87 -8.80
CA ASN F 8 -35.58 -23.38 -7.50
C ASN F 8 -36.27 -22.05 -7.67
N THR F 9 -37.44 -21.92 -7.06
CA THR F 9 -38.19 -20.66 -7.15
C THR F 9 -37.58 -19.60 -6.22
N ALA F 10 -37.34 -18.42 -6.79
CA ALA F 10 -36.75 -17.28 -6.10
C ALA F 10 -37.32 -16.01 -6.71
N PHE F 11 -37.93 -15.19 -5.85
CA PHE F 11 -38.60 -13.96 -6.27
C PHE F 11 -39.56 -14.16 -7.47
N GLY F 12 -40.31 -15.27 -7.44
CA GLY F 12 -41.33 -15.52 -8.47
C GLY F 12 -40.81 -16.15 -9.75
N GLY F 13 -39.49 -16.12 -9.93
CA GLY F 13 -38.84 -16.72 -11.08
C GLY F 13 -38.15 -18.02 -10.78
N GLN F 15 -34.53 -20.03 -10.72
CA GLN F 15 -33.09 -20.12 -10.80
C GLN F 15 -32.75 -21.55 -11.14
N GLY F 16 -32.26 -21.74 -12.37
CA GLY F 16 -31.82 -23.06 -12.81
C GLY F 16 -30.33 -23.23 -12.89
N VAL F 17 -29.89 -24.49 -12.83
CA VAL F 17 -28.51 -24.88 -13.07
C VAL F 17 -28.63 -25.93 -14.19
N PHE F 18 -27.77 -25.84 -15.19
CA PHE F 18 -27.88 -26.68 -16.38
C PHE F 18 -26.54 -27.23 -16.80
N SER F 19 -26.55 -28.36 -17.48
CA SER F 19 -25.33 -28.92 -18.06
C SER F 19 -25.55 -29.29 -19.52
N HIS F 20 -24.45 -29.33 -20.27
CA HIS F 20 -24.47 -29.65 -21.70
C HIS F 20 -23.07 -30.06 -22.13
N GLN F 21 -22.97 -30.73 -23.27
CA GLN F 21 -21.67 -31.06 -23.83
C GLN F 21 -21.22 -29.91 -24.72
N SER F 22 -20.06 -29.37 -24.39
CA SER F 22 -19.49 -28.29 -25.17
C SER F 22 -18.57 -28.81 -26.26
N GLU F 23 -18.86 -28.41 -27.48
CA GLU F 23 -18.05 -28.73 -28.63
C GLU F 23 -16.76 -27.89 -28.62
N THR F 24 -16.93 -26.57 -28.42
CA THR F 24 -15.82 -25.63 -28.38
C THR F 24 -14.85 -25.92 -27.21
N LEU F 25 -15.35 -26.48 -26.12
CA LEU F 25 -14.51 -26.76 -24.94
C LEU F 25 -14.15 -28.24 -24.73
N LYS F 26 -14.72 -29.13 -25.55
CA LYS F 26 -14.51 -30.58 -25.41
C LYS F 26 -14.70 -31.03 -23.96
N SER F 27 -15.79 -30.57 -23.35
CA SER F 27 -16.05 -30.70 -21.91
C SER F 27 -17.54 -30.74 -21.62
N GLU F 28 -17.92 -31.50 -20.59
CA GLU F 28 -19.26 -31.35 -20.03
C GLU F 28 -19.24 -30.06 -19.20
N THR F 30 -21.23 -26.75 -17.06
CA THR F 30 -22.33 -26.34 -16.21
C THR F 30 -22.51 -24.81 -16.25
N PHE F 31 -23.76 -24.38 -16.27
CA PHE F 31 -24.08 -22.96 -16.29
C PHE F 31 -25.38 -22.70 -15.54
N ALA F 32 -25.57 -21.46 -15.10
CA ALA F 32 -26.77 -21.08 -14.39
C ALA F 32 -27.56 -20.09 -15.23
N VAL F 33 -28.89 -20.20 -15.16
CA VAL F 33 -29.77 -19.23 -15.81
C VAL F 33 -30.90 -18.88 -14.84
N TYR F 34 -31.09 -17.58 -14.61
CA TYR F 34 -32.22 -17.14 -13.83
C TYR F 34 -33.32 -16.62 -14.77
N VAL F 35 -34.51 -17.19 -14.66
CA VAL F 35 -35.64 -16.81 -15.51
C VAL F 35 -36.65 -16.02 -14.70
N PRO F 36 -36.79 -14.71 -14.98
CA PRO F 36 -37.74 -13.87 -14.26
C PRO F 36 -39.18 -14.30 -14.58
N PRO F 37 -40.13 -14.00 -13.67
CA PRO F 37 -41.54 -14.36 -13.89
C PRO F 37 -42.11 -13.91 -15.23
N LYS F 38 -41.70 -12.73 -15.72
CA LYS F 38 -42.15 -12.23 -17.03
C LYS F 38 -41.78 -13.17 -18.20
N ALA F 39 -40.55 -13.65 -18.20
CA ALA F 39 -40.05 -14.54 -19.26
C ALA F 39 -40.93 -15.77 -19.52
N ILE F 40 -41.79 -16.11 -18.57
CA ILE F 40 -42.77 -17.18 -18.74
C ILE F 40 -43.70 -16.88 -19.92
N HIS F 41 -44.06 -15.60 -20.07
CA HIS F 41 -45.06 -15.17 -21.03
C HIS F 41 -44.48 -14.49 -22.28
N GLU F 42 -43.29 -13.90 -22.13
CA GLU F 42 -42.67 -13.08 -23.17
C GLU F 42 -41.14 -13.18 -23.12
N PRO F 43 -40.47 -13.25 -24.28
CA PRO F 43 -39.00 -13.24 -24.30
C PRO F 43 -38.44 -11.97 -23.65
N CYS F 44 -37.41 -12.14 -22.83
CA CYS F 44 -36.82 -11.02 -22.07
C CYS F 44 -35.35 -10.82 -22.41
N PRO F 45 -34.83 -9.59 -22.20
CA PRO F 45 -33.42 -9.35 -22.45
C PRO F 45 -32.52 -10.23 -21.58
N VAL F 46 -31.32 -10.51 -22.07
CA VAL F 46 -30.35 -11.33 -21.35
C VAL F 46 -29.20 -10.46 -20.86
N VAL F 47 -28.82 -10.66 -19.60
CA VAL F 47 -27.57 -10.10 -19.10
C VAL F 47 -26.63 -11.29 -18.83
N TRP F 48 -25.44 -11.23 -19.42
CA TRP F 48 -24.42 -12.26 -19.25
C TRP F 48 -23.46 -11.83 -18.16
N TYR F 49 -23.36 -12.62 -17.08
CA TYR F 49 -22.43 -12.34 -15.99
C TYR F 49 -21.25 -13.30 -16.00
N LEU F 50 -20.07 -12.73 -16.24
CA LEU F 50 -18.82 -13.48 -16.32
C LEU F 50 -18.03 -13.39 -15.00
N SER F 51 -17.65 -14.56 -14.48
CA SER F 51 -17.05 -14.66 -13.15
C SER F 51 -15.51 -14.66 -13.17
N GLY F 52 -14.92 -14.34 -12.02
CA GLY F 52 -13.47 -14.21 -11.88
C GLY F 52 -12.76 -15.52 -11.59
N LEU F 53 -11.45 -15.45 -11.38
CA LEU F 53 -10.61 -16.63 -11.09
C LEU F 53 -11.15 -17.51 -9.97
N THR F 54 -11.05 -18.83 -10.18
CA THR F 54 -11.43 -19.88 -9.21
C THR F 54 -12.94 -20.09 -9.09
N CYS F 55 -13.73 -19.24 -9.76
CA CYS F 55 -15.19 -19.34 -9.68
C CYS F 55 -15.80 -20.33 -10.66
N THR F 56 -17.01 -20.77 -10.33
CA THR F 56 -17.87 -21.47 -11.26
C THR F 56 -19.08 -20.56 -11.39
N HIS F 57 -20.20 -21.08 -11.88
CA HIS F 57 -21.46 -20.33 -11.89
C HIS F 57 -21.94 -20.06 -10.45
N ALA F 58 -21.48 -20.89 -9.51
CA ALA F 58 -22.07 -20.93 -8.17
C ALA F 58 -21.81 -19.71 -7.29
N ASN F 59 -20.62 -19.13 -7.37
CA ASN F 59 -20.27 -18.00 -6.49
C ASN F 59 -21.26 -16.84 -6.62
N VAL F 60 -21.44 -16.33 -7.83
CA VAL F 60 -22.44 -15.27 -8.09
C VAL F 60 -23.90 -15.74 -7.87
N GLU F 62 -25.04 -17.84 -5.74
CA GLU F 62 -25.30 -17.88 -4.31
C GLU F 62 -25.17 -16.53 -3.61
N LYS F 63 -24.21 -15.72 -4.07
CA LYS F 63 -23.79 -14.52 -3.33
C LYS F 63 -23.94 -13.20 -4.06
N GLY F 64 -24.24 -13.27 -5.36
CA GLY F 64 -24.31 -12.06 -6.20
C GLY F 64 -25.48 -11.14 -5.87
N GLU F 65 -26.57 -11.70 -5.37
CA GLU F 65 -27.78 -10.97 -4.96
C GLU F 65 -28.41 -10.22 -6.15
N TYR F 66 -28.49 -10.94 -7.28
CA TYR F 66 -29.02 -10.39 -8.51
C TYR F 66 -30.51 -10.70 -8.74
N ARG F 67 -31.06 -11.69 -8.03
CA ARG F 67 -32.40 -12.19 -8.38
C ARG F 67 -33.56 -11.26 -8.08
N ARG F 68 -33.52 -10.55 -6.95
CA ARG F 68 -34.59 -9.61 -6.61
C ARG F 68 -34.82 -8.57 -7.70
N ALA F 70 -33.35 -8.52 -10.82
CA ALA F 70 -33.56 -9.21 -12.09
C ALA F 70 -35.02 -9.63 -12.27
N SER F 71 -35.63 -10.12 -11.19
CA SER F 71 -37.06 -10.46 -11.20
C SER F 71 -37.91 -9.21 -11.53
N GLU F 72 -37.62 -8.12 -10.83
CA GLU F 72 -38.35 -6.85 -10.98
C GLU F 72 -38.19 -6.28 -12.39
N LEU F 73 -36.97 -6.24 -12.90
CA LEU F 73 -36.69 -5.65 -14.21
C LEU F 73 -36.96 -6.59 -15.40
N GLY F 74 -37.29 -7.85 -15.11
CA GLY F 74 -37.53 -8.83 -16.18
C GLY F 74 -36.28 -9.14 -16.99
N LEU F 75 -35.19 -9.46 -16.28
CA LEU F 75 -33.93 -9.81 -16.95
C LEU F 75 -33.58 -11.26 -16.73
N VAL F 76 -33.29 -11.96 -17.84
CA VAL F 76 -32.72 -13.31 -17.79
C VAL F 76 -31.24 -13.18 -17.45
N VAL F 77 -30.80 -13.89 -16.41
CA VAL F 77 -29.40 -13.77 -15.96
C VAL F 77 -28.63 -15.06 -16.17
N VAL F 78 -27.69 -15.02 -17.11
CA VAL F 78 -26.89 -16.20 -17.47
C VAL F 78 -25.49 -16.12 -16.86
N CYS F 79 -25.13 -17.15 -16.10
CA CYS F 79 -23.82 -17.21 -15.47
C CYS F 79 -23.08 -18.48 -15.87
N PRO F 80 -22.13 -18.38 -16.83
CA PRO F 80 -21.27 -19.50 -17.24
C PRO F 80 -20.15 -19.84 -16.25
N ASP F 81 -19.47 -20.95 -16.51
CA ASP F 81 -18.27 -21.28 -15.78
C ASP F 81 -17.13 -20.40 -16.33
N THR F 82 -15.92 -20.66 -15.85
CA THR F 82 -14.76 -19.82 -16.13
C THR F 82 -13.66 -20.53 -16.90
N SER F 83 -13.85 -21.83 -17.14
CA SER F 83 -12.87 -22.64 -17.85
C SER F 83 -13.51 -23.95 -18.29
N PRO F 84 -12.86 -24.66 -19.23
CA PRO F 84 -13.24 -26.04 -19.47
C PRO F 84 -13.10 -26.85 -18.19
N ARG F 85 -13.78 -28.00 -18.11
CA ARG F 85 -13.74 -28.87 -16.92
C ARG F 85 -13.67 -30.34 -17.35
N GLY F 86 -13.15 -31.20 -16.47
CA GLY F 86 -13.04 -32.64 -16.71
C GLY F 86 -11.65 -33.19 -16.48
N ASN F 87 -11.54 -34.52 -16.36
CA ASN F 87 -10.25 -35.22 -16.17
C ASN F 87 -9.24 -34.96 -17.30
N ASP F 88 -9.74 -34.90 -18.52
CA ASP F 88 -8.92 -34.72 -19.72
C ASP F 88 -8.35 -33.30 -19.89
N VAL F 89 -8.97 -32.33 -19.21
CA VAL F 89 -8.53 -30.93 -19.31
C VAL F 89 -7.27 -30.66 -18.49
N PRO F 90 -6.20 -30.14 -19.14
CA PRO F 90 -4.97 -29.78 -18.44
C PRO F 90 -5.15 -28.63 -17.44
N ASP F 91 -4.24 -28.59 -16.47
CA ASP F 91 -4.32 -27.66 -15.36
C ASP F 91 -2.97 -27.44 -14.70
N GLU F 92 -2.85 -26.34 -13.96
CA GLU F 92 -1.76 -26.16 -13.01
C GLU F 92 -2.40 -26.31 -11.63
N LEU F 93 -2.36 -27.53 -11.09
CA LEU F 93 -3.06 -27.88 -9.84
C LEU F 93 -2.92 -26.85 -8.73
N THR F 94 -1.69 -26.42 -8.49
CA THR F 94 -1.36 -25.59 -7.34
C THR F 94 -1.31 -24.10 -7.66
N ASN F 95 -1.66 -23.74 -8.89
CA ASN F 95 -1.72 -22.34 -9.32
C ASN F 95 -3.16 -21.89 -9.65
N TRP F 96 -3.76 -21.11 -8.75
CA TRP F 96 -5.16 -20.70 -8.94
C TRP F 96 -5.35 -19.61 -10.00
N GLN F 97 -4.25 -19.13 -10.55
CA GLN F 97 -4.31 -18.11 -11.60
C GLN F 97 -4.09 -18.69 -13.01
N GLY F 99 -5.02 -22.35 -15.67
CA GLY F 99 -5.75 -23.58 -15.91
C GLY F 99 -7.21 -23.53 -15.49
N LYS F 100 -7.61 -24.51 -14.70
CA LYS F 100 -9.01 -24.62 -14.30
C LYS F 100 -9.44 -23.44 -13.43
N GLY F 101 -10.63 -22.91 -13.71
CA GLY F 101 -11.10 -21.70 -13.06
C GLY F 101 -10.35 -20.46 -13.51
N ALA F 102 -9.63 -20.56 -14.63
CA ALA F 102 -8.79 -19.47 -15.11
C ALA F 102 -8.62 -19.43 -16.65
N GLY F 103 -9.73 -19.53 -17.37
CA GLY F 103 -9.69 -19.56 -18.83
C GLY F 103 -9.41 -18.22 -19.51
N PHE F 104 -9.56 -17.14 -18.74
CA PHE F 104 -9.37 -15.74 -19.21
C PHE F 104 -10.19 -15.25 -20.42
N TYR F 105 -11.28 -15.96 -20.73
CA TYR F 105 -12.24 -15.54 -21.78
C TYR F 105 -11.54 -15.25 -23.11
N LEU F 106 -10.59 -16.12 -23.41
CA LEU F 106 -9.82 -16.09 -24.64
C LEU F 106 -9.89 -17.44 -25.34
N ASP F 107 -9.42 -17.46 -26.60
CA ASP F 107 -9.26 -18.70 -27.35
C ASP F 107 -7.78 -19.08 -27.42
N ALA F 108 -7.40 -20.14 -26.70
CA ALA F 108 -6.00 -20.59 -26.63
C ALA F 108 -5.48 -21.20 -27.94
N THR F 109 -4.22 -20.91 -28.24
CA THR F 109 -3.58 -21.31 -29.49
C THR F 109 -2.37 -22.20 -29.22
N GLU F 110 -1.94 -22.25 -27.96
CA GLU F 110 -0.74 -23.01 -27.57
C GLU F 110 -1.08 -24.31 -26.88
N GLU F 111 -0.32 -25.36 -27.22
CA GLU F 111 -0.46 -26.67 -26.60
C GLU F 111 0.03 -26.61 -25.16
N PRO F 112 -0.57 -27.41 -24.25
CA PRO F 112 -1.73 -28.30 -24.47
C PRO F 112 -3.08 -27.59 -24.24
N TRP F 113 -3.06 -26.28 -24.09
CA TRP F 113 -4.26 -25.51 -23.74
C TRP F 113 -5.25 -25.34 -24.88
N SER F 114 -4.74 -25.31 -26.11
CA SER F 114 -5.55 -25.12 -27.31
C SER F 114 -6.68 -26.13 -27.48
N GLU F 115 -6.51 -27.34 -26.95
CA GLU F 115 -7.53 -28.38 -27.07
C GLU F 115 -8.88 -28.02 -26.42
N HIS F 116 -8.83 -27.42 -25.23
CA HIS F 116 -10.06 -27.14 -24.45
C HIS F 116 -10.34 -25.66 -24.17
N TYR F 117 -9.29 -24.85 -24.10
CA TYR F 117 -9.44 -23.48 -23.60
C TYR F 117 -9.88 -22.51 -24.70
N GLN F 118 -11.15 -22.64 -25.09
CA GLN F 118 -11.75 -21.80 -26.13
C GLN F 118 -12.91 -20.98 -25.54
N TYR F 120 -13.53 -17.81 -25.18
CA TYR F 120 -14.07 -16.71 -25.98
C TYR F 120 -15.13 -17.23 -26.96
N SER F 121 -14.82 -18.35 -27.60
CA SER F 121 -15.74 -18.96 -28.54
C SER F 121 -16.95 -19.54 -27.80
N TYR F 122 -16.71 -20.17 -26.65
CA TYR F 122 -17.78 -20.70 -25.82
C TYR F 122 -18.80 -19.65 -25.38
N VAL F 123 -18.32 -18.51 -24.91
CA VAL F 123 -19.16 -17.45 -24.35
C VAL F 123 -19.85 -16.62 -25.44
N THR F 124 -19.17 -16.39 -26.58
CA THR F 124 -19.74 -15.58 -27.66
C THR F 124 -20.45 -16.36 -28.77
N GLU F 125 -20.18 -17.66 -28.88
CA GLU F 125 -20.79 -18.46 -29.94
C GLU F 125 -21.67 -19.60 -29.44
N GLU F 126 -21.06 -20.60 -28.81
CA GLU F 126 -21.73 -21.84 -28.46
C GLU F 126 -22.83 -21.70 -27.40
N LEU F 127 -22.53 -21.01 -26.31
CA LEU F 127 -23.50 -20.88 -25.22
C LEU F 127 -24.68 -19.96 -25.57
N PRO F 128 -24.42 -18.79 -26.21
CA PRO F 128 -25.54 -17.99 -26.70
C PRO F 128 -26.52 -18.76 -27.58
N ALA F 129 -25.99 -19.57 -28.51
CA ALA F 129 -26.84 -20.41 -29.37
C ALA F 129 -27.77 -21.29 -28.53
N LEU F 130 -27.19 -22.01 -27.58
CA LEU F 130 -27.93 -22.92 -26.69
C LEU F 130 -28.99 -22.18 -25.87
N ILE F 131 -28.62 -21.01 -25.35
CA ILE F 131 -29.53 -20.16 -24.58
C ILE F 131 -30.77 -19.73 -25.38
N GLY F 132 -30.56 -19.15 -26.56
CA GLY F 132 -31.67 -18.67 -27.40
C GLY F 132 -32.57 -19.78 -27.87
N GLN F 133 -32.01 -20.99 -27.90
CA GLN F 133 -32.67 -22.20 -28.35
C GLN F 133 -33.58 -22.82 -27.28
N HIS F 134 -33.15 -22.75 -26.02
CA HIS F 134 -33.87 -23.42 -24.94
C HIS F 134 -34.60 -22.50 -23.95
N PHE F 135 -34.25 -21.21 -23.93
CA PHE F 135 -34.87 -20.26 -23.00
C PHE F 135 -35.67 -19.19 -23.75
N ARG F 136 -36.68 -18.63 -23.08
CA ARG F 136 -37.47 -17.52 -23.63
C ARG F 136 -36.66 -16.24 -23.46
N ALA F 137 -35.60 -16.15 -24.26
CA ALA F 137 -34.61 -15.09 -24.16
C ALA F 137 -34.59 -14.26 -25.43
N ASP F 138 -34.80 -12.96 -25.29
CA ASP F 138 -34.75 -12.04 -26.42
C ASP F 138 -33.30 -11.78 -26.82
N SER F 140 -32.09 -10.39 -29.30
CA SER F 140 -31.85 -9.08 -29.90
C SER F 140 -31.52 -8.03 -28.83
N ARG F 141 -31.70 -8.42 -27.57
CA ARG F 141 -31.40 -7.52 -26.44
C ARG F 141 -30.53 -8.26 -25.43
N GLN F 142 -29.21 -8.09 -25.56
CA GLN F 142 -28.22 -8.75 -24.73
C GLN F 142 -27.22 -7.74 -24.20
N SER F 143 -26.92 -7.82 -22.91
CA SER F 143 -25.86 -7.03 -22.31
C SER F 143 -24.88 -7.94 -21.57
N ILE F 144 -23.71 -7.41 -21.24
CA ILE F 144 -22.66 -8.22 -20.64
C ILE F 144 -21.93 -7.50 -19.51
N PHE F 145 -21.72 -8.23 -18.41
CA PHE F 145 -20.97 -7.68 -17.28
C PHE F 145 -20.20 -8.78 -16.55
N GLY F 146 -19.44 -8.41 -15.54
CA GLY F 146 -18.69 -9.40 -14.80
C GLY F 146 -17.74 -8.86 -13.76
N HIS F 147 -17.05 -9.79 -13.10
CA HIS F 147 -16.14 -9.51 -12.01
C HIS F 147 -14.70 -9.89 -12.35
N SER F 148 -13.79 -8.93 -12.22
CA SER F 148 -12.33 -9.16 -12.30
C SER F 148 -11.84 -9.74 -13.64
N GLY F 150 -13.65 -11.81 -15.19
CA GLY F 150 -14.95 -11.68 -15.87
C GLY F 150 -15.23 -10.27 -16.33
N GLY F 151 -14.67 -9.28 -15.62
CA GLY F 151 -14.72 -7.88 -16.04
C GLY F 151 -13.90 -7.70 -17.30
N HIS F 152 -12.72 -8.32 -17.30
CA HIS F 152 -11.85 -8.42 -18.47
C HIS F 152 -12.59 -9.08 -19.63
N GLY F 153 -13.22 -10.23 -19.38
CA GLY F 153 -13.99 -10.93 -20.40
C GLY F 153 -15.16 -10.11 -20.92
N ALA F 154 -15.94 -9.53 -20.00
CA ALA F 154 -17.09 -8.70 -20.39
C ALA F 154 -16.70 -7.54 -21.32
N THR F 156 -13.73 -6.89 -23.07
CA THR F 156 -13.09 -7.29 -24.33
C THR F 156 -14.14 -7.82 -25.31
N ILE F 157 -15.04 -8.65 -24.81
CA ILE F 157 -16.16 -9.19 -25.60
C ILE F 157 -17.08 -8.08 -26.12
N ALA F 158 -17.35 -7.08 -25.28
CA ALA F 158 -18.22 -5.96 -25.69
C ALA F 158 -17.56 -5.10 -26.78
N LEU F 159 -16.26 -4.85 -26.63
CA LEU F 159 -15.49 -4.04 -27.59
C LEU F 159 -15.24 -4.74 -28.92
N LYS F 160 -15.13 -6.07 -28.86
CA LYS F 160 -14.97 -6.88 -30.07
C LYS F 160 -16.30 -7.15 -30.76
N ASN F 161 -17.40 -7.03 -30.02
CA ASN F 161 -18.74 -7.28 -30.56
C ASN F 161 -19.75 -6.17 -30.20
N PRO F 162 -19.47 -4.93 -30.64
CA PRO F 162 -20.29 -3.78 -30.19
C PRO F 162 -21.75 -3.76 -30.66
N GLU F 163 -22.06 -4.49 -31.73
CA GLU F 163 -23.44 -4.55 -32.21
C GLU F 163 -24.30 -5.65 -31.56
N ARG F 164 -23.64 -6.58 -30.89
CA ARG F 164 -24.34 -7.65 -30.16
C ARG F 164 -24.88 -7.18 -28.81
N PHE F 165 -24.16 -6.26 -28.18
CA PHE F 165 -24.41 -5.89 -26.79
C PHE F 165 -24.83 -4.44 -26.59
N LYS F 166 -26.00 -4.27 -25.96
CA LYS F 166 -26.57 -2.96 -25.70
C LYS F 166 -25.81 -2.17 -24.64
N SER F 167 -25.19 -2.87 -23.70
CA SER F 167 -24.48 -2.24 -22.59
C SER F 167 -23.45 -3.18 -21.96
N CYS F 168 -22.52 -2.60 -21.21
CA CYS F 168 -21.42 -3.32 -20.57
C CYS F 168 -20.98 -2.63 -19.28
N SER F 169 -20.80 -3.43 -18.22
CA SER F 169 -20.29 -2.94 -16.94
C SER F 169 -19.36 -3.97 -16.33
N ALA F 170 -18.71 -3.59 -15.23
CA ALA F 170 -17.79 -4.48 -14.54
C ALA F 170 -17.57 -4.16 -13.07
N PHE F 171 -17.32 -5.20 -12.29
CA PHE F 171 -16.93 -5.09 -10.89
C PHE F 171 -15.45 -5.43 -10.83
N ALA F 172 -14.62 -4.44 -10.49
CA ALA F 172 -13.17 -4.62 -10.34
C ALA F 172 -12.49 -5.31 -11.54
N PRO F 173 -12.69 -4.79 -12.77
CA PRO F 173 -12.15 -5.45 -13.96
C PRO F 173 -10.63 -5.38 -14.09
N ILE F 174 -10.03 -6.44 -14.61
CA ILE F 174 -8.65 -6.39 -15.10
C ILE F 174 -8.70 -5.69 -16.46
N VAL F 175 -8.47 -4.38 -16.46
CA VAL F 175 -8.61 -3.60 -17.71
C VAL F 175 -7.41 -3.73 -18.68
N ALA F 176 -6.25 -4.07 -18.15
CA ALA F 176 -5.02 -4.24 -18.92
C ALA F 176 -4.28 -5.52 -18.51
N PRO F 177 -4.80 -6.70 -18.93
CA PRO F 177 -4.23 -7.98 -18.49
C PRO F 177 -2.80 -8.25 -19.00
N SER F 178 -2.42 -7.61 -20.11
CA SER F 178 -1.09 -7.77 -20.71
C SER F 178 0.07 -7.39 -19.77
N SER F 179 -0.19 -6.50 -18.82
CA SER F 179 0.82 -6.03 -17.86
C SER F 179 0.53 -6.43 -16.40
N ALA F 180 -0.64 -7.01 -16.16
CA ALA F 180 -1.08 -7.37 -14.80
C ALA F 180 -0.47 -8.70 -14.35
N ASP F 181 -0.03 -8.72 -13.09
CA ASP F 181 0.74 -9.82 -12.53
C ASP F 181 0.07 -11.20 -12.54
N TRP F 182 -1.23 -11.24 -12.29
CA TRP F 182 -1.94 -12.50 -12.23
C TRP F 182 -2.44 -13.02 -13.58
N SER F 183 -2.33 -12.18 -14.60
CA SER F 183 -2.85 -12.47 -15.94
C SER F 183 -1.78 -12.58 -17.02
N GLU F 184 -0.75 -11.74 -16.92
CA GLU F 184 0.37 -11.74 -17.87
C GLU F 184 0.95 -13.15 -18.14
N PRO F 185 1.30 -13.90 -17.08
CA PRO F 185 1.81 -15.25 -17.34
C PRO F 185 0.79 -16.16 -18.02
N ALA F 186 -0.50 -15.95 -17.74
CA ALA F 186 -1.57 -16.69 -18.40
C ALA F 186 -1.65 -16.38 -19.90
N LEU F 187 -1.64 -15.09 -20.25
CA LEU F 187 -1.63 -14.67 -21.65
C LEU F 187 -0.47 -15.27 -22.43
N GLU F 188 0.69 -15.41 -21.79
CA GLU F 188 1.86 -16.00 -22.45
C GLU F 188 1.69 -17.50 -22.67
N LYS F 189 1.21 -18.22 -21.66
CA LYS F 189 0.98 -19.65 -21.77
C LYS F 189 -0.14 -20.00 -22.76
N TYR F 190 -1.23 -19.24 -22.70
CA TYR F 190 -2.37 -19.43 -23.62
C TYR F 190 -2.09 -19.00 -25.06
N LEU F 191 -1.52 -17.80 -25.22
CA LEU F 191 -1.40 -17.15 -26.53
C LEU F 191 -0.01 -17.09 -27.17
N GLY F 192 1.01 -17.60 -26.47
CA GLY F 192 2.38 -17.58 -26.97
C GLY F 192 3.14 -16.34 -26.54
N ALA F 193 4.47 -16.42 -26.60
CA ALA F 193 5.35 -15.31 -26.18
C ALA F 193 5.24 -14.06 -27.06
N ASP F 194 4.51 -14.17 -28.17
CA ASP F 194 4.32 -13.06 -29.10
C ASP F 194 3.20 -12.13 -28.64
N ARG F 195 3.58 -10.98 -28.07
CA ARG F 195 2.65 -10.07 -27.41
C ARG F 195 1.67 -9.34 -28.34
N ALA F 196 1.89 -9.45 -29.65
CA ALA F 196 0.96 -8.90 -30.63
C ALA F 196 -0.37 -9.69 -30.66
N ALA F 197 -0.31 -10.97 -30.30
CA ALA F 197 -1.48 -11.84 -30.22
C ALA F 197 -2.39 -11.49 -29.04
N TRP F 198 -1.80 -10.85 -28.03
CA TRP F 198 -2.49 -10.49 -26.78
C TRP F 198 -3.43 -9.30 -26.91
N ARG F 199 -3.21 -8.49 -27.94
CA ARG F 199 -3.92 -7.22 -28.08
C ARG F 199 -5.41 -7.37 -28.28
N ARG F 200 -5.82 -8.54 -28.79
CA ARG F 200 -7.23 -8.84 -28.99
C ARG F 200 -7.91 -9.23 -27.67
N TYR F 201 -7.09 -9.51 -26.65
CA TYR F 201 -7.59 -9.94 -25.34
C TYR F 201 -7.15 -9.01 -24.21
N ASP F 202 -7.27 -7.70 -24.45
CA ASP F 202 -6.87 -6.66 -23.51
C ASP F 202 -7.75 -5.44 -23.80
N ALA F 203 -8.57 -5.04 -22.82
CA ALA F 203 -9.52 -3.94 -23.04
C ALA F 203 -8.83 -2.65 -23.53
N CYS F 204 -7.70 -2.32 -22.90
CA CYS F 204 -6.95 -1.11 -23.24
C CYS F 204 -6.40 -1.16 -24.67
N SER F 205 -5.70 -2.25 -24.99
CA SER F 205 -5.16 -2.51 -26.33
C SER F 205 -6.20 -2.41 -27.44
N LEU F 206 -7.41 -2.91 -27.17
CA LEU F 206 -8.51 -2.89 -28.14
C LEU F 206 -8.98 -1.47 -28.43
N VAL F 207 -9.09 -0.64 -27.39
CA VAL F 207 -9.52 0.75 -27.54
C VAL F 207 -8.48 1.53 -28.35
N GLU F 208 -7.22 1.37 -27.97
CA GLU F 208 -6.10 1.96 -28.70
C GLU F 208 -6.23 1.69 -30.20
N ASP F 209 -6.44 0.41 -30.53
CA ASP F 209 -6.56 -0.05 -31.92
C ASP F 209 -7.89 0.31 -32.59
N GLY F 210 -8.69 1.13 -31.92
CA GLY F 210 -9.90 1.66 -32.55
C GLY F 210 -11.22 1.05 -32.13
N ALA F 211 -11.18 -0.06 -31.40
CA ALA F 211 -12.40 -0.70 -30.90
C ALA F 211 -13.22 0.29 -30.09
N ARG F 212 -14.50 0.38 -30.40
CA ARG F 212 -15.38 1.31 -29.73
C ARG F 212 -16.59 0.61 -29.10
N PHE F 213 -17.02 1.13 -27.96
CA PHE F 213 -18.25 0.73 -27.33
C PHE F 213 -18.86 2.01 -26.75
N PRO F 214 -20.19 2.17 -26.81
CA PRO F 214 -20.85 3.38 -26.32
C PRO F 214 -20.32 3.88 -24.97
N GLU F 215 -20.70 3.21 -23.88
CA GLU F 215 -20.24 3.57 -22.54
C GLU F 215 -19.98 2.34 -21.68
N PHE F 216 -19.20 2.51 -20.60
CA PHE F 216 -18.95 1.47 -19.59
C PHE F 216 -19.24 1.98 -18.19
N LEU F 217 -19.96 1.19 -17.39
CA LEU F 217 -20.06 1.42 -15.96
C LEU F 217 -19.01 0.57 -15.23
N ILE F 218 -18.09 1.23 -14.56
CA ILE F 218 -17.11 0.48 -13.77
C ILE F 218 -17.19 0.88 -12.30
N ASP F 219 -17.31 -0.13 -11.44
CA ASP F 219 -17.26 0.03 -9.98
C ASP F 219 -16.00 -0.64 -9.43
N GLN F 220 -15.27 0.10 -8.58
CA GLN F 220 -14.04 -0.39 -7.99
C GLN F 220 -13.95 -0.04 -6.51
N GLY F 221 -13.60 -1.01 -5.68
CA GLY F 221 -13.35 -0.76 -4.26
C GLY F 221 -11.93 -0.30 -4.00
N LYS F 222 -11.77 0.73 -3.15
CA LYS F 222 -10.44 1.28 -2.85
C LYS F 222 -9.57 0.38 -1.99
N ALA F 223 -10.19 -0.48 -1.18
CA ALA F 223 -9.46 -1.39 -0.29
C ALA F 223 -9.20 -2.76 -0.94
N ASP F 224 -9.52 -2.86 -2.23
CA ASP F 224 -9.28 -4.04 -3.03
C ASP F 224 -7.78 -4.34 -3.04
N SER F 225 -7.39 -5.49 -2.48
CA SER F 225 -5.96 -5.81 -2.37
C SER F 225 -5.28 -6.01 -3.72
N PHE F 226 -6.07 -6.20 -4.78
CA PHE F 226 -5.53 -6.46 -6.13
C PHE F 226 -5.43 -5.21 -7.00
N LEU F 227 -5.94 -4.09 -6.48
CA LEU F 227 -6.06 -2.83 -7.22
C LEU F 227 -4.79 -2.36 -7.91
N GLU F 228 -3.70 -2.25 -7.14
CA GLU F 228 -2.46 -1.63 -7.63
C GLU F 228 -1.74 -2.41 -8.73
N LYS F 229 -1.57 -3.72 -8.53
CA LYS F 229 -0.83 -4.56 -9.47
C LYS F 229 -1.68 -5.46 -10.40
N GLY F 230 -2.98 -5.58 -10.11
CA GLY F 230 -3.84 -6.45 -10.91
C GLY F 230 -4.90 -5.75 -11.75
N LEU F 231 -5.46 -4.66 -11.23
CA LEU F 231 -6.67 -4.04 -11.80
C LEU F 231 -6.41 -2.74 -12.56
N ARG F 232 -6.03 -1.68 -11.83
CA ARG F 232 -5.59 -0.40 -12.42
C ARG F 232 -6.55 0.21 -13.44
N PRO F 233 -7.79 0.56 -13.02
CA PRO F 233 -8.83 1.04 -13.95
C PRO F 233 -8.53 2.36 -14.64
N TRP F 234 -7.63 3.16 -14.05
CA TRP F 234 -7.19 4.43 -14.61
C TRP F 234 -6.48 4.25 -15.97
N LEU F 235 -5.85 3.08 -16.15
CA LEU F 235 -5.23 2.70 -17.42
C LEU F 235 -6.26 2.64 -18.54
N PHE F 236 -7.52 2.38 -18.18
CA PHE F 236 -8.61 2.42 -19.14
C PHE F 236 -9.13 3.84 -19.33
N GLU F 237 -9.06 4.65 -18.26
CA GLU F 237 -9.41 6.07 -18.33
C GLU F 237 -8.53 6.81 -19.35
N GLU F 238 -7.26 6.39 -19.40
CA GLU F 238 -6.29 6.91 -20.36
C GLU F 238 -6.67 6.52 -21.78
N ALA F 239 -6.79 5.20 -22.02
CA ALA F 239 -7.10 4.63 -23.33
C ALA F 239 -8.26 5.32 -24.05
N ILE F 240 -9.35 5.59 -23.34
CA ILE F 240 -10.54 6.17 -23.97
C ILE F 240 -10.47 7.67 -24.24
N LYS F 241 -9.40 8.33 -23.79
CA LYS F 241 -9.21 9.76 -24.02
C LYS F 241 -9.05 10.08 -25.51
N GLY F 242 -9.91 10.96 -26.01
CA GLY F 242 -9.91 11.34 -27.43
C GLY F 242 -10.98 10.58 -28.22
N THR F 243 -11.56 9.57 -27.59
CA THR F 243 -12.57 8.73 -28.23
C THR F 243 -13.96 9.17 -27.79
N ASP F 244 -14.99 8.59 -28.39
CA ASP F 244 -16.38 8.84 -27.98
C ASP F 244 -16.88 7.83 -26.94
N ILE F 245 -15.95 7.16 -26.27
CA ILE F 245 -16.31 6.11 -25.29
C ILE F 245 -16.66 6.70 -23.93
N GLY F 246 -17.91 6.54 -23.51
CA GLY F 246 -18.36 6.98 -22.20
C GLY F 246 -17.81 6.11 -21.08
N LEU F 247 -17.47 6.73 -19.95
CA LEU F 247 -17.00 5.97 -18.79
C LEU F 247 -17.50 6.56 -17.48
N THR F 248 -18.20 5.74 -16.70
CA THR F 248 -18.57 6.08 -15.34
C THR F 248 -17.76 5.13 -14.45
N LEU F 249 -16.61 5.61 -14.00
CA LEU F 249 -15.76 4.88 -13.08
C LEU F 249 -16.03 5.37 -11.66
N ARG F 250 -16.45 4.45 -10.80
CA ARG F 250 -16.70 4.80 -9.40
C ARG F 250 -15.73 4.10 -8.46
N HIS F 252 -14.77 3.35 -4.61
CA HIS F 252 -15.51 3.30 -3.36
C HIS F 252 -14.61 3.05 -2.16
N ASP F 253 -14.68 3.96 -1.19
CA ASP F 253 -13.93 3.81 0.05
C ASP F 253 -14.35 2.55 0.80
N ARG F 254 -13.36 1.87 1.37
CA ARG F 254 -13.55 0.73 2.27
C ARG F 254 -13.93 -0.60 1.59
N TYR F 255 -14.49 -0.51 0.40
CA TYR F 255 -14.89 -1.71 -0.35
C TYR F 255 -13.70 -2.49 -0.89
N ASP F 256 -13.85 -3.81 -0.88
CA ASP F 256 -12.79 -4.72 -1.29
C ASP F 256 -13.16 -5.45 -2.60
N HIS F 257 -12.56 -6.62 -2.81
CA HIS F 257 -12.69 -7.37 -4.05
C HIS F 257 -13.85 -8.38 -4.05
N SER F 258 -14.38 -8.66 -2.86
CA SER F 258 -15.32 -9.77 -2.63
C SER F 258 -16.76 -9.58 -3.13
N TYR F 259 -17.55 -10.65 -2.98
CA TYR F 259 -18.99 -10.59 -3.25
C TYR F 259 -19.78 -9.67 -2.31
N TYR F 260 -19.17 -9.27 -1.20
CA TYR F 260 -19.77 -8.28 -0.31
C TYR F 260 -19.84 -6.92 -0.99
N PHE F 261 -18.82 -6.61 -1.78
CA PHE F 261 -18.76 -5.42 -2.63
C PHE F 261 -19.63 -5.57 -3.85
N ILE F 262 -19.51 -6.71 -4.53
CA ILE F 262 -20.30 -6.96 -5.75
C ILE F 262 -21.80 -6.85 -5.48
N SER F 263 -22.27 -7.57 -4.46
CA SER F 263 -23.68 -7.57 -4.08
C SER F 263 -24.20 -6.17 -3.76
N THR F 264 -23.37 -5.36 -3.09
CA THR F 264 -23.74 -4.00 -2.73
C THR F 264 -24.14 -3.19 -3.98
N PHE F 265 -23.34 -3.28 -5.03
CA PHE F 265 -23.57 -2.49 -6.25
C PHE F 265 -24.20 -3.26 -7.40
N ASP F 267 -27.49 -4.07 -7.79
CA ASP F 267 -28.71 -3.38 -8.25
C ASP F 267 -28.42 -2.29 -9.27
N ASP F 268 -27.41 -1.46 -8.99
CA ASP F 268 -27.00 -0.40 -9.91
C ASP F 268 -26.64 -0.93 -11.29
N HIS F 269 -25.96 -2.07 -11.33
CA HIS F 269 -25.53 -2.64 -12.59
C HIS F 269 -26.71 -3.21 -13.39
N LEU F 270 -27.61 -3.92 -12.71
CA LEU F 270 -28.80 -4.45 -13.36
C LEU F 270 -29.69 -3.31 -13.93
N LYS F 271 -29.78 -2.20 -13.20
CA LYS F 271 -30.56 -1.03 -13.64
C LYS F 271 -29.90 -0.36 -14.83
N TRP F 272 -28.57 -0.28 -14.80
CA TRP F 272 -27.78 0.25 -15.90
C TRP F 272 -28.11 -0.50 -17.19
N HIS F 273 -28.06 -1.83 -17.12
CA HIS F 273 -28.33 -2.65 -18.29
C HIS F 273 -29.79 -2.59 -18.72
N ALA F 274 -30.72 -2.72 -17.78
CA ALA F 274 -32.17 -2.74 -18.08
C ALA F 274 -32.61 -1.51 -18.87
N GLU F 275 -32.02 -0.37 -18.54
CA GLU F 275 -32.35 0.90 -19.15
C GLU F 275 -31.79 1.01 -20.57
N ARG F 276 -30.65 0.36 -20.81
CA ARG F 276 -29.98 0.43 -22.12
C ARG F 276 -30.31 -0.74 -23.05
N LEU F 277 -31.02 -1.73 -22.50
CA LEU F 277 -31.51 -2.88 -23.26
C LEU F 277 -32.87 -2.59 -23.88
N GLY F 278 -33.66 -1.77 -23.20
CA GLY F 278 -35.03 -1.43 -23.62
C GLY F 278 -35.85 -2.65 -23.96
#